data_4M18
#
_entry.id   4M18
#
_cell.length_a   107.833
_cell.length_b   159.454
_cell.length_c   159.894
_cell.angle_alpha   90.000
_cell.angle_beta   90.000
_cell.angle_gamma   90.000
#
_symmetry.space_group_name_H-M   'P 21 21 21'
#
loop_
_entity.id
_entity.type
_entity.pdbx_description
1 polymer 'Pulmonary surfactant-associated protein D'
2 branched alpha-D-mannopyranose-(1-2)-alpha-D-mannopyranose-(1-2)-alpha-D-mannopyranose
3 branched alpha-D-mannopyranose-(1-2)-alpha-D-mannopyranose
4 non-polymer 'CALCIUM ION'
5 water water
#
_entity_poly.entity_id   1
_entity_poly.type   'polypeptide(L)'
_entity_poly.pdbx_seq_one_letter_code
;QQVEALQGQVQHLQAAFSQYKKVELFPNGQSVGEKIFKTAGFVKPFTEAQLLCTQAGGQLASPRSAAENAALQQLVVAKN
EAAFLSMTDSKTEGKFTYPTGESLVYSNWAPGEPNDAGGSEDCVEIFTNGKWNDVACGEKRLVVCEF
;
_entity_poly.pdbx_strand_id   A,B,C,D,E,F,G,H,I,J,K,L
#
loop_
_chem_comp.id
_chem_comp.type
_chem_comp.name
_chem_comp.formula
CA non-polymer 'CALCIUM ION' 'Ca 2'
MAN D-saccharide, alpha linking alpha-D-mannopyranose 'C6 H12 O6'
#
# COMPACT_ATOMS: atom_id res chain seq x y z
N LEU A 6 32.89 -21.80 34.71
CA LEU A 6 32.65 -20.39 35.03
C LEU A 6 32.07 -19.62 33.86
N GLN A 7 32.58 -19.88 32.66
CA GLN A 7 32.12 -19.19 31.46
C GLN A 7 30.62 -19.35 31.23
N GLY A 8 30.08 -20.51 31.62
CA GLY A 8 28.65 -20.75 31.57
C GLY A 8 27.91 -19.93 32.61
N GLN A 9 28.57 -19.73 33.75
CA GLN A 9 28.01 -18.94 34.85
C GLN A 9 27.93 -17.45 34.53
N VAL A 10 28.92 -16.93 33.79
CA VAL A 10 28.90 -15.51 33.42
C VAL A 10 27.90 -15.21 32.30
N GLN A 11 27.73 -16.13 31.37
CA GLN A 11 26.77 -15.96 30.29
C GLN A 11 25.34 -16.15 30.82
N HIS A 12 25.22 -16.86 31.93
CA HIS A 12 23.95 -17.03 32.62
C HIS A 12 23.58 -15.70 33.28
N LEU A 13 24.59 -14.90 33.58
CA LEU A 13 24.41 -13.61 34.22
C LEU A 13 23.96 -12.57 33.19
N GLN A 14 24.56 -12.59 32.00
CA GLN A 14 24.19 -11.67 30.93
C GLN A 14 22.76 -11.91 30.48
N ALA A 15 22.34 -13.15 30.58
CA ALA A 15 20.98 -13.54 30.23
C ALA A 15 19.99 -12.90 31.19
N ALA A 16 20.26 -13.03 32.48
CA ALA A 16 19.39 -12.47 33.51
C ALA A 16 19.39 -10.95 33.46
N PHE A 17 20.56 -10.36 33.22
CA PHE A 17 20.67 -8.91 33.15
C PHE A 17 19.93 -8.35 31.94
N SER A 18 20.00 -9.06 30.83
CA SER A 18 19.30 -8.65 29.61
C SER A 18 17.80 -8.64 29.83
N GLN A 19 17.31 -9.54 30.67
CA GLN A 19 15.88 -9.61 30.96
C GLN A 19 15.48 -8.44 31.84
N TYR A 20 16.28 -8.18 32.87
CA TYR A 20 16.00 -7.07 33.79
C TYR A 20 16.26 -5.73 33.13
N LYS A 21 17.08 -5.74 32.08
CA LYS A 21 17.29 -4.56 31.26
C LYS A 21 15.95 -4.18 30.65
N LYS A 22 15.27 -5.19 30.11
CA LYS A 22 13.99 -5.03 29.43
C LYS A 22 12.89 -4.60 30.41
N VAL A 23 12.90 -5.18 31.59
CA VAL A 23 11.92 -4.86 32.63
C VAL A 23 12.08 -3.43 33.11
N GLU A 24 13.33 -2.99 33.23
CA GLU A 24 13.63 -1.64 33.71
C GLU A 24 13.03 -0.55 32.82
N LEU A 25 13.22 -0.68 31.51
CA LEU A 25 12.80 0.36 30.57
C LEU A 25 11.29 0.46 30.38
N PHE A 26 10.54 -0.48 30.93
CA PHE A 26 9.08 -0.44 30.81
C PHE A 26 8.44 0.11 32.09
N PRO A 27 7.54 1.11 31.94
CA PRO A 27 7.18 1.76 30.68
C PRO A 27 7.74 3.17 30.56
N ASN A 28 8.64 3.55 31.46
CA ASN A 28 9.13 4.92 31.50
C ASN A 28 10.55 5.10 30.96
N GLY A 29 11.04 4.09 30.26
CA GLY A 29 12.39 4.12 29.74
C GLY A 29 12.48 3.90 28.24
N GLN A 30 13.57 4.38 27.66
CA GLN A 30 13.86 4.19 26.24
C GLN A 30 15.37 4.12 26.08
N SER A 31 15.86 3.07 25.44
CA SER A 31 17.29 2.95 25.19
C SER A 31 17.59 3.14 23.70
N VAL A 32 18.55 4.03 23.41
CA VAL A 32 19.00 4.24 22.04
C VAL A 32 20.53 4.31 22.00
N GLY A 33 21.14 3.31 21.39
CA GLY A 33 22.58 3.16 21.45
C GLY A 33 22.97 2.80 22.86
N GLU A 34 23.96 3.50 23.40
CA GLU A 34 24.38 3.27 24.78
C GLU A 34 23.79 4.30 25.71
N LYS A 35 22.83 5.08 25.21
CA LYS A 35 22.18 6.10 26.01
C LYS A 35 20.79 5.63 26.44
N ILE A 36 20.43 5.97 27.67
CA ILE A 36 19.13 5.62 28.21
C ILE A 36 18.35 6.85 28.64
N PHE A 37 17.16 7.05 28.07
CA PHE A 37 16.26 8.10 28.51
C PHE A 37 15.28 7.51 29.51
N LYS A 38 15.10 8.19 30.64
CA LYS A 38 14.09 7.78 31.61
C LYS A 38 13.33 8.98 32.14
N THR A 39 12.01 8.91 32.13
CA THR A 39 11.19 10.00 32.61
C THR A 39 10.74 9.78 34.04
N ALA A 40 10.57 10.88 34.77
CA ALA A 40 10.11 10.84 36.15
C ALA A 40 8.59 10.76 36.20
N GLY A 41 7.95 11.13 35.10
CA GLY A 41 6.50 11.07 34.99
C GLY A 41 5.79 12.36 35.34
N PHE A 42 6.52 13.27 35.99
CA PHE A 42 5.95 14.54 36.42
C PHE A 42 6.61 15.75 35.79
N VAL A 43 6.02 16.92 35.99
CA VAL A 43 6.55 18.15 35.44
C VAL A 43 7.20 19.04 36.51
N LYS A 44 8.30 19.67 36.15
CA LYS A 44 9.04 20.55 37.04
C LYS A 44 9.63 21.70 36.24
N PRO A 45 9.94 22.83 36.90
CA PRO A 45 10.71 23.90 36.25
C PRO A 45 12.08 23.38 35.83
N PHE A 46 12.77 24.13 34.95
CA PHE A 46 14.04 23.67 34.42
C PHE A 46 15.06 23.37 35.51
N THR A 47 15.26 24.33 36.41
CA THR A 47 16.27 24.20 37.46
C THR A 47 16.02 22.99 38.36
N GLU A 48 14.76 22.74 38.70
CA GLU A 48 14.41 21.55 39.47
C GLU A 48 14.57 20.27 38.67
N ALA A 49 14.18 20.32 37.39
CA ALA A 49 14.34 19.18 36.50
C ALA A 49 15.82 18.84 36.33
N GLN A 50 16.61 19.88 36.08
CA GLN A 50 18.06 19.74 35.92
C GLN A 50 18.69 19.19 37.18
N LEU A 51 18.17 19.63 38.33
CA LEU A 51 18.68 19.17 39.63
C LEU A 51 18.41 17.68 39.81
N LEU A 52 17.15 17.28 39.64
CA LEU A 52 16.76 15.88 39.84
C LEU A 52 17.60 14.93 39.02
N CYS A 53 17.92 15.34 37.79
CA CYS A 53 18.70 14.50 36.89
C CYS A 53 20.14 14.37 37.36
N THR A 54 20.71 15.46 37.85
CA THR A 54 22.11 15.46 38.26
C THR A 54 22.36 14.69 39.57
N GLN A 55 21.46 14.81 40.54
CA GLN A 55 21.59 14.03 41.76
C GLN A 55 21.32 12.55 41.51
N ALA A 56 20.61 12.26 40.41
CA ALA A 56 20.29 10.88 40.07
C ALA A 56 21.49 10.18 39.41
N GLY A 57 22.51 10.96 39.09
CA GLY A 57 23.73 10.43 38.50
C GLY A 57 23.83 10.65 37.00
N GLY A 58 22.88 11.41 36.45
CA GLY A 58 22.87 11.70 35.03
C GLY A 58 22.68 13.18 34.74
N GLN A 59 21.98 13.48 33.66
CA GLN A 59 21.67 14.85 33.28
C GLN A 59 20.39 14.88 32.45
N LEU A 60 19.91 16.08 32.15
CA LEU A 60 18.69 16.24 31.34
C LEU A 60 18.85 15.67 29.93
N ALA A 61 17.73 15.35 29.30
CA ALA A 61 17.72 14.74 27.97
C ALA A 61 18.51 15.57 26.96
N SER A 62 19.52 14.94 26.37
CA SER A 62 20.39 15.63 25.42
C SER A 62 20.49 14.87 24.10
N PRO A 63 19.45 14.98 23.26
CA PRO A 63 19.43 14.30 21.96
C PRO A 63 20.49 14.84 21.00
N ARG A 64 21.34 13.96 20.49
CA ARG A 64 22.43 14.34 19.60
C ARG A 64 22.28 13.80 18.18
N SER A 65 21.16 13.11 17.93
CA SER A 65 20.88 12.56 16.60
C SER A 65 19.38 12.38 16.44
N ALA A 66 18.95 12.16 15.20
CA ALA A 66 17.53 11.96 14.91
C ALA A 66 17.03 10.70 15.60
N ALA A 67 17.91 9.70 15.69
CA ALA A 67 17.58 8.43 16.34
C ALA A 67 17.33 8.62 17.83
N GLU A 68 18.22 9.35 18.49
CA GLU A 68 18.06 9.63 19.92
C GLU A 68 16.86 10.53 20.18
N ASN A 69 16.63 11.49 19.28
CA ASN A 69 15.51 12.42 19.43
C ASN A 69 14.17 11.71 19.29
N ALA A 70 14.11 10.71 18.42
CA ALA A 70 12.88 9.94 18.20
C ALA A 70 12.55 9.08 19.42
N ALA A 71 13.59 8.53 20.04
CA ALA A 71 13.42 7.70 21.23
C ALA A 71 12.92 8.52 22.40
N LEU A 72 13.50 9.70 22.59
CA LEU A 72 13.06 10.62 23.62
C LEU A 72 11.63 11.07 23.37
N GLN A 73 11.30 11.21 22.08
CA GLN A 73 9.97 11.66 21.66
C GLN A 73 8.87 10.73 22.16
N GLN A 74 9.14 9.42 22.16
CA GLN A 74 8.13 8.45 22.57
C GLN A 74 7.73 8.56 24.05
N LEU A 75 8.68 8.93 24.89
CA LEU A 75 8.38 9.13 26.30
C LEU A 75 7.44 10.33 26.45
N VAL A 76 7.65 11.33 25.61
CA VAL A 76 6.82 12.52 25.58
C VAL A 76 5.41 12.18 25.10
N VAL A 77 5.33 11.35 24.06
CA VAL A 77 4.06 10.89 23.53
C VAL A 77 3.31 10.04 24.56
N ALA A 78 4.03 9.17 25.25
CA ALA A 78 3.42 8.30 26.24
C ALA A 78 2.83 9.08 27.42
N LYS A 79 3.47 10.19 27.76
CA LYS A 79 3.03 11.02 28.88
C LYS A 79 2.23 12.23 28.40
N ASN A 80 2.21 12.45 27.09
CA ASN A 80 1.50 13.57 26.47
C ASN A 80 1.87 14.92 27.10
N GLU A 81 3.16 15.09 27.37
CA GLU A 81 3.66 16.31 28.02
C GLU A 81 5.02 16.69 27.45
N ALA A 82 5.14 17.93 26.98
CA ALA A 82 6.41 18.41 26.45
C ALA A 82 7.49 18.39 27.53
N ALA A 83 8.69 17.96 27.14
CA ALA A 83 9.77 17.74 28.09
C ALA A 83 10.94 18.69 27.90
N PHE A 84 11.66 18.97 28.98
CA PHE A 84 12.83 19.84 28.94
C PHE A 84 14.07 19.13 28.41
N LEU A 85 14.87 19.86 27.63
CA LEU A 85 16.18 19.39 27.22
C LEU A 85 17.25 20.07 28.07
N SER A 86 18.47 19.57 27.99
CA SER A 86 19.56 20.10 28.81
C SER A 86 20.17 21.36 28.21
N MET A 87 19.96 21.55 26.92
CA MET A 87 20.61 22.65 26.21
C MET A 87 19.98 24.01 26.51
N THR A 88 20.84 25.02 26.69
CA THR A 88 20.42 26.38 26.96
C THR A 88 21.32 27.40 26.26
N ASP A 89 20.79 28.60 26.02
CA ASP A 89 21.62 29.70 25.52
C ASP A 89 21.75 30.79 26.58
N SER A 90 21.89 30.36 27.83
CA SER A 90 21.97 31.26 28.97
C SER A 90 23.23 32.11 28.98
N LYS A 91 24.37 31.50 28.65
CA LYS A 91 25.63 32.22 28.60
C LYS A 91 25.62 33.26 27.49
N THR A 92 25.64 32.78 26.24
CA THR A 92 25.56 33.64 25.08
C THR A 92 24.24 33.44 24.35
N GLU A 93 23.37 34.45 24.39
CA GLU A 93 22.07 34.38 23.76
C GLU A 93 22.18 34.07 22.26
N GLY A 94 21.38 33.11 21.80
CA GLY A 94 21.40 32.69 20.41
C GLY A 94 22.26 31.46 20.17
N LYS A 95 23.22 31.25 21.06
CA LYS A 95 24.13 30.11 20.95
C LYS A 95 23.78 29.07 22.00
N PHE A 96 23.10 28.00 21.59
CA PHE A 96 22.70 26.96 22.52
C PHE A 96 23.84 25.95 22.72
N THR A 97 24.05 25.55 23.97
CA THR A 97 25.13 24.62 24.28
C THR A 97 24.69 23.49 25.21
N TYR A 98 25.41 22.38 25.12
CA TYR A 98 25.23 21.26 26.04
C TYR A 98 25.88 21.62 27.38
N PRO A 99 25.59 20.85 28.45
CA PRO A 99 26.25 21.08 29.75
C PRO A 99 27.78 21.10 29.68
N THR A 100 28.36 20.43 28.69
CA THR A 100 29.81 20.41 28.50
C THR A 100 30.31 21.71 27.87
N GLY A 101 29.40 22.49 27.30
CA GLY A 101 29.75 23.78 26.73
C GLY A 101 29.86 23.84 25.22
N GLU A 102 29.91 22.68 24.57
CA GLU A 102 30.02 22.64 23.11
C GLU A 102 28.71 22.99 22.43
N SER A 103 28.80 23.47 21.18
CA SER A 103 27.60 23.88 20.44
C SER A 103 26.82 22.66 19.96
N LEU A 104 25.56 22.89 19.60
CA LEU A 104 24.67 21.82 19.15
C LEU A 104 25.18 21.10 17.90
N VAL A 105 25.21 19.77 17.97
CA VAL A 105 25.59 18.96 16.81
C VAL A 105 24.34 18.41 16.11
N TYR A 106 23.17 18.69 16.68
CA TYR A 106 21.90 18.26 16.10
C TYR A 106 20.78 19.16 16.60
N SER A 107 19.84 19.48 15.72
CA SER A 107 18.66 20.26 16.10
C SER A 107 17.45 19.86 15.28
N ASN A 108 16.27 20.06 15.85
CA ASN A 108 15.02 19.75 15.18
C ASN A 108 13.99 20.82 15.53
N TRP A 109 14.38 22.08 15.33
CA TRP A 109 13.54 23.21 15.71
C TRP A 109 12.22 23.22 14.96
N ALA A 110 11.16 23.61 15.67
CA ALA A 110 9.86 23.81 15.05
C ALA A 110 9.95 25.07 14.17
N PRO A 111 8.99 25.22 13.23
CA PRO A 111 9.00 26.42 12.38
C PRO A 111 8.98 27.71 13.19
N GLY A 112 9.94 28.60 12.90
CA GLY A 112 9.99 29.89 13.56
C GLY A 112 10.81 29.88 14.84
N GLU A 113 11.30 28.71 15.21
CA GLU A 113 12.08 28.57 16.43
C GLU A 113 13.57 28.35 16.09
N PRO A 114 14.47 28.80 16.98
CA PRO A 114 14.19 29.54 18.22
C PRO A 114 13.92 31.01 17.95
N ASN A 115 13.01 31.60 18.74
CA ASN A 115 12.62 32.98 18.53
C ASN A 115 12.91 33.90 19.71
N ASP A 116 13.26 33.30 20.85
CA ASP A 116 13.52 34.03 22.10
C ASP A 116 12.38 34.98 22.41
N ALA A 117 11.15 34.46 22.40
CA ALA A 117 9.95 35.26 22.58
C ALA A 117 9.97 36.08 23.88
N GLY A 118 9.74 37.38 23.76
CA GLY A 118 9.79 38.28 24.89
C GLY A 118 11.20 38.54 25.39
N GLY A 119 12.18 38.07 24.62
CA GLY A 119 13.59 38.19 24.98
C GLY A 119 13.98 37.43 26.22
N SER A 120 13.22 36.39 26.55
CA SER A 120 13.45 35.63 27.78
C SER A 120 13.13 34.15 27.62
N GLU A 121 13.59 33.56 26.52
CA GLU A 121 13.45 32.12 26.31
C GLU A 121 14.82 31.49 26.10
N ASP A 122 15.34 30.87 27.15
CA ASP A 122 16.69 30.35 27.12
C ASP A 122 16.78 28.82 27.26
N CYS A 123 15.66 28.16 27.48
CA CYS A 123 15.62 26.71 27.59
C CYS A 123 14.92 26.09 26.39
N VAL A 124 15.04 24.78 26.22
CA VAL A 124 14.44 24.09 25.09
C VAL A 124 13.47 23.00 25.54
N GLU A 125 12.32 22.92 24.87
CA GLU A 125 11.36 21.85 25.13
C GLU A 125 11.15 21.03 23.87
N ILE A 126 10.75 19.78 24.03
CA ILE A 126 10.45 18.91 22.90
C ILE A 126 8.98 18.47 22.91
N PHE A 127 8.32 18.65 21.77
CA PHE A 127 6.90 18.36 21.65
C PHE A 127 6.64 16.90 21.31
N THR A 128 5.37 16.53 21.21
CA THR A 128 5.00 15.16 20.87
C THR A 128 5.39 14.81 19.44
N ASN A 129 5.61 15.83 18.61
CA ASN A 129 6.01 15.61 17.22
C ASN A 129 7.53 15.64 17.03
N GLY A 130 8.26 15.79 18.12
CA GLY A 130 9.71 15.74 18.08
C GLY A 130 10.36 17.08 17.76
N LYS A 131 9.53 18.08 17.46
CA LYS A 131 10.04 19.40 17.14
C LYS A 131 10.46 20.15 18.41
N TRP A 132 11.45 21.02 18.27
CA TRP A 132 11.99 21.77 19.41
C TRP A 132 11.42 23.18 19.47
N ASN A 133 11.42 23.75 20.67
CA ASN A 133 11.01 25.13 20.87
C ASN A 133 11.73 25.73 22.07
N ASP A 134 12.34 26.90 21.87
CA ASP A 134 12.94 27.59 22.99
C ASP A 134 11.84 28.22 23.84
N VAL A 135 11.85 27.90 25.13
CA VAL A 135 10.78 28.33 26.03
C VAL A 135 11.39 28.84 27.34
N ALA A 136 10.65 29.68 28.06
CA ALA A 136 11.11 30.22 29.34
C ALA A 136 11.42 29.12 30.34
N CYS A 137 12.58 29.23 30.99
CA CYS A 137 13.09 28.19 31.87
C CYS A 137 12.26 28.02 33.15
N GLY A 138 11.43 29.01 33.45
CA GLY A 138 10.60 28.96 34.65
C GLY A 138 9.38 28.09 34.47
N GLU A 139 9.09 27.74 33.21
CA GLU A 139 7.92 26.94 32.90
C GLU A 139 8.09 25.50 33.38
N LYS A 140 6.97 24.85 33.71
CA LYS A 140 7.00 23.48 34.16
C LYS A 140 6.82 22.52 32.98
N ARG A 141 7.84 21.70 32.72
CA ARG A 141 7.79 20.73 31.64
C ARG A 141 8.17 19.34 32.15
N LEU A 142 7.93 18.33 31.34
CA LEU A 142 8.20 16.95 31.71
C LEU A 142 9.68 16.71 32.01
N VAL A 143 9.96 16.03 33.12
CA VAL A 143 11.33 15.74 33.50
C VAL A 143 11.79 14.43 32.87
N VAL A 144 12.70 14.53 31.91
CA VAL A 144 13.30 13.34 31.31
C VAL A 144 14.82 13.43 31.37
N CYS A 145 15.45 12.45 32.03
CA CYS A 145 16.90 12.43 32.19
C CYS A 145 17.54 11.43 31.21
N GLU A 146 18.86 11.54 31.05
CA GLU A 146 19.60 10.57 30.26
C GLU A 146 20.76 9.95 31.05
N PHE A 147 20.97 8.66 30.83
CA PHE A 147 22.00 7.92 31.56
C PHE A 147 22.89 7.13 30.61
N LEU B 6 39.18 -12.22 39.39
CA LEU B 6 37.99 -12.23 38.55
C LEU B 6 36.90 -13.17 39.07
N GLN B 7 37.30 -14.35 39.52
CA GLN B 7 36.37 -15.35 40.05
C GLN B 7 35.55 -14.77 41.20
N GLY B 8 36.21 -13.91 42.00
CA GLY B 8 35.54 -13.20 43.07
C GLY B 8 34.62 -12.10 42.57
N GLN B 9 34.99 -11.47 41.46
CA GLN B 9 34.23 -10.37 40.88
C GLN B 9 32.87 -10.81 40.35
N VAL B 10 32.79 -12.03 39.82
CA VAL B 10 31.51 -12.53 39.32
C VAL B 10 30.61 -12.89 40.50
N GLN B 11 31.21 -13.34 41.60
CA GLN B 11 30.45 -13.66 42.80
C GLN B 11 29.98 -12.38 43.47
N HIS B 12 30.76 -11.31 43.27
CA HIS B 12 30.42 -9.99 43.78
C HIS B 12 29.32 -9.39 42.90
N LEU B 13 29.25 -9.83 41.66
CA LEU B 13 28.31 -9.27 40.69
C LEU B 13 26.89 -9.79 40.88
N GLN B 14 26.74 -11.09 41.11
CA GLN B 14 25.41 -11.67 41.37
C GLN B 14 24.82 -11.15 42.66
N ALA B 15 25.70 -10.82 43.59
CA ALA B 15 25.27 -10.28 44.87
C ALA B 15 24.61 -8.94 44.66
N ALA B 16 25.26 -8.07 43.91
CA ALA B 16 24.72 -6.75 43.60
C ALA B 16 23.49 -6.86 42.71
N PHE B 17 23.54 -7.77 41.75
CA PHE B 17 22.43 -7.97 40.80
C PHE B 17 21.18 -8.50 41.48
N SER B 18 21.36 -9.42 42.42
CA SER B 18 20.23 -9.98 43.17
C SER B 18 19.54 -8.91 43.99
N GLN B 19 20.32 -7.95 44.48
CA GLN B 19 19.79 -6.84 45.25
C GLN B 19 19.02 -5.91 44.31
N TYR B 20 19.61 -5.66 43.15
CA TYR B 20 18.99 -4.80 42.14
C TYR B 20 17.76 -5.46 41.56
N LYS B 21 17.75 -6.79 41.60
CA LYS B 21 16.60 -7.58 41.17
C LYS B 21 15.42 -7.26 42.07
N LYS B 22 15.68 -7.27 43.36
CA LYS B 22 14.67 -7.04 44.39
C LYS B 22 14.16 -5.60 44.35
N VAL B 23 15.08 -4.66 44.14
CA VAL B 23 14.73 -3.24 44.06
C VAL B 23 13.86 -2.96 42.86
N GLU B 24 14.16 -3.63 41.74
CA GLU B 24 13.43 -3.43 40.50
C GLU B 24 11.95 -3.78 40.59
N LEU B 25 11.64 -4.95 41.15
CA LEU B 25 10.27 -5.46 41.17
C LEU B 25 9.32 -4.74 42.13
N PHE B 26 9.85 -3.82 42.92
CA PHE B 26 9.04 -3.08 43.87
C PHE B 26 8.69 -1.68 43.34
N PRO B 27 7.40 -1.33 43.35
CA PRO B 27 6.27 -2.15 43.78
C PRO B 27 5.39 -2.63 42.62
N ASN B 28 5.85 -2.44 41.38
CA ASN B 28 5.01 -2.75 40.23
C ASN B 28 5.39 -4.03 39.49
N GLY B 29 6.20 -4.87 40.14
CA GLY B 29 6.67 -6.10 39.52
C GLY B 29 6.40 -7.33 40.35
N GLN B 30 6.36 -8.48 39.68
CA GLN B 30 6.17 -9.76 40.34
C GLN B 30 6.93 -10.86 39.60
N SER B 31 7.76 -11.60 40.32
CA SER B 31 8.50 -12.71 39.72
C SER B 31 7.95 -14.06 40.17
N VAL B 32 7.66 -14.90 39.19
CA VAL B 32 7.21 -16.27 39.45
C VAL B 32 7.96 -17.22 38.52
N GLY B 33 8.85 -18.02 39.09
CA GLY B 33 9.75 -18.83 38.30
C GLY B 33 10.73 -17.91 37.61
N GLU B 34 10.92 -18.09 36.31
CA GLU B 34 11.81 -17.23 35.54
C GLU B 34 11.02 -16.18 34.76
N LYS B 35 9.74 -16.05 35.09
CA LYS B 35 8.87 -15.09 34.45
C LYS B 35 8.68 -13.86 35.33
N ILE B 36 8.63 -12.69 34.71
CA ILE B 36 8.42 -11.45 35.44
C ILE B 36 7.20 -10.71 34.92
N PHE B 37 6.24 -10.45 35.80
CA PHE B 37 5.11 -9.60 35.45
C PHE B 37 5.41 -8.18 35.88
N LYS B 38 5.19 -7.22 35.00
CA LYS B 38 5.30 -5.82 35.38
C LYS B 38 4.16 -5.00 34.78
N THR B 39 3.54 -4.19 35.62
CA THR B 39 2.43 -3.33 35.18
C THR B 39 2.88 -1.91 34.89
N ALA B 40 2.21 -1.28 33.93
CA ALA B 40 2.54 0.09 33.53
C ALA B 40 1.87 1.10 34.44
N GLY B 41 0.82 0.66 35.13
CA GLY B 41 0.11 1.51 36.06
C GLY B 41 -1.11 2.18 35.43
N PHE B 42 -1.18 2.14 34.10
CA PHE B 42 -2.29 2.77 33.38
C PHE B 42 -3.09 1.77 32.54
N VAL B 43 -4.22 2.22 32.02
CA VAL B 43 -5.08 1.37 31.20
C VAL B 43 -5.01 1.73 29.71
N LYS B 44 -5.08 0.71 28.87
CA LYS B 44 -5.08 0.89 27.42
C LYS B 44 -5.98 -0.16 26.77
N PRO B 45 -6.48 0.13 25.56
CA PRO B 45 -7.14 -0.90 24.76
C PRO B 45 -6.15 -2.01 24.42
N PHE B 46 -6.64 -3.17 24.00
CA PHE B 46 -5.77 -4.33 23.76
C PHE B 46 -4.64 -4.06 22.77
N THR B 47 -4.97 -3.49 21.63
CA THR B 47 -3.99 -3.27 20.56
C THR B 47 -2.81 -2.41 21.01
N GLU B 48 -3.08 -1.37 21.80
CA GLU B 48 -2.03 -0.54 22.40
C GLU B 48 -1.29 -1.28 23.50
N ALA B 49 -2.01 -2.04 24.31
CA ALA B 49 -1.40 -2.82 25.38
C ALA B 49 -0.45 -3.85 24.77
N GLN B 50 -0.92 -4.55 23.75
CA GLN B 50 -0.12 -5.55 23.05
C GLN B 50 1.08 -4.88 22.41
N LEU B 51 0.86 -3.68 21.91
CA LEU B 51 1.89 -2.90 21.26
C LEU B 51 2.99 -2.51 22.23
N LEU B 52 2.60 -1.88 23.33
CA LEU B 52 3.57 -1.41 24.33
C LEU B 52 4.45 -2.54 24.86
N CYS B 53 3.85 -3.70 25.08
CA CYS B 53 4.58 -4.86 25.61
C CYS B 53 5.57 -5.41 24.59
N THR B 54 5.17 -5.47 23.32
CA THR B 54 6.03 -6.03 22.29
C THR B 54 7.22 -5.12 21.97
N GLN B 55 6.98 -3.80 21.96
CA GLN B 55 8.07 -2.85 21.78
C GLN B 55 8.99 -2.83 22.99
N ALA B 56 8.47 -3.26 24.14
CA ALA B 56 9.24 -3.28 25.37
C ALA B 56 10.14 -4.50 25.42
N GLY B 57 9.94 -5.42 24.48
CA GLY B 57 10.76 -6.61 24.39
C GLY B 57 10.11 -7.86 24.95
N GLY B 58 8.85 -7.74 25.33
CA GLY B 58 8.11 -8.87 25.88
C GLY B 58 6.77 -9.06 25.21
N GLN B 59 5.77 -9.46 26.00
CA GLN B 59 4.41 -9.65 25.50
C GLN B 59 3.43 -9.42 26.66
N LEU B 60 2.14 -9.40 26.35
CA LEU B 60 1.13 -9.24 27.39
C LEU B 60 1.14 -10.40 28.38
N ALA B 61 0.63 -10.17 29.58
CA ALA B 61 0.64 -11.16 30.64
C ALA B 61 -0.01 -12.47 30.19
N SER B 62 0.75 -13.56 30.29
CA SER B 62 0.28 -14.86 29.83
C SER B 62 0.47 -15.93 30.90
N PRO B 63 -0.40 -15.95 31.91
CA PRO B 63 -0.29 -16.93 33.00
C PRO B 63 -0.54 -18.35 32.50
N ARG B 64 0.43 -19.23 32.77
CA ARG B 64 0.36 -20.62 32.32
C ARG B 64 0.22 -21.60 33.48
N SER B 65 0.07 -21.08 34.69
CA SER B 65 -0.09 -21.91 35.88
C SER B 65 -0.82 -21.15 36.97
N ALA B 66 -1.31 -21.86 37.98
CA ALA B 66 -2.01 -21.24 39.10
C ALA B 66 -1.08 -20.29 39.85
N ALA B 67 0.19 -20.65 39.92
CA ALA B 67 1.19 -19.83 40.59
C ALA B 67 1.38 -18.50 39.87
N GLU B 68 1.50 -18.58 38.55
CA GLU B 68 1.68 -17.38 37.73
C GLU B 68 0.46 -16.48 37.74
N ASN B 69 -0.72 -17.10 37.74
CA ASN B 69 -1.97 -16.35 37.75
C ASN B 69 -2.15 -15.59 39.06
N ALA B 70 -1.71 -16.22 40.16
CA ALA B 70 -1.81 -15.61 41.49
C ALA B 70 -0.87 -14.42 41.63
N ALA B 71 0.32 -14.53 41.03
CA ALA B 71 1.31 -13.46 41.06
C ALA B 71 0.81 -12.26 40.27
N LEU B 72 0.29 -12.52 39.07
CA LEU B 72 -0.28 -11.48 38.21
C LEU B 72 -1.46 -10.82 38.92
N GLN B 73 -2.22 -11.62 39.64
CA GLN B 73 -3.39 -11.15 40.37
C GLN B 73 -3.02 -10.06 41.36
N GLN B 74 -1.86 -10.20 41.99
CA GLN B 74 -1.40 -9.26 43.00
C GLN B 74 -1.14 -7.87 42.43
N LEU B 75 -0.65 -7.81 41.19
CA LEU B 75 -0.45 -6.52 40.53
C LEU B 75 -1.79 -5.87 40.24
N VAL B 76 -2.77 -6.70 39.90
CA VAL B 76 -4.13 -6.24 39.64
C VAL B 76 -4.80 -5.72 40.90
N VAL B 77 -4.62 -6.44 42.01
CA VAL B 77 -5.19 -6.02 43.28
C VAL B 77 -4.60 -4.70 43.75
N ALA B 78 -3.29 -4.55 43.59
CA ALA B 78 -2.59 -3.34 44.03
C ALA B 78 -3.05 -2.10 43.27
N LYS B 79 -3.41 -2.28 42.01
CA LYS B 79 -3.83 -1.18 41.16
C LYS B 79 -5.35 -1.05 41.08
N ASN B 80 -6.05 -2.03 41.65
CA ASN B 80 -7.51 -2.07 41.63
C ASN B 80 -8.07 -1.94 40.22
N GLU B 81 -7.42 -2.60 39.27
CA GLU B 81 -7.79 -2.48 37.86
C GLU B 81 -7.61 -3.81 37.13
N ALA B 82 -8.67 -4.29 36.51
CA ALA B 82 -8.62 -5.54 35.74
C ALA B 82 -7.63 -5.40 34.59
N ALA B 83 -6.84 -6.46 34.38
CA ALA B 83 -5.75 -6.39 33.40
C ALA B 83 -5.96 -7.32 32.22
N PHE B 84 -5.44 -6.92 31.07
CA PHE B 84 -5.52 -7.71 29.85
C PHE B 84 -4.52 -8.85 29.83
N LEU B 85 -4.94 -9.99 29.31
CA LEU B 85 -4.03 -11.11 29.04
C LEU B 85 -3.72 -11.12 27.54
N SER B 86 -2.72 -11.91 27.15
CA SER B 86 -2.29 -11.94 25.76
C SER B 86 -3.17 -12.81 24.88
N MET B 87 -3.89 -13.74 25.51
CA MET B 87 -4.68 -14.73 24.78
C MET B 87 -5.95 -14.17 24.15
N THR B 88 -6.22 -14.60 22.92
CA THR B 88 -7.42 -14.18 22.21
C THR B 88 -8.01 -15.34 21.41
N ASP B 89 -9.30 -15.30 21.14
CA ASP B 89 -9.92 -16.26 20.24
C ASP B 89 -10.35 -15.55 18.95
N SER B 90 -9.51 -14.62 18.50
CA SER B 90 -9.81 -13.81 17.34
C SER B 90 -9.84 -14.62 16.05
N LYS B 91 -8.85 -15.49 15.90
CA LYS B 91 -8.75 -16.35 14.72
C LYS B 91 -9.87 -17.38 14.68
N THR B 92 -9.86 -18.31 15.62
CA THR B 92 -10.93 -19.30 15.72
C THR B 92 -11.76 -19.02 16.97
N GLU B 93 -12.98 -18.53 16.76
CA GLU B 93 -13.89 -18.19 17.86
C GLU B 93 -14.18 -19.40 18.76
N GLY B 94 -14.09 -19.19 20.06
CA GLY B 94 -14.32 -20.24 21.03
C GLY B 94 -13.04 -20.90 21.50
N LYS B 95 -12.01 -20.84 20.67
CA LYS B 95 -10.71 -21.42 20.97
C LYS B 95 -9.68 -20.34 21.25
N PHE B 96 -9.38 -20.11 22.53
CA PHE B 96 -8.41 -19.08 22.90
C PHE B 96 -6.99 -19.61 22.80
N THR B 97 -6.08 -18.81 22.26
CA THR B 97 -4.70 -19.23 22.03
C THR B 97 -3.68 -18.21 22.50
N TYR B 98 -2.47 -18.68 22.80
CA TYR B 98 -1.35 -17.81 23.11
C TYR B 98 -0.81 -17.21 21.81
N PRO B 99 0.04 -16.17 21.91
CA PRO B 99 0.65 -15.58 20.71
C PRO B 99 1.38 -16.57 19.80
N THR B 100 1.80 -17.71 20.34
CA THR B 100 2.45 -18.74 19.55
C THR B 100 1.45 -19.57 18.76
N GLY B 101 0.18 -19.46 19.13
CA GLY B 101 -0.88 -20.16 18.43
C GLY B 101 -1.40 -21.39 19.13
N GLU B 102 -0.67 -21.89 20.12
CA GLU B 102 -1.10 -23.09 20.84
C GLU B 102 -2.24 -22.80 21.80
N SER B 103 -3.02 -23.82 22.10
CA SER B 103 -4.19 -23.67 22.97
C SER B 103 -3.80 -23.46 24.43
N LEU B 104 -4.76 -22.98 25.21
CA LEU B 104 -4.55 -22.73 26.62
C LEU B 104 -4.16 -23.99 27.38
N VAL B 105 -3.10 -23.91 28.16
CA VAL B 105 -2.66 -25.01 29.01
C VAL B 105 -3.15 -24.76 30.45
N TYR B 106 -3.75 -23.60 30.65
CA TYR B 106 -4.31 -23.24 31.96
C TYR B 106 -5.38 -22.18 31.78
N SER B 107 -6.45 -22.29 32.56
CA SER B 107 -7.54 -21.32 32.53
C SER B 107 -8.17 -21.17 33.91
N ASN B 108 -8.70 -19.98 34.17
CA ASN B 108 -9.35 -19.69 35.44
C ASN B 108 -10.58 -18.84 35.22
N TRP B 109 -11.48 -19.31 34.35
CA TRP B 109 -12.66 -18.56 33.97
C TRP B 109 -13.60 -18.29 35.14
N ALA B 110 -14.18 -17.10 35.14
CA ALA B 110 -15.24 -16.77 36.08
C ALA B 110 -16.47 -17.59 35.71
N PRO B 111 -17.44 -17.73 36.64
CA PRO B 111 -18.66 -18.48 36.33
C PRO B 111 -19.39 -17.94 35.10
N GLY B 112 -19.66 -18.84 34.14
CA GLY B 112 -20.41 -18.48 32.96
C GLY B 112 -19.53 -17.99 31.81
N GLU B 113 -18.23 -17.88 32.08
CA GLU B 113 -17.29 -17.38 31.09
C GLU B 113 -16.44 -18.53 30.53
N PRO B 114 -15.99 -18.41 29.28
CA PRO B 114 -16.25 -17.30 28.34
C PRO B 114 -17.63 -17.41 27.68
N ASN B 115 -18.28 -16.28 27.44
CA ASN B 115 -19.63 -16.28 26.88
C ASN B 115 -19.75 -15.58 25.53
N ASP B 116 -18.67 -14.90 25.12
CA ASP B 116 -18.65 -14.12 23.89
C ASP B 116 -19.84 -13.18 23.82
N ALA B 117 -20.04 -12.41 24.89
CA ALA B 117 -21.18 -11.53 25.04
C ALA B 117 -21.34 -10.55 23.88
N GLY B 118 -22.54 -10.52 23.30
CA GLY B 118 -22.83 -9.66 22.16
C GLY B 118 -22.18 -10.15 20.88
N GLY B 119 -21.61 -11.35 20.95
CA GLY B 119 -20.90 -11.92 19.81
C GLY B 119 -19.64 -11.16 19.43
N SER B 120 -19.07 -10.43 20.38
CA SER B 120 -17.90 -9.59 20.11
C SER B 120 -16.95 -9.49 21.30
N GLU B 121 -16.66 -10.62 21.93
CA GLU B 121 -15.68 -10.67 23.00
C GLU B 121 -14.57 -11.67 22.70
N ASP B 122 -13.42 -11.16 22.27
CA ASP B 122 -12.32 -12.00 21.84
C ASP B 122 -11.05 -11.89 22.69
N CYS B 123 -11.03 -10.98 23.66
CA CYS B 123 -9.88 -10.82 24.54
C CYS B 123 -10.21 -11.29 25.95
N VAL B 124 -9.19 -11.44 26.79
CA VAL B 124 -9.39 -11.92 28.15
C VAL B 124 -8.88 -10.92 29.19
N GLU B 125 -9.65 -10.72 30.25
CA GLU B 125 -9.23 -9.87 31.35
C GLU B 125 -9.17 -10.69 32.63
N ILE B 126 -8.35 -10.24 33.58
CA ILE B 126 -8.26 -10.90 34.88
C ILE B 126 -8.66 -9.94 36.00
N PHE B 127 -9.57 -10.40 36.85
CA PHE B 127 -10.11 -9.56 37.92
C PHE B 127 -9.23 -9.58 39.16
N THR B 128 -9.63 -8.81 40.17
CA THR B 128 -8.88 -8.74 41.42
C THR B 128 -8.93 -10.06 42.18
N ASN B 129 -9.89 -10.91 41.84
CA ASN B 129 -10.00 -12.23 42.45
C ASN B 129 -9.31 -13.32 41.64
N GLY B 130 -8.67 -12.92 40.54
CA GLY B 130 -7.88 -13.84 39.74
C GLY B 130 -8.68 -14.58 38.67
N LYS B 131 -10.00 -14.42 38.70
CA LYS B 131 -10.87 -15.08 37.74
C LYS B 131 -10.80 -14.40 36.37
N TRP B 132 -11.03 -15.18 35.31
CA TRP B 132 -10.95 -14.67 33.94
C TRP B 132 -12.32 -14.35 33.35
N ASN B 133 -12.33 -13.45 32.37
CA ASN B 133 -13.54 -13.11 31.62
C ASN B 133 -13.19 -12.65 30.22
N ASP B 134 -13.86 -13.23 29.23
CA ASP B 134 -13.67 -12.76 27.86
C ASP B 134 -14.39 -11.43 27.67
N VAL B 135 -13.65 -10.43 27.20
CA VAL B 135 -14.18 -9.08 27.09
C VAL B 135 -13.78 -8.49 25.73
N ALA B 136 -14.54 -7.53 25.25
CA ALA B 136 -14.25 -6.86 23.98
C ALA B 136 -12.87 -6.21 24.00
N CYS B 137 -12.10 -6.42 22.94
CA CYS B 137 -10.72 -5.96 22.87
C CYS B 137 -10.58 -4.44 22.83
N GLY B 138 -11.69 -3.75 22.55
CA GLY B 138 -11.66 -2.31 22.45
C GLY B 138 -11.69 -1.63 23.80
N GLU B 139 -12.03 -2.38 24.84
CA GLU B 139 -12.14 -1.85 26.19
C GLU B 139 -10.78 -1.52 26.79
N LYS B 140 -10.75 -0.54 27.69
CA LYS B 140 -9.51 -0.13 28.35
C LYS B 140 -9.29 -0.91 29.63
N ARG B 141 -8.22 -1.70 29.66
CA ARG B 141 -7.86 -2.46 30.85
C ARG B 141 -6.40 -2.23 31.23
N LEU B 142 -6.03 -2.66 32.43
CA LEU B 142 -4.67 -2.47 32.93
C LEU B 142 -3.63 -3.17 32.07
N VAL B 143 -2.56 -2.46 31.74
CA VAL B 143 -1.48 -3.01 30.94
C VAL B 143 -0.45 -3.71 31.81
N VAL B 144 -0.39 -5.03 31.72
CA VAL B 144 0.63 -5.79 32.43
C VAL B 144 1.39 -6.70 31.46
N CYS B 145 2.70 -6.50 31.38
CA CYS B 145 3.53 -7.28 30.46
C CYS B 145 4.26 -8.39 31.21
N GLU B 146 4.77 -9.35 30.45
CA GLU B 146 5.64 -10.38 31.02
C GLU B 146 6.97 -10.43 30.29
N PHE B 147 8.05 -10.64 31.04
CA PHE B 147 9.39 -10.65 30.47
C PHE B 147 10.14 -11.90 30.92
N GLU C 4 41.30 -13.31 30.46
CA GLU C 4 41.14 -13.62 29.04
C GLU C 4 39.87 -13.00 28.46
N ALA C 5 39.28 -13.70 27.48
CA ALA C 5 38.05 -13.25 26.83
C ALA C 5 36.91 -13.08 27.82
N LEU C 6 36.84 -13.99 28.78
CA LEU C 6 35.81 -13.94 29.82
C LEU C 6 35.98 -12.70 30.70
N GLN C 7 37.23 -12.40 31.04
CA GLN C 7 37.57 -11.23 31.85
C GLN C 7 37.06 -9.95 31.21
N GLY C 8 37.08 -9.93 29.88
CA GLY C 8 36.53 -8.82 29.12
C GLY C 8 35.02 -8.74 29.15
N GLN C 9 34.37 -9.91 29.21
CA GLN C 9 32.92 -9.97 29.26
C GLN C 9 32.36 -9.41 30.56
N VAL C 10 33.07 -9.66 31.66
CA VAL C 10 32.61 -9.18 32.95
C VAL C 10 32.82 -7.68 33.16
N GLN C 11 33.92 -7.13 32.64
CA GLN C 11 34.17 -5.70 32.80
C GLN C 11 33.21 -4.89 31.92
N HIS C 12 32.73 -5.51 30.84
CA HIS C 12 31.72 -4.89 29.99
C HIS C 12 30.38 -4.96 30.71
N LEU C 13 30.24 -5.95 31.60
CA LEU C 13 29.00 -6.16 32.32
C LEU C 13 28.84 -5.21 33.51
N GLN C 14 29.91 -5.00 34.28
CA GLN C 14 29.85 -4.05 35.40
C GLN C 14 29.63 -2.65 34.90
N ALA C 15 30.16 -2.37 33.70
CA ALA C 15 29.98 -1.08 33.08
C ALA C 15 28.51 -0.85 32.75
N ALA C 16 27.89 -1.83 32.10
CA ALA C 16 26.48 -1.76 31.73
C ALA C 16 25.58 -1.79 32.97
N PHE C 17 25.95 -2.61 33.94
CA PHE C 17 25.17 -2.73 35.17
C PHE C 17 25.18 -1.47 36.01
N SER C 18 26.34 -0.82 36.08
CA SER C 18 26.47 0.41 36.83
C SER C 18 25.57 1.51 36.25
N GLN C 19 25.38 1.47 34.94
CA GLN C 19 24.54 2.44 34.27
C GLN C 19 23.09 2.18 34.62
N TYR C 20 22.69 0.92 34.62
CA TYR C 20 21.31 0.56 34.96
C TYR C 20 21.01 0.73 36.45
N LYS C 21 22.04 0.70 37.28
CA LYS C 21 21.89 1.00 38.70
C LYS C 21 21.40 2.42 38.85
N LYS C 22 22.03 3.31 38.09
CA LYS C 22 21.69 4.72 38.12
C LYS C 22 20.28 4.93 37.58
N VAL C 23 19.93 4.17 36.55
CA VAL C 23 18.60 4.26 35.95
C VAL C 23 17.51 3.81 36.91
N GLU C 24 17.78 2.75 37.66
CA GLU C 24 16.84 2.21 38.64
C GLU C 24 16.49 3.20 39.75
N LEU C 25 17.51 3.82 40.31
CA LEU C 25 17.34 4.69 41.47
C LEU C 25 16.64 6.00 41.12
N PHE C 26 16.37 6.23 39.84
CA PHE C 26 15.64 7.41 39.41
C PHE C 26 14.19 7.07 39.12
N PRO C 27 13.25 7.81 39.73
CA PRO C 27 13.54 8.88 40.68
C PRO C 27 13.19 8.51 42.13
N ASN C 28 12.86 7.24 42.35
CA ASN C 28 12.36 6.82 43.66
C ASN C 28 13.36 6.00 44.48
N GLY C 29 14.64 6.08 44.11
CA GLY C 29 15.66 5.32 44.81
C GLY C 29 16.81 6.16 45.34
N GLN C 30 17.47 5.63 46.36
CA GLN C 30 18.66 6.26 46.95
C GLN C 30 19.59 5.18 47.47
N SER C 31 20.85 5.22 47.06
CA SER C 31 21.83 4.25 47.55
C SER C 31 22.82 4.90 48.50
N VAL C 32 23.01 4.27 49.66
CA VAL C 32 24.01 4.73 50.62
C VAL C 32 24.79 3.53 51.14
N GLY C 33 26.06 3.44 50.75
CA GLY C 33 26.85 2.26 51.02
C GLY C 33 26.34 1.11 50.18
N GLU C 34 26.13 -0.04 50.81
CA GLU C 34 25.60 -1.20 50.11
C GLU C 34 24.09 -1.36 50.35
N LYS C 35 23.49 -0.32 50.92
CA LYS C 35 22.05 -0.33 51.17
C LYS C 35 21.33 0.52 50.13
N ILE C 36 20.15 0.07 49.70
CA ILE C 36 19.34 0.82 48.75
C ILE C 36 17.96 1.10 49.31
N PHE C 37 17.60 2.38 49.37
CA PHE C 37 16.25 2.78 49.75
C PHE C 37 15.42 2.98 48.49
N LYS C 38 14.20 2.43 48.48
CA LYS C 38 13.27 2.69 47.39
C LYS C 38 11.87 2.90 47.93
N THR C 39 11.23 3.97 47.48
CA THR C 39 9.87 4.27 47.90
C THR C 39 8.85 3.83 46.85
N ALA C 40 7.66 3.47 47.32
CA ALA C 40 6.60 3.01 46.43
C ALA C 40 5.86 4.19 45.82
N GLY C 41 6.01 5.37 46.44
CA GLY C 41 5.37 6.58 45.96
C GLY C 41 4.05 6.89 46.63
N PHE C 42 3.50 5.91 47.33
CA PHE C 42 2.22 6.07 48.01
C PHE C 42 2.30 5.89 49.53
N VAL C 43 1.22 6.24 50.22
CA VAL C 43 1.17 6.11 51.67
C VAL C 43 0.30 4.95 52.12
N LYS C 44 0.74 4.28 53.19
CA LYS C 44 0.03 3.14 53.76
C LYS C 44 0.21 3.13 55.28
N PRO C 45 -0.70 2.47 56.02
CA PRO C 45 -0.50 2.20 57.45
C PRO C 45 0.74 1.33 57.65
N PHE C 46 1.24 1.25 58.89
CA PHE C 46 2.48 0.52 59.17
C PHE C 46 2.44 -0.95 58.72
N THR C 47 1.39 -1.65 59.12
CA THR C 47 1.28 -3.08 58.84
C THR C 47 1.31 -3.39 57.34
N GLU C 48 0.61 -2.58 56.56
CA GLU C 48 0.66 -2.71 55.09
C GLU C 48 2.01 -2.32 54.51
N ALA C 49 2.61 -1.27 55.04
CA ALA C 49 3.93 -0.85 54.59
C ALA C 49 4.96 -1.94 54.87
N GLN C 50 4.92 -2.46 56.09
CA GLN C 50 5.84 -3.52 56.52
C GLN C 50 5.65 -4.77 55.67
N LEU C 51 4.40 -5.05 55.34
CA LEU C 51 4.07 -6.20 54.52
C LEU C 51 4.66 -6.09 53.13
N LEU C 52 4.36 -4.98 52.46
CA LEU C 52 4.83 -4.75 51.08
C LEU C 52 6.34 -4.84 50.98
N CYS C 53 7.04 -4.34 52.00
CA CYS C 53 8.49 -4.35 52.02
C CYS C 53 9.05 -5.76 52.21
N THR C 54 8.41 -6.54 53.08
CA THR C 54 8.88 -7.88 53.37
C THR C 54 8.63 -8.86 52.22
N GLN C 55 7.47 -8.75 51.57
CA GLN C 55 7.18 -9.57 50.39
C GLN C 55 8.07 -9.19 49.22
N ALA C 56 8.57 -7.95 49.23
CA ALA C 56 9.40 -7.46 48.14
C ALA C 56 10.81 -8.00 48.27
N GLY C 57 11.08 -8.65 49.40
CA GLY C 57 12.37 -9.27 49.64
C GLY C 57 13.28 -8.46 50.53
N GLY C 58 12.74 -7.37 51.08
CA GLY C 58 13.50 -6.50 51.97
C GLY C 58 12.76 -6.21 53.27
N GLN C 59 12.91 -4.99 53.77
CA GLN C 59 12.24 -4.56 54.98
C GLN C 59 12.02 -3.05 54.94
N LEU C 60 11.28 -2.53 55.92
CA LEU C 60 11.05 -1.08 56.01
C LEU C 60 12.36 -0.33 56.26
N ALA C 61 12.36 0.96 55.90
CA ALA C 61 13.54 1.81 56.00
C ALA C 61 14.15 1.79 57.40
N SER C 62 15.42 1.41 57.48
CA SER C 62 16.10 1.28 58.76
C SER C 62 17.43 2.05 58.79
N PRO C 63 17.35 3.38 58.94
CA PRO C 63 18.57 4.20 58.98
C PRO C 63 19.42 3.91 60.21
N ARG C 64 20.68 3.55 60.00
CA ARG C 64 21.58 3.21 61.10
C ARG C 64 22.72 4.21 61.25
N SER C 65 22.71 5.26 60.45
CA SER C 65 23.75 6.29 60.50
C SER C 65 23.25 7.63 59.97
N ALA C 66 24.00 8.69 60.24
CA ALA C 66 23.65 10.02 59.76
C ALA C 66 23.69 10.05 58.23
N ALA C 67 24.63 9.32 57.66
CA ALA C 67 24.77 9.23 56.21
C ALA C 67 23.55 8.55 55.60
N GLU C 68 23.14 7.44 56.19
CA GLU C 68 21.96 6.71 55.73
C GLU C 68 20.69 7.53 55.94
N ASN C 69 20.65 8.24 57.06
CA ASN C 69 19.49 9.08 57.39
C ASN C 69 19.34 10.22 56.39
N ALA C 70 20.48 10.76 55.94
CA ALA C 70 20.48 11.85 54.97
C ALA C 70 20.03 11.37 53.59
N ALA C 71 20.43 10.15 53.22
CA ALA C 71 20.05 9.58 51.94
C ALA C 71 18.56 9.31 51.89
N LEU C 72 18.03 8.71 52.96
CA LEU C 72 16.60 8.44 53.06
C LEU C 72 15.81 9.75 53.06
N GLN C 73 16.40 10.77 53.66
CA GLN C 73 15.78 12.08 53.76
C GLN C 73 15.49 12.68 52.39
N GLN C 74 16.37 12.43 51.42
CA GLN C 74 16.20 12.99 50.08
C GLN C 74 14.94 12.48 49.39
N LEU C 75 14.61 11.21 49.62
CA LEU C 75 13.38 10.63 49.07
C LEU C 75 12.16 11.27 49.72
N VAL C 76 12.27 11.56 51.01
CA VAL C 76 11.19 12.17 51.75
C VAL C 76 10.93 13.60 51.26
N VAL C 77 12.00 14.35 51.04
CA VAL C 77 11.90 15.71 50.53
C VAL C 77 11.33 15.71 49.11
N ALA C 78 11.80 14.78 48.28
CA ALA C 78 11.36 14.68 46.89
C ALA C 78 9.88 14.35 46.77
N LYS C 79 9.37 13.56 47.71
CA LYS C 79 7.96 13.16 47.70
C LYS C 79 7.10 13.99 48.65
N ASN C 80 7.75 14.83 49.46
CA ASN C 80 7.08 15.69 50.42
C ASN C 80 6.13 14.94 51.36
N GLU C 81 6.56 13.76 51.80
CA GLU C 81 5.72 12.90 52.62
C GLU C 81 6.55 12.17 53.68
N ALA C 82 6.15 12.32 54.94
CA ALA C 82 6.82 11.63 56.04
C ALA C 82 6.72 10.12 55.84
N ALA C 83 7.82 9.42 56.09
CA ALA C 83 7.89 7.99 55.81
C ALA C 83 8.03 7.14 57.06
N PHE C 84 7.52 5.91 56.99
CA PHE C 84 7.62 4.98 58.11
C PHE C 84 9.00 4.33 58.20
N LEU C 85 9.50 4.19 59.43
CA LEU C 85 10.71 3.42 59.68
C LEU C 85 10.33 2.05 60.23
N SER C 86 11.29 1.13 60.30
CA SER C 86 11.01 -0.24 60.72
C SER C 86 10.94 -0.38 62.24
N MET C 87 11.53 0.56 62.96
CA MET C 87 11.65 0.46 64.41
C MET C 87 10.33 0.70 65.15
N THR C 88 10.07 -0.11 66.16
CA THR C 88 8.87 0.01 66.99
C THR C 88 9.18 -0.29 68.45
N ASP C 89 8.39 0.27 69.37
CA ASP C 89 8.51 -0.09 70.78
C ASP C 89 7.28 -0.85 71.28
N SER C 90 6.75 -1.71 70.41
CA SER C 90 5.54 -2.48 70.73
C SER C 90 5.77 -3.50 71.83
N LYS C 91 6.92 -4.18 71.78
CA LYS C 91 7.29 -5.17 72.79
C LYS C 91 7.49 -4.48 74.14
N THR C 92 8.54 -3.65 74.23
CA THR C 92 8.80 -2.87 75.42
C THR C 92 8.59 -1.39 75.16
N GLU C 93 7.53 -0.81 75.74
CA GLU C 93 7.22 0.60 75.55
C GLU C 93 8.36 1.52 75.99
N GLY C 94 8.71 2.48 75.13
CA GLY C 94 9.78 3.42 75.41
C GLY C 94 11.09 2.98 74.78
N LYS C 95 11.21 1.68 74.57
CA LYS C 95 12.42 1.10 73.98
C LYS C 95 12.19 0.67 72.54
N PHE C 96 12.66 1.47 71.59
CA PHE C 96 12.50 1.15 70.17
C PHE C 96 13.60 0.20 69.69
N THR C 97 13.21 -0.79 68.89
CA THR C 97 14.14 -1.82 68.42
C THR C 97 13.98 -2.06 66.92
N TYR C 98 15.05 -2.57 66.31
CA TYR C 98 15.00 -3.01 64.91
C TYR C 98 14.27 -4.35 64.86
N PRO C 99 13.87 -4.79 63.65
CA PRO C 99 13.24 -6.11 63.51
C PRO C 99 14.07 -7.26 64.10
N THR C 100 15.38 -7.08 64.22
CA THR C 100 16.24 -8.09 64.80
C THR C 100 16.11 -8.10 66.32
N GLY C 101 15.53 -7.03 66.87
CA GLY C 101 15.26 -6.97 68.29
C GLY C 101 16.26 -6.13 69.06
N GLU C 102 17.39 -5.82 68.44
CA GLU C 102 18.43 -5.04 69.10
C GLU C 102 18.05 -3.56 69.20
N SER C 103 18.62 -2.88 70.19
CA SER C 103 18.28 -1.49 70.44
C SER C 103 18.88 -0.56 69.37
N LEU C 104 18.37 0.67 69.31
CA LEU C 104 18.82 1.66 68.33
C LEU C 104 20.30 1.99 68.48
N VAL C 105 21.03 1.92 67.38
CA VAL C 105 22.44 2.30 67.35
C VAL C 105 22.57 3.72 66.80
N TYR C 106 21.45 4.26 66.36
CA TYR C 106 21.39 5.62 65.85
C TYR C 106 19.96 6.15 65.94
N SER C 107 19.85 7.42 66.30
CA SER C 107 18.54 8.07 66.38
C SER C 107 18.66 9.54 66.00
N ASN C 108 17.56 10.08 65.47
CA ASN C 108 17.53 11.47 65.06
C ASN C 108 16.19 12.10 65.45
N TRP C 109 15.86 11.97 66.73
CA TRP C 109 14.58 12.45 67.24
C TRP C 109 14.41 13.96 67.11
N ALA C 110 13.19 14.37 66.79
CA ALA C 110 12.80 15.76 66.82
C ALA C 110 12.73 16.20 68.28
N PRO C 111 12.76 17.52 68.54
CA PRO C 111 12.63 17.99 69.93
C PRO C 111 11.36 17.46 70.61
N GLY C 112 11.52 16.85 71.77
CA GLY C 112 10.40 16.37 72.55
C GLY C 112 9.97 14.95 72.23
N GLU C 113 10.62 14.35 71.23
CA GLU C 113 10.30 12.99 70.80
C GLU C 113 11.39 12.01 71.23
N PRO C 114 11.03 10.74 71.48
CA PRO C 114 9.67 10.19 71.42
C PRO C 114 8.86 10.53 72.67
N ASN C 115 7.57 10.79 72.50
CA ASN C 115 6.74 11.19 73.63
C ASN C 115 5.59 10.23 73.93
N ASP C 116 5.37 9.28 73.02
CA ASP C 116 4.27 8.33 73.13
C ASP C 116 2.95 9.05 73.37
N ALA C 117 2.66 10.03 72.51
CA ALA C 117 1.47 10.87 72.63
C ALA C 117 0.18 10.04 72.67
N GLY C 118 -0.65 10.28 73.69
CA GLY C 118 -1.87 9.53 73.87
C GLY C 118 -1.63 8.11 74.36
N GLY C 119 -0.39 7.83 74.72
CA GLY C 119 0.00 6.51 75.20
C GLY C 119 -0.17 5.43 74.13
N SER C 120 -0.16 5.86 72.88
CA SER C 120 -0.43 4.95 71.77
C SER C 120 0.35 5.33 70.52
N GLU C 121 1.63 5.64 70.69
CA GLU C 121 2.53 5.90 69.57
C GLU C 121 3.69 4.92 69.61
N ASP C 122 3.62 3.90 68.77
CA ASP C 122 4.62 2.84 68.79
C ASP C 122 5.46 2.69 67.52
N CYS C 123 5.14 3.46 66.49
CA CYS C 123 5.93 3.43 65.26
C CYS C 123 6.71 4.72 65.10
N VAL C 124 7.68 4.72 64.18
CA VAL C 124 8.51 5.90 63.99
C VAL C 124 8.45 6.41 62.56
N GLU C 125 8.32 7.72 62.41
CA GLU C 125 8.31 8.35 61.10
C GLU C 125 9.45 9.34 60.97
N ILE C 126 9.84 9.64 59.73
CA ILE C 126 10.87 10.63 59.46
C ILE C 126 10.32 11.80 58.65
N PHE C 127 10.57 13.02 59.12
CA PHE C 127 10.05 14.23 58.48
C PHE C 127 10.93 14.67 57.32
N THR C 128 10.53 15.75 56.65
CA THR C 128 11.29 16.28 55.54
C THR C 128 12.63 16.88 55.99
N ASN C 129 12.74 17.18 57.28
CA ASN C 129 13.99 17.71 57.82
C ASN C 129 14.90 16.60 58.38
N GLY C 130 14.45 15.35 58.24
CA GLY C 130 15.23 14.20 58.65
C GLY C 130 15.01 13.81 60.11
N LYS C 131 14.27 14.64 60.84
CA LYS C 131 14.00 14.36 62.25
C LYS C 131 12.98 13.24 62.42
N TRP C 132 13.06 12.52 63.54
CA TRP C 132 12.17 11.40 63.80
C TRP C 132 11.05 11.79 64.76
N ASN C 133 9.93 11.07 64.67
CA ASN C 133 8.82 11.25 65.59
C ASN C 133 8.05 9.95 65.77
N ASP C 134 7.82 9.55 67.01
CA ASP C 134 6.99 8.38 67.27
C ASP C 134 5.52 8.73 67.04
N VAL C 135 4.87 7.94 66.19
CA VAL C 135 3.50 8.21 65.78
C VAL C 135 2.69 6.91 65.79
N ALA C 136 1.36 7.04 65.91
CA ALA C 136 0.49 5.87 65.88
C ALA C 136 0.64 5.10 64.58
N CYS C 137 0.75 3.78 64.69
CA CYS C 137 1.04 2.92 63.55
C CYS C 137 -0.09 2.88 62.53
N GLY C 138 -1.27 3.36 62.93
CA GLY C 138 -2.43 3.32 62.05
C GLY C 138 -2.45 4.44 61.03
N GLU C 139 -1.58 5.43 61.22
CA GLU C 139 -1.50 6.58 60.33
C GLU C 139 -0.92 6.19 58.97
N LYS C 140 -1.32 6.91 57.92
CA LYS C 140 -0.82 6.66 56.57
C LYS C 140 0.44 7.49 56.31
N ARG C 141 1.57 6.80 56.11
CA ARG C 141 2.84 7.48 55.81
C ARG C 141 3.52 6.88 54.58
N LEU C 142 4.52 7.59 54.06
CA LEU C 142 5.20 7.16 52.86
C LEU C 142 5.88 5.81 53.06
N VAL C 143 5.66 4.90 52.11
CA VAL C 143 6.23 3.56 52.18
C VAL C 143 7.62 3.55 51.56
N VAL C 144 8.64 3.40 52.38
CA VAL C 144 10.01 3.31 51.89
C VAL C 144 10.68 2.05 52.42
N CYS C 145 11.11 1.20 51.49
CA CYS C 145 11.76 -0.06 51.84
C CYS C 145 13.27 0.05 51.67
N GLU C 146 14.00 -0.88 52.25
CA GLU C 146 15.45 -0.95 52.05
C GLU C 146 15.86 -2.34 51.56
N PHE C 147 16.80 -2.36 50.63
CA PHE C 147 17.24 -3.62 50.02
C PHE C 147 18.77 -3.76 50.05
N VAL D 3 29.15 25.68 -8.65
CA VAL D 3 29.11 24.44 -7.87
C VAL D 3 28.12 24.53 -6.71
N GLU D 4 28.14 25.64 -5.98
CA GLU D 4 27.20 25.85 -4.89
C GLU D 4 25.73 25.82 -5.31
N ALA D 5 25.42 26.30 -6.50
CA ALA D 5 24.04 26.33 -6.99
C ALA D 5 23.39 24.94 -7.07
N LEU D 6 24.10 23.98 -7.64
CA LEU D 6 23.63 22.59 -7.69
C LEU D 6 23.71 21.90 -6.33
N GLN D 7 24.79 22.14 -5.58
CA GLN D 7 24.95 21.57 -4.26
C GLN D 7 23.79 21.94 -3.33
N GLY D 8 23.25 23.14 -3.50
CA GLY D 8 22.05 23.53 -2.79
C GLY D 8 20.83 22.80 -3.33
N GLN D 9 20.85 22.54 -4.64
CA GLN D 9 19.78 21.80 -5.30
C GLN D 9 19.79 20.34 -4.87
N VAL D 10 21.00 19.81 -4.62
CA VAL D 10 21.15 18.43 -4.17
C VAL D 10 20.70 18.28 -2.72
N GLN D 11 20.92 19.33 -1.94
CA GLN D 11 20.45 19.32 -0.56
C GLN D 11 18.94 19.50 -0.51
N HIS D 12 18.38 20.12 -1.54
CA HIS D 12 16.94 20.24 -1.67
C HIS D 12 16.34 18.89 -2.06
N LEU D 13 17.13 18.10 -2.77
CA LEU D 13 16.69 16.78 -3.20
C LEU D 13 16.84 15.78 -2.06
N GLN D 14 17.94 15.92 -1.32
CA GLN D 14 18.20 15.07 -0.16
C GLN D 14 17.13 15.28 0.91
N ALA D 15 16.66 16.53 1.01
CA ALA D 15 15.59 16.90 1.93
C ALA D 15 14.27 16.25 1.52
N ALA D 16 13.95 16.36 0.24
CA ALA D 16 12.70 15.84 -0.29
C ALA D 16 12.66 14.32 -0.20
N PHE D 17 13.80 13.68 -0.45
CA PHE D 17 13.86 12.23 -0.39
C PHE D 17 13.63 11.70 1.02
N SER D 18 14.15 12.40 2.01
CA SER D 18 13.98 12.01 3.41
C SER D 18 12.51 12.03 3.83
N GLN D 19 11.74 12.95 3.25
CA GLN D 19 10.33 13.04 3.57
C GLN D 19 9.55 11.89 2.92
N TYR D 20 9.83 11.63 1.65
CA TYR D 20 9.14 10.57 0.91
C TYR D 20 9.57 9.19 1.37
N LYS D 21 10.76 9.12 1.95
CA LYS D 21 11.24 7.91 2.59
C LYS D 21 10.32 7.59 3.76
N LYS D 22 10.01 8.60 4.56
CA LYS D 22 9.17 8.44 5.74
C LYS D 22 7.75 8.05 5.33
N VAL D 23 7.26 8.66 4.25
CA VAL D 23 5.92 8.41 3.74
C VAL D 23 5.79 6.97 3.25
N GLU D 24 6.84 6.47 2.63
CA GLU D 24 6.85 5.11 2.08
C GLU D 24 6.62 4.04 3.13
N LEU D 25 7.34 4.15 4.25
CA LEU D 25 7.31 3.12 5.28
C LEU D 25 6.01 3.05 6.08
N PHE D 26 5.13 4.03 5.88
CA PHE D 26 3.86 4.03 6.61
C PHE D 26 2.73 3.51 5.73
N PRO D 27 1.98 2.51 6.24
CA PRO D 27 2.14 1.85 7.53
C PRO D 27 2.67 0.42 7.40
N ASN D 28 3.13 0.02 6.23
CA ASN D 28 3.52 -1.36 6.00
C ASN D 28 5.03 -1.59 5.95
N GLY D 29 5.79 -0.58 6.36
CA GLY D 29 7.24 -0.68 6.27
C GLY D 29 7.94 -0.40 7.59
N GLN D 30 9.16 -0.92 7.72
CA GLN D 30 9.98 -0.68 8.88
C GLN D 30 11.44 -0.66 8.48
N SER D 31 12.16 0.39 8.86
CA SER D 31 13.59 0.48 8.58
C SER D 31 14.39 0.26 9.86
N VAL D 32 15.35 -0.66 9.78
CA VAL D 32 16.27 -0.90 10.88
C VAL D 32 17.68 -1.00 10.33
N GLY D 33 18.50 0.00 10.65
CA GLY D 33 19.80 0.13 10.03
C GLY D 33 19.60 0.51 8.58
N GLU D 34 20.31 -0.18 7.68
CA GLU D 34 20.17 0.09 6.25
C GLU D 34 19.25 -0.92 5.59
N LYS D 35 18.54 -1.69 6.43
CA LYS D 35 17.62 -2.71 5.95
C LYS D 35 16.19 -2.22 6.07
N ILE D 36 15.36 -2.58 5.09
CA ILE D 36 13.96 -2.23 5.11
C ILE D 36 13.08 -3.46 5.02
N PHE D 37 12.22 -3.65 6.01
CA PHE D 37 11.22 -4.71 5.96
C PHE D 37 9.93 -4.13 5.41
N LYS D 38 9.32 -4.81 4.46
CA LYS D 38 8.00 -4.41 3.99
C LYS D 38 7.09 -5.61 3.78
N THR D 39 5.87 -5.51 4.30
CA THR D 39 4.89 -6.59 4.16
C THR D 39 3.90 -6.34 3.03
N ALA D 40 3.44 -7.42 2.42
CA ALA D 40 2.51 -7.33 1.32
C ALA D 40 1.08 -7.19 1.84
N GLY D 41 0.88 -7.54 3.11
CA GLY D 41 -0.41 -7.41 3.74
C GLY D 41 -1.24 -8.68 3.67
N PHE D 42 -0.83 -9.61 2.80
CA PHE D 42 -1.54 -10.87 2.61
C PHE D 42 -0.68 -12.08 2.95
N VAL D 43 -1.29 -13.25 3.00
CA VAL D 43 -0.56 -14.47 3.33
C VAL D 43 -0.35 -15.39 2.12
N LYS D 44 0.80 -16.05 2.08
CA LYS D 44 1.15 -16.98 1.01
C LYS D 44 1.99 -18.14 1.56
N PRO D 45 1.99 -19.28 0.85
CA PRO D 45 2.94 -20.36 1.13
C PRO D 45 4.37 -19.88 0.94
N PHE D 46 5.36 -20.61 1.45
CA PHE D 46 6.75 -20.17 1.38
C PHE D 46 7.22 -19.92 -0.04
N THR D 47 6.97 -20.88 -0.94
CA THR D 47 7.47 -20.80 -2.30
C THR D 47 6.99 -19.55 -3.05
N GLU D 48 5.72 -19.21 -2.89
CA GLU D 48 5.19 -17.97 -3.46
C GLU D 48 5.70 -16.72 -2.75
N ALA D 49 5.82 -16.79 -1.44
CA ALA D 49 6.35 -15.68 -0.67
C ALA D 49 7.78 -15.40 -1.09
N GLN D 50 8.56 -16.48 -1.20
CA GLN D 50 9.95 -16.41 -1.64
C GLN D 50 10.02 -15.85 -3.04
N LEU D 51 9.04 -16.23 -3.84
CA LEU D 51 8.94 -15.77 -5.21
C LEU D 51 8.70 -14.27 -5.30
N LEU D 52 7.65 -13.81 -4.62
CA LEU D 52 7.26 -12.40 -4.64
C LEU D 52 8.40 -11.48 -4.23
N CYS D 53 9.17 -11.89 -3.21
CA CYS D 53 10.27 -11.08 -2.72
C CYS D 53 11.45 -11.01 -3.68
N THR D 54 11.77 -12.15 -4.30
CA THR D 54 12.92 -12.21 -5.20
C THR D 54 12.66 -11.45 -6.51
N GLN D 55 11.45 -11.55 -7.03
CA GLN D 55 11.05 -10.76 -8.20
C GLN D 55 10.90 -9.29 -7.86
N ALA D 56 10.71 -9.00 -6.57
CA ALA D 56 10.54 -7.62 -6.13
C ALA D 56 11.88 -6.91 -6.03
N GLY D 57 12.95 -7.69 -6.15
CA GLY D 57 14.30 -7.15 -6.13
C GLY D 57 14.98 -7.34 -4.78
N GLY D 58 14.31 -8.07 -3.89
CA GLY D 58 14.85 -8.34 -2.57
C GLY D 58 14.78 -9.81 -2.22
N GLN D 59 14.52 -10.11 -0.94
CA GLN D 59 14.37 -11.48 -0.47
C GLN D 59 13.44 -11.49 0.74
N LEU D 60 13.08 -12.68 1.21
CA LEU D 60 12.22 -12.80 2.38
C LEU D 60 12.90 -12.24 3.63
N ALA D 61 12.09 -11.90 4.63
CA ALA D 61 12.60 -11.29 5.85
C ALA D 61 13.69 -12.14 6.50
N SER D 62 14.88 -11.55 6.67
CA SER D 62 16.02 -12.25 7.24
C SER D 62 16.65 -11.49 8.39
N PRO D 63 16.01 -11.53 9.58
CA PRO D 63 16.54 -10.84 10.75
C PRO D 63 17.84 -11.44 11.25
N ARG D 64 18.88 -10.60 11.35
CA ARG D 64 20.20 -11.07 11.75
C ARG D 64 20.60 -10.52 13.11
N SER D 65 19.70 -9.79 13.76
CA SER D 65 19.96 -9.24 15.09
C SER D 65 18.66 -8.98 15.84
N ALA D 66 18.77 -8.74 17.14
CA ALA D 66 17.60 -8.46 17.97
C ALA D 66 16.90 -7.18 17.54
N ALA D 67 17.68 -6.20 17.09
CA ALA D 67 17.13 -4.94 16.60
C ALA D 67 16.30 -5.16 15.35
N GLU D 68 16.84 -5.93 14.41
CA GLU D 68 16.15 -6.24 13.16
C GLU D 68 14.92 -7.10 13.40
N ASN D 69 15.04 -8.02 14.36
CA ASN D 69 13.93 -8.90 14.72
C ASN D 69 12.77 -8.12 15.33
N ALA D 70 13.09 -7.10 16.11
CA ALA D 70 12.08 -6.28 16.78
C ALA D 70 11.29 -5.45 15.78
N ALA D 71 11.98 -4.93 14.77
CA ALA D 71 11.35 -4.13 13.71
C ALA D 71 10.40 -4.98 12.88
N LEU D 72 10.85 -6.17 12.51
CA LEU D 72 10.04 -7.13 11.78
C LEU D 72 8.83 -7.54 12.60
N GLN D 73 9.03 -7.65 13.91
CA GLN D 73 7.97 -8.04 14.83
C GLN D 73 6.82 -7.05 14.75
N GLN D 74 7.14 -5.77 14.57
CA GLN D 74 6.14 -4.71 14.53
C GLN D 74 5.16 -4.85 13.37
N LEU D 75 5.66 -5.31 12.23
CA LEU D 75 4.80 -5.56 11.08
C LEU D 75 3.86 -6.73 11.38
N VAL D 76 4.38 -7.73 12.11
CA VAL D 76 3.58 -8.88 12.51
C VAL D 76 2.50 -8.47 13.50
N VAL D 77 2.86 -7.61 14.46
CA VAL D 77 1.90 -7.11 15.45
C VAL D 77 0.80 -6.27 14.81
N ALA D 78 1.19 -5.40 13.88
CA ALA D 78 0.24 -4.52 13.21
C ALA D 78 -0.75 -5.30 12.36
N LYS D 79 -0.31 -6.41 11.79
CA LYS D 79 -1.15 -7.22 10.91
C LYS D 79 -1.75 -8.43 11.63
N ASN D 80 -1.27 -8.70 12.84
CA ASN D 80 -1.70 -9.85 13.63
C ASN D 80 -1.60 -11.16 12.85
N GLU D 81 -0.50 -11.31 12.12
CA GLU D 81 -0.31 -12.48 11.28
C GLU D 81 1.15 -12.91 11.31
N ALA D 82 1.40 -14.16 11.70
CA ALA D 82 2.75 -14.69 11.72
C ALA D 82 3.33 -14.72 10.31
N ALA D 83 4.58 -14.29 10.18
CA ALA D 83 5.21 -14.12 8.87
C ALA D 83 6.37 -15.08 8.64
N PHE D 84 6.58 -15.43 7.38
CA PHE D 84 7.66 -16.34 6.99
C PHE D 84 9.00 -15.63 7.00
N LEU D 85 10.03 -16.35 7.42
CA LEU D 85 11.41 -15.89 7.29
C LEU D 85 12.07 -16.62 6.13
N SER D 86 13.23 -16.15 5.70
CA SER D 86 13.92 -16.72 4.54
C SER D 86 14.70 -17.97 4.90
N MET D 87 15.01 -18.14 6.18
CA MET D 87 15.87 -19.24 6.62
C MET D 87 15.14 -20.59 6.60
N THR D 88 15.83 -21.61 6.12
CA THR D 88 15.29 -22.97 6.04
C THR D 88 16.36 -24.02 6.36
N ASP D 89 15.92 -25.19 6.79
CA ASP D 89 16.84 -26.33 6.93
C ASP D 89 16.53 -27.43 5.93
N SER D 90 16.17 -27.02 4.71
CA SER D 90 15.79 -27.96 3.66
C SER D 90 16.94 -28.84 3.20
N LYS D 91 18.11 -28.24 3.03
CA LYS D 91 19.29 -28.98 2.60
C LYS D 91 19.74 -29.93 3.70
N THR D 92 20.22 -29.38 4.80
CA THR D 92 20.60 -30.20 5.94
C THR D 92 19.62 -29.99 7.08
N GLU D 93 18.82 -31.01 7.36
CA GLU D 93 17.82 -30.96 8.41
C GLU D 93 18.44 -30.65 9.77
N GLY D 94 17.85 -29.70 10.49
CA GLY D 94 18.34 -29.30 11.79
C GLY D 94 19.24 -28.09 11.72
N LYS D 95 19.87 -27.89 10.55
CA LYS D 95 20.77 -26.77 10.32
C LYS D 95 20.11 -25.74 9.43
N PHE D 96 19.62 -24.67 10.05
CA PHE D 96 18.94 -23.60 9.30
C PHE D 96 19.95 -22.62 8.74
N THR D 97 19.77 -22.22 7.49
CA THR D 97 20.71 -21.33 6.81
C THR D 97 20.01 -20.19 6.08
N TYR D 98 20.73 -19.08 5.90
CA TYR D 98 20.25 -17.98 5.09
C TYR D 98 20.40 -18.35 3.61
N PRO D 99 19.76 -17.60 2.69
CA PRO D 99 19.92 -17.86 1.26
C PRO D 99 21.37 -17.89 0.77
N THR D 100 22.29 -17.26 1.50
CA THR D 100 23.71 -17.30 1.13
C THR D 100 24.34 -18.64 1.51
N GLY D 101 23.65 -19.39 2.35
CA GLY D 101 24.09 -20.73 2.72
C GLY D 101 24.75 -20.78 4.09
N GLU D 102 25.09 -19.62 4.63
CA GLU D 102 25.74 -19.57 5.94
C GLU D 102 24.75 -19.81 7.06
N SER D 103 25.25 -20.30 8.20
CA SER D 103 24.40 -20.63 9.34
C SER D 103 23.90 -19.39 10.09
N LEU D 104 22.88 -19.59 10.91
CA LEU D 104 22.26 -18.50 11.66
C LEU D 104 23.23 -17.79 12.59
N VAL D 105 23.27 -16.46 12.51
CA VAL D 105 24.09 -15.66 13.41
C VAL D 105 23.23 -15.09 14.52
N TYR D 106 21.94 -15.35 14.44
CA TYR D 106 20.99 -14.91 15.45
C TYR D 106 19.74 -15.78 15.41
N SER D 107 19.19 -16.09 16.57
CA SER D 107 17.95 -16.84 16.64
C SER D 107 17.14 -16.45 17.86
N ASN D 108 15.83 -16.59 17.75
CA ASN D 108 14.91 -16.27 18.83
C ASN D 108 13.80 -17.31 18.87
N TRP D 109 14.20 -18.58 18.95
CA TRP D 109 13.26 -19.69 18.93
C TRP D 109 12.31 -19.64 20.12
N ALA D 110 11.05 -20.00 19.87
CA ALA D 110 10.06 -20.14 20.93
C ALA D 110 10.44 -21.35 21.78
N PRO D 111 9.88 -21.45 23.00
CA PRO D 111 10.19 -22.60 23.84
C PRO D 111 9.89 -23.93 23.15
N GLY D 112 10.88 -24.82 23.08
CA GLY D 112 10.69 -26.13 22.51
C GLY D 112 10.94 -26.20 21.02
N GLU D 113 11.22 -25.05 20.41
CA GLU D 113 11.44 -24.97 18.97
C GLU D 113 12.93 -24.74 18.69
N PRO D 114 13.40 -25.20 17.52
CA PRO D 114 12.67 -25.94 16.48
C PRO D 114 12.51 -27.42 16.82
N ASN D 115 11.38 -28.01 16.44
CA ASN D 115 11.09 -29.40 16.79
C ASN D 115 10.93 -30.32 15.59
N ASP D 116 10.86 -29.74 14.40
CA ASP D 116 10.64 -30.49 13.15
C ASP D 116 9.43 -31.41 13.28
N ALA D 117 8.32 -30.85 13.74
CA ALA D 117 7.10 -31.60 14.00
C ALA D 117 6.60 -32.39 12.78
N GLY D 118 6.38 -33.68 12.99
CA GLY D 118 5.94 -34.56 11.91
C GLY D 118 7.04 -34.87 10.92
N GLY D 119 8.27 -34.47 11.24
CA GLY D 119 9.41 -34.66 10.37
C GLY D 119 9.30 -33.89 9.07
N SER D 120 8.50 -32.82 9.08
CA SER D 120 8.24 -32.05 7.87
C SER D 120 8.04 -30.57 8.15
N GLU D 121 8.92 -30.00 8.98
CA GLU D 121 8.92 -28.56 9.22
C GLU D 121 10.28 -27.97 8.89
N ASP D 122 10.37 -27.34 7.73
CA ASP D 122 11.65 -26.83 7.23
C ASP D 122 11.72 -25.31 7.07
N CYS D 123 10.61 -24.62 7.28
CA CYS D 123 10.59 -23.16 7.20
C CYS D 123 10.41 -22.51 8.57
N VAL D 124 10.63 -21.21 8.66
CA VAL D 124 10.53 -20.51 9.94
C VAL D 124 9.50 -19.40 9.91
N GLU D 125 8.69 -19.30 10.97
CA GLU D 125 7.74 -18.20 11.09
C GLU D 125 8.06 -17.41 12.34
N ILE D 126 7.65 -16.13 12.35
CA ILE D 126 7.85 -15.28 13.51
C ILE D 126 6.49 -14.80 14.06
N PHE D 127 6.29 -14.98 15.37
CA PHE D 127 5.03 -14.66 16.01
C PHE D 127 4.94 -13.18 16.39
N THR D 128 3.81 -12.79 16.96
CA THR D 128 3.61 -11.41 17.40
C THR D 128 4.52 -11.07 18.59
N ASN D 129 5.02 -12.09 19.27
CA ASN D 129 5.93 -11.88 20.38
C ASN D 129 7.41 -11.94 19.98
N GLY D 130 7.64 -12.10 18.68
CA GLY D 130 8.98 -12.08 18.13
C GLY D 130 9.68 -13.43 18.17
N LYS D 131 9.05 -14.41 18.80
CA LYS D 131 9.63 -15.74 18.93
C LYS D 131 9.51 -16.50 17.60
N TRP D 132 10.45 -17.40 17.34
CA TRP D 132 10.47 -18.16 16.10
C TRP D 132 9.90 -19.57 16.26
N ASN D 133 9.41 -20.13 15.16
CA ASN D 133 8.92 -21.51 15.14
C ASN D 133 9.08 -22.13 13.76
N ASP D 134 9.67 -23.33 13.73
CA ASP D 134 9.76 -24.07 12.48
C ASP D 134 8.40 -24.67 12.10
N VAL D 135 7.95 -24.36 10.89
CA VAL D 135 6.63 -24.76 10.42
C VAL D 135 6.73 -25.30 8.99
N ALA D 136 5.76 -26.12 8.60
CA ALA D 136 5.71 -26.66 7.24
C ALA D 136 5.62 -25.54 6.21
N CYS D 137 6.44 -25.65 5.16
CA CYS D 137 6.57 -24.60 4.16
C CYS D 137 5.33 -24.40 3.28
N GLY D 138 4.42 -25.36 3.30
CA GLY D 138 3.20 -25.27 2.51
C GLY D 138 2.14 -24.39 3.14
N GLU D 139 2.34 -24.07 4.42
CA GLU D 139 1.38 -23.27 5.18
C GLU D 139 1.36 -21.82 4.74
N LYS D 140 0.21 -21.17 4.90
CA LYS D 140 0.07 -19.77 4.54
C LYS D 140 0.44 -18.84 5.69
N ARG D 141 1.49 -18.04 5.49
CA ARG D 141 1.93 -17.05 6.47
C ARG D 141 2.12 -15.68 5.81
N LEU D 142 2.23 -14.64 6.64
CA LEU D 142 2.38 -13.27 6.15
C LEU D 142 3.65 -13.10 5.32
N VAL D 143 3.51 -12.43 4.18
CA VAL D 143 4.64 -12.16 3.30
C VAL D 143 5.34 -10.87 3.71
N VAL D 144 6.56 -10.99 4.22
CA VAL D 144 7.38 -9.82 4.53
C VAL D 144 8.74 -9.92 3.87
N CYS D 145 9.06 -8.94 3.02
CA CYS D 145 10.32 -8.94 2.30
C CYS D 145 11.30 -7.97 2.94
N GLU D 146 12.57 -8.09 2.58
CA GLU D 146 13.57 -7.13 3.01
C GLU D 146 14.32 -6.54 1.80
N PHE D 147 14.61 -5.24 1.87
CA PHE D 147 15.26 -4.56 0.76
C PHE D 147 16.47 -3.76 1.22
N VAL E 3 32.29 17.52 -14.74
CA VAL E 3 31.57 18.12 -13.62
C VAL E 3 30.13 18.44 -13.98
N GLU E 4 29.94 19.03 -15.16
CA GLU E 4 28.60 19.29 -15.70
C GLU E 4 27.81 18.01 -15.85
N ALA E 5 28.52 16.91 -16.13
CA ALA E 5 27.92 15.59 -16.26
C ALA E 5 27.22 15.18 -14.98
N LEU E 6 27.81 15.51 -13.84
CA LEU E 6 27.19 15.24 -12.55
C LEU E 6 25.90 16.02 -12.37
N GLN E 7 25.92 17.30 -12.76
CA GLN E 7 24.71 18.11 -12.72
C GLN E 7 23.62 17.49 -13.60
N GLY E 8 24.06 16.84 -14.68
CA GLY E 8 23.15 16.12 -15.54
C GLY E 8 22.61 14.88 -14.85
N GLN E 9 23.44 14.26 -14.01
CA GLN E 9 23.03 13.08 -13.25
C GLN E 9 22.00 13.43 -12.19
N VAL E 10 22.14 14.61 -11.59
CA VAL E 10 21.19 15.05 -10.56
C VAL E 10 19.88 15.49 -11.20
N GLN E 11 19.92 16.01 -12.42
CA GLN E 11 18.71 16.43 -13.11
C GLN E 11 17.91 15.21 -13.55
N HIS E 12 18.59 14.10 -13.75
CA HIS E 12 17.92 12.83 -14.06
C HIS E 12 17.28 12.27 -12.80
N LEU E 13 17.81 12.66 -11.65
CA LEU E 13 17.32 12.16 -10.38
C LEU E 13 16.02 12.85 -10.00
N GLN E 14 15.94 14.16 -10.22
CA GLN E 14 14.72 14.92 -9.95
C GLN E 14 13.61 14.44 -10.87
N ALA E 15 13.99 14.04 -12.06
CA ALA E 15 13.04 13.51 -13.04
C ALA E 15 12.47 12.19 -12.54
N ALA E 16 13.36 11.29 -12.13
CA ALA E 16 12.96 9.98 -11.62
C ALA E 16 12.23 10.10 -10.28
N PHE E 17 12.71 11.00 -9.44
CA PHE E 17 12.12 11.20 -8.11
C PHE E 17 10.70 11.75 -8.23
N SER E 18 10.50 12.64 -9.20
CA SER E 18 9.18 13.21 -9.43
C SER E 18 8.19 12.13 -9.86
N GLN E 19 8.68 11.12 -10.58
CA GLN E 19 7.84 10.02 -11.00
C GLN E 19 7.48 9.14 -9.81
N TYR E 20 8.49 8.86 -8.98
CA TYR E 20 8.31 8.04 -7.79
C TYR E 20 7.46 8.76 -6.75
N LYS E 21 7.52 10.08 -6.80
CA LYS E 21 6.71 10.93 -5.94
C LYS E 21 5.24 10.67 -6.22
N LYS E 22 4.92 10.68 -7.52
CA LYS E 22 3.56 10.49 -8.01
C LYS E 22 3.05 9.08 -7.71
N VAL E 23 3.92 8.10 -7.89
CA VAL E 23 3.58 6.70 -7.64
C VAL E 23 3.28 6.43 -6.17
N GLU E 24 4.05 7.08 -5.29
CA GLU E 24 3.89 6.90 -3.84
C GLU E 24 2.51 7.31 -3.34
N LEU E 25 2.05 8.48 -3.77
CA LEU E 25 0.81 9.06 -3.26
C LEU E 25 -0.46 8.36 -3.73
N PHE E 26 -0.33 7.43 -4.66
CA PHE E 26 -1.49 6.72 -5.17
C PHE E 26 -1.61 5.33 -4.53
N PRO E 27 -2.79 5.02 -3.98
CA PRO E 27 -3.96 5.90 -3.91
C PRO E 27 -4.23 6.43 -2.51
N ASN E 28 -3.29 6.24 -1.58
CA ASN E 28 -3.53 6.56 -0.18
C ASN E 28 -2.84 7.83 0.29
N GLY E 29 -2.38 8.64 -0.64
CA GLY E 29 -1.66 9.85 -0.31
C GLY E 29 -2.25 11.10 -0.93
N GLN E 30 -1.94 12.24 -0.35
CA GLN E 30 -2.34 13.55 -0.86
C GLN E 30 -1.27 14.58 -0.55
N SER E 31 -0.81 15.29 -1.57
CA SER E 31 0.18 16.34 -1.37
C SER E 31 -0.46 17.72 -1.52
N VAL E 32 -0.27 18.57 -0.52
CA VAL E 32 -0.73 19.94 -0.57
C VAL E 32 0.35 20.88 -0.04
N GLY E 33 0.95 21.66 -0.93
CA GLY E 33 2.10 22.46 -0.57
C GLY E 33 3.28 21.56 -0.33
N GLU E 34 3.97 21.75 0.79
CA GLU E 34 5.09 20.90 1.15
C GLU E 34 4.68 19.84 2.17
N LYS E 35 3.37 19.73 2.37
CA LYS E 35 2.82 18.76 3.32
C LYS E 35 2.23 17.57 2.60
N ILE E 36 2.40 16.39 3.18
CA ILE E 36 1.85 15.16 2.62
C ILE E 36 0.95 14.45 3.61
N PHE E 37 -0.30 14.23 3.22
CA PHE E 37 -1.20 13.42 4.04
C PHE E 37 -1.18 11.99 3.54
N LYS E 38 -1.07 11.04 4.46
CA LYS E 38 -1.18 9.64 4.09
C LYS E 38 -2.01 8.87 5.10
N THR E 39 -2.97 8.09 4.60
CA THR E 39 -3.83 7.30 5.47
C THR E 39 -3.34 5.87 5.58
N ALA E 40 -3.58 5.27 6.74
CA ALA E 40 -3.17 3.90 6.99
C ALA E 40 -4.20 2.92 6.48
N GLY E 41 -5.42 3.41 6.28
CA GLY E 41 -6.52 2.60 5.77
C GLY E 41 -7.36 1.97 6.85
N PHE E 42 -6.87 1.98 8.09
CA PHE E 42 -7.58 1.39 9.20
C PHE E 42 -7.93 2.40 10.30
N VAL E 43 -8.74 1.97 11.25
CA VAL E 43 -9.14 2.84 12.35
C VAL E 43 -8.48 2.47 13.67
N LYS E 44 -8.13 3.49 14.46
CA LYS E 44 -7.53 3.32 15.78
C LYS E 44 -8.00 4.42 16.72
N PRO E 45 -7.97 4.17 18.04
CA PRO E 45 -8.19 5.24 19.02
C PRO E 45 -7.11 6.31 18.89
N PHE E 46 -7.33 7.49 19.48
CA PHE E 46 -6.41 8.60 19.30
C PHE E 46 -4.96 8.29 19.69
N THR E 47 -4.78 7.75 20.90
CA THR E 47 -3.45 7.49 21.43
C THR E 47 -2.63 6.55 20.54
N GLU E 48 -3.27 5.52 20.00
CA GLU E 48 -2.63 4.63 19.04
C GLU E 48 -2.37 5.30 17.70
N ALA E 49 -3.33 6.10 17.24
CA ALA E 49 -3.16 6.85 15.99
C ALA E 49 -1.99 7.82 16.12
N GLN E 50 -1.97 8.54 17.24
CA GLN E 50 -0.91 9.51 17.53
C GLN E 50 0.43 8.79 17.61
N LEU E 51 0.40 7.58 18.16
CA LEU E 51 1.61 6.79 18.30
C LEU E 51 2.17 6.37 16.95
N LEU E 52 1.33 5.73 16.14
CA LEU E 52 1.74 5.22 14.84
C LEU E 52 2.34 6.30 13.94
N CYS E 53 1.75 7.49 14.00
CA CYS E 53 2.21 8.61 13.19
C CYS E 53 3.56 9.14 13.66
N THR E 54 3.76 9.20 14.98
CA THR E 54 4.99 9.73 15.55
C THR E 54 6.18 8.77 15.36
N GLN E 55 5.94 7.47 15.51
CA GLN E 55 6.98 6.48 15.24
C GLN E 55 7.28 6.41 13.76
N ALA E 56 6.32 6.84 12.94
CA ALA E 56 6.49 6.82 11.49
C ALA E 56 7.32 8.02 11.06
N GLY E 57 7.57 8.94 11.99
CA GLY E 57 8.40 10.10 11.73
C GLY E 57 7.61 11.37 11.47
N GLY E 58 6.29 11.29 11.61
CA GLY E 58 5.43 12.45 11.39
C GLY E 58 4.50 12.68 12.56
N GLN E 59 3.29 13.14 12.26
CA GLN E 59 2.28 13.39 13.28
C GLN E 59 0.90 13.22 12.66
N LEU E 60 -0.13 13.25 13.49
CA LEU E 60 -1.50 13.15 12.99
C LEU E 60 -1.85 14.33 12.09
N ALA E 61 -2.85 14.14 11.24
CA ALA E 61 -3.26 15.15 10.26
C ALA E 61 -3.56 16.50 10.92
N SER E 62 -2.85 17.53 10.47
CA SER E 62 -3.01 18.87 11.04
C SER E 62 -3.26 19.92 9.95
N PRO E 63 -4.49 19.98 9.44
CA PRO E 63 -4.83 20.97 8.40
C PRO E 63 -4.79 22.40 8.93
N ARG E 64 -4.00 23.23 8.28
CA ARG E 64 -3.84 24.62 8.68
C ARG E 64 -4.43 25.61 7.68
N SER E 65 -5.08 25.08 6.64
CA SER E 65 -5.70 25.91 5.64
C SER E 65 -6.84 25.18 4.94
N ALA E 66 -7.67 25.94 4.23
CA ALA E 66 -8.79 25.37 3.48
C ALA E 66 -8.25 24.43 2.40
N ALA E 67 -7.11 24.79 1.84
CA ALA E 67 -6.47 23.98 0.81
C ALA E 67 -6.03 22.64 1.40
N GLU E 68 -5.38 22.70 2.56
CA GLU E 68 -4.91 21.49 3.23
C GLU E 68 -6.08 20.65 3.72
N ASN E 69 -7.14 21.32 4.18
CA ASN E 69 -8.32 20.61 4.66
C ASN E 69 -9.02 19.86 3.54
N ALA E 70 -9.01 20.45 2.35
CA ALA E 70 -9.65 19.85 1.18
C ALA E 70 -8.89 18.60 0.72
N ALA E 71 -7.56 18.66 0.81
CA ALA E 71 -6.72 17.52 0.45
C ALA E 71 -6.92 16.37 1.42
N LEU E 72 -6.92 16.70 2.72
CA LEU E 72 -7.16 15.71 3.76
C LEU E 72 -8.54 15.09 3.64
N GLN E 73 -9.51 15.92 3.25
CA GLN E 73 -10.89 15.48 3.11
C GLN E 73 -11.04 14.36 2.08
N GLN E 74 -10.26 14.43 1.00
CA GLN E 74 -10.34 13.45 -0.08
C GLN E 74 -9.96 12.04 0.34
N LEU E 75 -9.00 11.93 1.25
CA LEU E 75 -8.59 10.63 1.78
C LEU E 75 -9.73 10.03 2.60
N VAL E 76 -10.44 10.91 3.32
CA VAL E 76 -11.58 10.50 4.12
C VAL E 76 -12.73 10.02 3.25
N VAL E 77 -12.99 10.74 2.17
CA VAL E 77 -14.05 10.37 1.23
C VAL E 77 -13.75 9.03 0.57
N ALA E 78 -12.49 8.85 0.16
CA ALA E 78 -12.06 7.63 -0.51
C ALA E 78 -12.19 6.41 0.41
N LYS E 79 -11.99 6.64 1.70
CA LYS E 79 -12.03 5.57 2.68
C LYS E 79 -13.38 5.49 3.40
N ASN E 80 -14.22 6.50 3.19
CA ASN E 80 -15.54 6.57 3.81
C ASN E 80 -15.48 6.35 5.32
N GLU E 81 -14.47 6.96 5.94
CA GLU E 81 -14.23 6.81 7.37
C GLU E 81 -13.72 8.13 7.95
N ALA E 82 -14.39 8.63 8.97
CA ALA E 82 -13.98 9.87 9.63
C ALA E 82 -12.59 9.71 10.25
N ALA E 83 -11.76 10.74 10.10
CA ALA E 83 -10.36 10.64 10.51
C ALA E 83 -10.01 11.57 11.67
N PHE E 84 -9.05 11.14 12.49
CA PHE E 84 -8.58 11.91 13.63
C PHE E 84 -7.62 13.01 13.22
N LEU E 85 -7.73 14.16 13.86
CA LEU E 85 -6.77 15.23 13.70
C LEU E 85 -5.83 15.24 14.91
N SER E 86 -4.74 15.99 14.81
CA SER E 86 -3.75 16.02 15.87
C SER E 86 -4.16 16.98 16.98
N MET E 87 -5.06 17.90 16.66
CA MET E 87 -5.44 18.96 17.60
C MET E 87 -6.35 18.47 18.73
N THR E 88 -6.05 18.91 19.94
CA THR E 88 -6.82 18.54 21.13
C THR E 88 -6.97 19.72 22.10
N ASP E 89 -8.02 19.68 22.92
CA ASP E 89 -8.17 20.64 24.01
C ASP E 89 -8.02 19.94 25.36
N SER E 90 -7.09 18.99 25.43
CA SER E 90 -6.88 18.20 26.63
C SER E 90 -6.33 19.04 27.78
N LYS E 91 -5.37 19.89 27.47
CA LYS E 91 -4.77 20.77 28.48
C LYS E 91 -5.76 21.82 28.97
N THR E 92 -6.13 22.74 28.08
CA THR E 92 -7.13 23.75 28.41
C THR E 92 -8.42 23.50 27.64
N GLU E 93 -9.46 23.06 28.35
CA GLU E 93 -10.76 22.76 27.74
C GLU E 93 -11.35 23.96 27.00
N GLY E 94 -11.81 23.72 25.78
CA GLY E 94 -12.40 24.76 24.96
C GLY E 94 -11.39 25.37 24.01
N LYS E 95 -10.12 25.29 24.39
CA LYS E 95 -9.03 25.84 23.58
C LYS E 95 -8.27 24.71 22.90
N PHE E 96 -8.53 24.52 21.61
CA PHE E 96 -7.86 23.45 20.87
C PHE E 96 -6.51 23.94 20.37
N THR E 97 -5.49 23.09 20.51
CA THR E 97 -4.12 23.45 20.15
C THR E 97 -3.42 22.36 19.34
N TYR E 98 -2.43 22.78 18.56
CA TYR E 98 -1.55 21.87 17.85
C TYR E 98 -0.54 21.27 18.85
N PRO E 99 0.19 20.22 18.44
CA PRO E 99 1.23 19.65 19.30
C PRO E 99 2.28 20.67 19.78
N THR E 100 2.45 21.77 19.07
CA THR E 100 3.38 22.82 19.48
C THR E 100 2.80 23.67 20.61
N GLY E 101 1.49 23.58 20.80
CA GLY E 101 0.83 24.27 21.88
C GLY E 101 0.10 25.53 21.44
N GLU E 102 0.38 25.99 20.22
CA GLU E 102 -0.25 27.21 19.73
C GLU E 102 -1.70 26.95 19.34
N SER E 103 -2.51 28.00 19.38
CA SER E 103 -3.93 27.88 19.08
C SER E 103 -4.18 27.69 17.59
N LEU E 104 -5.37 27.20 17.27
CA LEU E 104 -5.77 26.95 15.89
C LEU E 104 -5.74 28.22 15.04
N VAL E 105 -5.10 28.13 13.88
CA VAL E 105 -5.08 29.24 12.93
C VAL E 105 -6.11 29.01 11.83
N TYR E 106 -6.77 27.85 11.89
CA TYR E 106 -7.82 27.49 10.95
C TYR E 106 -8.74 26.45 11.57
N SER E 107 -10.05 26.59 11.32
CA SER E 107 -11.01 25.61 11.80
C SER E 107 -12.19 25.51 10.84
N ASN E 108 -12.82 24.34 10.83
CA ASN E 108 -13.97 24.09 9.96
C ASN E 108 -15.02 23.27 10.71
N TRP E 109 -15.42 23.78 11.87
CA TRP E 109 -16.37 23.10 12.74
C TRP E 109 -17.75 22.91 12.09
N ALA E 110 -18.35 21.76 12.35
CA ALA E 110 -19.72 21.50 11.94
C ALA E 110 -20.64 22.37 12.80
N PRO E 111 -21.90 22.56 12.36
CA PRO E 111 -22.85 23.34 13.15
C PRO E 111 -23.02 22.83 14.58
N GLY E 112 -22.82 23.71 15.55
CA GLY E 112 -23.01 23.35 16.95
C GLY E 112 -21.75 22.81 17.60
N GLU E 113 -20.69 22.67 16.81
CA GLU E 113 -19.43 22.13 17.31
C GLU E 113 -18.40 23.25 17.45
N PRO E 114 -17.47 23.13 18.40
CA PRO E 114 -17.33 22.03 19.36
C PRO E 114 -18.31 22.18 20.53
N ASN E 115 -18.83 21.05 21.02
CA ASN E 115 -19.83 21.08 22.08
C ASN E 115 -19.40 20.38 23.37
N ASP E 116 -18.29 19.66 23.30
CA ASP E 116 -17.77 18.88 24.43
C ASP E 116 -18.86 17.99 25.02
N ALA E 117 -19.53 17.23 24.16
CA ALA E 117 -20.66 16.39 24.55
C ALA E 117 -20.34 15.42 25.68
N GLY E 118 -21.15 15.45 26.73
CA GLY E 118 -20.93 14.63 27.90
C GLY E 118 -19.76 15.10 28.74
N GLY E 119 -19.22 16.26 28.41
CA GLY E 119 -18.08 16.82 29.10
C GLY E 119 -16.83 15.98 28.93
N SER E 120 -16.77 15.22 27.85
CA SER E 120 -15.66 14.30 27.62
C SER E 120 -15.32 14.15 26.13
N GLU E 121 -15.28 15.26 25.43
CA GLU E 121 -14.84 15.28 24.04
C GLU E 121 -13.66 16.22 23.84
N ASP E 122 -12.46 15.65 23.77
CA ASP E 122 -11.24 16.46 23.70
C ASP E 122 -10.43 16.31 22.41
N CYS E 123 -10.83 15.41 21.52
CA CYS E 123 -10.16 15.23 20.24
C CYS E 123 -11.02 15.72 19.08
N VAL E 124 -10.44 15.82 17.89
CA VAL E 124 -11.17 16.32 16.72
C VAL E 124 -11.18 15.30 15.58
N GLU E 125 -12.33 15.14 14.95
CA GLU E 125 -12.46 14.27 13.78
C GLU E 125 -12.89 15.08 12.57
N ILE E 126 -12.58 14.58 11.38
CA ILE E 126 -13.01 15.21 10.14
C ILE E 126 -13.90 14.26 9.32
N PHE E 127 -15.05 14.78 8.90
CA PHE E 127 -16.03 13.98 8.16
C PHE E 127 -15.75 13.96 6.66
N THR E 128 -16.58 13.25 5.92
CA THR E 128 -16.46 13.18 4.46
C THR E 128 -16.80 14.52 3.79
N ASN E 129 -17.49 15.40 4.51
CA ASN E 129 -17.80 16.73 3.97
C ASN E 129 -16.77 17.78 4.38
N GLY E 130 -15.74 17.35 5.11
CA GLY E 130 -14.66 18.23 5.51
C GLY E 130 -14.92 18.98 6.81
N LYS E 131 -16.12 18.84 7.36
CA LYS E 131 -16.48 19.51 8.60
C LYS E 131 -15.83 18.84 9.80
N TRP E 132 -15.57 19.61 10.84
CA TRP E 132 -14.91 19.10 12.05
C TRP E 132 -15.93 18.84 13.15
N ASN E 133 -15.56 17.93 14.06
CA ASN E 133 -16.37 17.66 15.25
C ASN E 133 -15.49 17.18 16.39
N ASP E 134 -15.65 17.79 17.55
CA ASP E 134 -14.95 17.29 18.73
C ASP E 134 -15.60 16.02 19.21
N VAL E 135 -14.81 14.96 19.35
CA VAL E 135 -15.31 13.64 19.70
C VAL E 135 -14.41 13.02 20.76
N ALA E 136 -14.94 12.08 21.54
CA ALA E 136 -14.17 11.39 22.56
C ALA E 136 -12.96 10.68 21.98
N CYS E 137 -11.80 10.86 22.62
CA CYS E 137 -10.54 10.35 22.11
C CYS E 137 -10.42 8.83 22.11
N GLY E 138 -11.32 8.16 22.84
CA GLY E 138 -11.29 6.71 22.93
C GLY E 138 -11.92 6.05 21.72
N GLU E 139 -12.65 6.84 20.93
CA GLU E 139 -13.36 6.34 19.76
C GLU E 139 -12.39 5.96 18.63
N LYS E 140 -12.79 5.00 17.80
CA LYS E 140 -11.96 4.55 16.69
C LYS E 140 -12.25 5.35 15.41
N ARG E 141 -11.25 6.08 14.94
CA ARG E 141 -11.38 6.86 13.71
C ARG E 141 -10.23 6.57 12.76
N LEU E 142 -10.37 7.02 11.51
CA LEU E 142 -9.37 6.77 10.48
C LEU E 142 -8.01 7.40 10.81
N VAL E 143 -6.95 6.61 10.63
CA VAL E 143 -5.60 7.10 10.89
C VAL E 143 -5.01 7.75 9.65
N VAL E 144 -4.84 9.07 9.71
CA VAL E 144 -4.19 9.81 8.63
C VAL E 144 -3.05 10.66 9.19
N CYS E 145 -1.83 10.42 8.71
CA CYS E 145 -0.65 11.15 9.19
C CYS E 145 -0.24 12.24 8.21
N GLU E 146 0.61 13.15 8.68
CA GLU E 146 1.20 14.14 7.80
C GLU E 146 2.73 14.11 7.90
N PHE E 147 3.39 14.30 6.77
CA PHE E 147 4.85 14.26 6.73
C PHE E 147 5.42 15.48 6.01
N VAL F 3 33.28 18.93 -5.54
CA VAL F 3 32.73 18.05 -6.58
C VAL F 3 32.87 16.58 -6.20
N GLU F 4 34.01 16.19 -5.65
CA GLU F 4 34.20 14.83 -5.14
C GLU F 4 33.15 14.49 -4.09
N ALA F 5 33.17 15.25 -3.00
CA ALA F 5 32.22 15.06 -1.90
C ALA F 5 30.79 15.18 -2.40
N LEU F 6 30.54 16.09 -3.34
CA LEU F 6 29.23 16.22 -3.93
C LEU F 6 28.85 15.00 -4.75
N GLN F 7 29.75 14.55 -5.60
CA GLN F 7 29.50 13.37 -6.41
C GLN F 7 29.26 12.14 -5.53
N GLY F 8 29.97 12.09 -4.41
CA GLY F 8 29.75 11.05 -3.41
C GLY F 8 28.42 11.23 -2.72
N GLN F 9 28.02 12.49 -2.55
CA GLN F 9 26.73 12.79 -1.93
C GLN F 9 25.58 12.37 -2.83
N VAL F 10 25.76 12.53 -4.14
CA VAL F 10 24.74 12.10 -5.10
C VAL F 10 24.75 10.59 -5.33
N GLN F 11 25.92 9.96 -5.27
CA GLN F 11 25.98 8.51 -5.45
C GLN F 11 25.37 7.79 -4.25
N HIS F 12 25.40 8.46 -3.10
CA HIS F 12 24.78 7.93 -1.89
C HIS F 12 23.27 8.09 -2.04
N LEU F 13 22.86 9.08 -2.84
CA LEU F 13 21.44 9.36 -3.04
C LEU F 13 20.80 8.38 -4.03
N GLN F 14 21.48 8.10 -5.14
CA GLN F 14 20.96 7.12 -6.10
C GLN F 14 20.95 5.74 -5.48
N ALA F 15 21.89 5.49 -4.57
CA ALA F 15 21.95 4.21 -3.88
C ALA F 15 20.72 4.03 -3.00
N ALA F 16 20.39 5.05 -2.21
CA ALA F 16 19.23 5.01 -1.33
C ALA F 16 17.94 5.02 -2.14
N PHE F 17 17.92 5.83 -3.19
CA PHE F 17 16.73 5.96 -4.03
C PHE F 17 16.43 4.65 -4.77
N SER F 18 17.48 3.99 -5.23
CA SER F 18 17.32 2.71 -5.93
C SER F 18 16.72 1.66 -5.01
N GLN F 19 17.03 1.77 -3.72
CA GLN F 19 16.49 0.85 -2.73
C GLN F 19 15.01 1.13 -2.48
N TYR F 20 14.65 2.41 -2.37
CA TYR F 20 13.25 2.78 -2.13
C TYR F 20 12.33 2.58 -3.34
N LYS F 21 12.90 2.60 -4.54
CA LYS F 21 12.13 2.28 -5.73
C LYS F 21 11.66 0.84 -5.62
N LYS F 22 12.57 -0.02 -5.20
CA LYS F 22 12.28 -1.44 -5.05
C LYS F 22 11.21 -1.65 -3.99
N VAL F 23 11.32 -0.91 -2.89
CA VAL F 23 10.37 -1.00 -1.79
C VAL F 23 8.98 -0.53 -2.20
N GLU F 24 8.94 0.55 -2.98
CA GLU F 24 7.67 1.13 -3.43
C GLU F 24 6.85 0.20 -4.30
N LEU F 25 7.50 -0.45 -5.25
CA LEU F 25 6.80 -1.28 -6.23
C LEU F 25 6.27 -2.59 -5.65
N PHE F 26 6.63 -2.88 -4.41
CA PHE F 26 6.12 -4.08 -3.74
C PHE F 26 5.00 -3.72 -2.77
N PRO F 27 3.85 -4.40 -2.88
CA PRO F 27 3.56 -5.44 -3.87
C PRO F 27 2.58 -5.00 -4.96
N ASN F 28 2.27 -3.71 -5.03
CA ASN F 28 1.25 -3.23 -5.97
C ASN F 28 1.80 -2.51 -7.19
N GLY F 29 3.09 -2.65 -7.44
CA GLY F 29 3.73 -1.95 -8.54
C GLY F 29 4.45 -2.85 -9.53
N GLN F 30 4.65 -2.33 -10.74
CA GLN F 30 5.40 -3.02 -11.77
C GLN F 30 6.12 -1.99 -12.62
N SER F 31 7.44 -2.15 -12.76
CA SER F 31 8.21 -1.25 -13.60
C SER F 31 8.66 -1.97 -14.87
N VAL F 32 8.36 -1.36 -16.01
CA VAL F 32 8.82 -1.87 -17.30
C VAL F 32 9.33 -0.73 -18.17
N GLY F 33 10.64 -0.71 -18.41
CA GLY F 33 11.27 0.41 -19.05
C GLY F 33 11.25 1.57 -18.10
N GLU F 34 10.83 2.74 -18.57
CA GLU F 34 10.73 3.91 -17.71
C GLU F 34 9.30 4.14 -17.25
N LYS F 35 8.44 3.16 -17.50
CA LYS F 35 7.03 3.25 -17.11
C LYS F 35 6.77 2.45 -15.85
N ILE F 36 5.91 2.97 -14.99
CA ILE F 36 5.54 2.29 -13.75
C ILE F 36 4.04 2.06 -13.68
N PHE F 37 3.64 0.80 -13.56
CA PHE F 37 2.24 0.45 -13.34
C PHE F 37 1.99 0.27 -11.85
N LYS F 38 0.94 0.90 -11.34
CA LYS F 38 0.54 0.68 -9.95
C LYS F 38 -0.97 0.56 -9.81
N THR F 39 -1.41 -0.48 -9.11
CA THR F 39 -2.82 -0.73 -8.90
C THR F 39 -3.27 -0.23 -7.54
N ALA F 40 -4.53 0.20 -7.46
CA ALA F 40 -5.09 0.70 -6.22
C ALA F 40 -5.62 -0.45 -5.37
N GLY F 41 -5.83 -1.60 -6.00
CA GLY F 41 -6.29 -2.78 -5.28
C GLY F 41 -7.79 -2.97 -5.34
N PHE F 42 -8.51 -1.94 -5.76
CA PHE F 42 -9.97 -2.00 -5.83
C PHE F 42 -10.52 -1.80 -7.24
N VAL F 43 -11.82 -2.04 -7.40
CA VAL F 43 -12.48 -1.88 -8.68
C VAL F 43 -13.38 -0.65 -8.76
N LYS F 44 -13.38 -0.01 -9.92
CA LYS F 44 -14.21 1.18 -10.16
C LYS F 44 -14.65 1.20 -11.63
N PRO F 45 -15.74 1.92 -11.91
CA PRO F 45 -16.11 2.18 -13.31
C PRO F 45 -15.01 2.96 -14.04
N PHE F 46 -15.06 3.00 -15.37
CA PHE F 46 -14.02 3.65 -16.16
C PHE F 46 -13.80 5.11 -15.80
N THR F 47 -14.88 5.88 -15.74
CA THR F 47 -14.79 7.32 -15.47
C THR F 47 -14.13 7.64 -14.13
N GLU F 48 -14.46 6.87 -13.10
CA GLU F 48 -13.80 7.02 -11.80
C GLU F 48 -12.35 6.57 -11.84
N ALA F 49 -12.10 5.47 -12.53
CA ALA F 49 -10.74 4.95 -12.67
C ALA F 49 -9.89 5.98 -13.40
N GLN F 50 -10.43 6.50 -14.50
CA GLN F 50 -9.74 7.50 -15.30
C GLN F 50 -9.51 8.76 -14.48
N LEU F 51 -10.50 9.08 -13.64
CA LEU F 51 -10.40 10.25 -12.77
C LEU F 51 -9.29 10.09 -11.73
N LEU F 52 -9.33 9.00 -10.98
CA LEU F 52 -8.37 8.75 -9.90
C LEU F 52 -6.93 8.82 -10.40
N CYS F 53 -6.70 8.29 -11.58
CA CYS F 53 -5.37 8.25 -12.19
C CYS F 53 -4.88 9.62 -12.63
N THR F 54 -5.78 10.41 -13.19
CA THR F 54 -5.41 11.74 -13.69
C THR F 54 -5.14 12.71 -12.53
N GLN F 55 -5.94 12.61 -11.48
CA GLN F 55 -5.69 13.39 -10.27
C GLN F 55 -4.44 12.91 -9.56
N ALA F 56 -4.05 11.67 -9.82
CA ALA F 56 -2.86 11.10 -9.19
C ALA F 56 -1.61 11.59 -9.92
N GLY F 57 -1.82 12.23 -11.06
CA GLY F 57 -0.72 12.80 -11.84
C GLY F 57 -0.31 11.95 -13.03
N GLY F 58 -1.06 10.88 -13.29
CA GLY F 58 -0.77 10.00 -14.39
C GLY F 58 -1.99 9.74 -15.24
N GLN F 59 -2.13 8.52 -15.73
CA GLN F 59 -3.29 8.13 -16.54
C GLN F 59 -3.52 6.64 -16.37
N LEU F 60 -4.61 6.13 -16.93
CA LEU F 60 -4.93 4.71 -16.85
C LEU F 60 -3.87 3.88 -17.58
N ALA F 61 -3.78 2.59 -17.23
CA ALA F 61 -2.78 1.69 -17.78
C ALA F 61 -2.81 1.68 -19.31
N SER F 62 -1.69 2.03 -19.93
CA SER F 62 -1.61 2.14 -21.37
C SER F 62 -0.44 1.34 -21.96
N PRO F 63 -0.59 0.00 -22.04
CA PRO F 63 0.46 -0.85 -22.58
C PRO F 63 0.68 -0.61 -24.08
N ARG F 64 1.92 -0.30 -24.44
CA ARG F 64 2.27 -0.02 -25.82
C ARG F 64 3.22 -1.06 -26.42
N SER F 65 3.49 -2.12 -25.65
CA SER F 65 4.36 -3.19 -26.10
C SER F 65 4.06 -4.49 -25.38
N ALA F 66 4.58 -5.60 -25.91
CA ALA F 66 4.38 -6.92 -25.32
C ALA F 66 4.99 -6.98 -23.92
N ALA F 67 6.12 -6.28 -23.76
CA ALA F 67 6.81 -6.23 -22.47
C ALA F 67 5.99 -5.50 -21.42
N GLU F 68 5.43 -4.34 -21.78
CA GLU F 68 4.62 -3.56 -20.86
C GLU F 68 3.33 -4.28 -20.53
N ASN F 69 2.78 -4.96 -21.52
CA ASN F 69 1.54 -5.71 -21.34
C ASN F 69 1.71 -6.88 -20.38
N ALA F 70 2.86 -7.54 -20.44
CA ALA F 70 3.16 -8.66 -19.55
C ALA F 70 3.34 -8.20 -18.11
N ALA F 71 3.97 -7.04 -17.94
CA ALA F 71 4.19 -6.46 -16.63
C ALA F 71 2.86 -6.05 -15.99
N LEU F 72 2.02 -5.39 -16.79
CA LEU F 72 0.69 -5.00 -16.36
C LEU F 72 -0.15 -6.22 -16.01
N GLN F 73 0.05 -7.29 -16.77
CA GLN F 73 -0.69 -8.53 -16.58
C GLN F 73 -0.46 -9.13 -15.19
N GLN F 74 0.75 -9.01 -14.67
CA GLN F 74 1.09 -9.60 -13.37
C GLN F 74 0.33 -8.95 -12.21
N LEU F 75 0.04 -7.66 -12.32
CA LEU F 75 -0.76 -6.97 -11.31
C LEU F 75 -2.19 -7.50 -11.33
N VAL F 76 -2.69 -7.81 -12.52
CA VAL F 76 -4.02 -8.38 -12.70
C VAL F 76 -4.10 -9.79 -12.11
N VAL F 77 -3.06 -10.59 -12.37
CA VAL F 77 -3.00 -11.96 -11.86
C VAL F 77 -2.92 -11.98 -10.33
N ALA F 78 -2.12 -11.08 -9.78
CA ALA F 78 -1.93 -10.99 -8.33
C ALA F 78 -3.23 -10.60 -7.63
N LYS F 79 -4.04 -9.80 -8.31
CA LYS F 79 -5.29 -9.29 -7.75
C LYS F 79 -6.51 -10.08 -8.25
N ASN F 80 -6.28 -10.95 -9.23
CA ASN F 80 -7.34 -11.76 -9.84
C ASN F 80 -8.54 -10.95 -10.30
N GLU F 81 -8.27 -9.79 -10.88
CA GLU F 81 -9.32 -8.89 -11.32
C GLU F 81 -8.92 -8.18 -12.61
N ALA F 82 -9.76 -8.30 -13.64
CA ALA F 82 -9.49 -7.64 -14.92
C ALA F 82 -9.43 -6.13 -14.75
N ALA F 83 -8.47 -5.49 -15.42
CA ALA F 83 -8.21 -4.08 -15.23
C ALA F 83 -8.52 -3.24 -16.47
N PHE F 84 -8.91 -1.99 -16.24
CA PHE F 84 -9.22 -1.07 -17.32
C PHE F 84 -7.96 -0.51 -17.96
N LEU F 85 -8.00 -0.35 -19.28
CA LEU F 85 -6.95 0.36 -19.99
C LEU F 85 -7.47 1.75 -20.34
N SER F 86 -6.58 2.64 -20.77
CA SER F 86 -6.96 4.02 -21.04
C SER F 86 -7.63 4.18 -22.41
N MET F 87 -7.41 3.21 -23.28
CA MET F 87 -7.87 3.32 -24.67
C MET F 87 -9.38 3.14 -24.82
N THR F 88 -9.98 3.97 -25.67
CA THR F 88 -11.41 3.92 -25.96
C THR F 88 -11.67 4.20 -27.43
N ASP F 89 -12.79 3.72 -27.95
CA ASP F 89 -13.22 4.09 -29.30
C ASP F 89 -14.48 4.95 -29.25
N SER F 90 -14.55 5.83 -28.25
CA SER F 90 -15.72 6.68 -28.04
C SER F 90 -15.92 7.69 -29.15
N LYS F 91 -14.82 8.29 -29.61
CA LYS F 91 -14.88 9.29 -30.67
C LYS F 91 -15.35 8.64 -31.96
N THR F 92 -14.51 7.79 -32.52
CA THR F 92 -14.86 7.03 -33.71
C THR F 92 -14.98 5.54 -33.38
N GLU F 93 -16.21 5.03 -33.41
CA GLU F 93 -16.46 3.62 -33.10
C GLU F 93 -15.68 2.68 -34.00
N GLY F 94 -15.02 1.69 -33.39
CA GLY F 94 -14.22 0.73 -34.11
C GLY F 94 -12.75 1.09 -34.12
N LYS F 95 -12.46 2.37 -33.95
CA LYS F 95 -11.08 2.86 -33.94
C LYS F 95 -10.66 3.24 -32.53
N PHE F 96 -9.89 2.38 -31.88
CA PHE F 96 -9.45 2.65 -30.51
C PHE F 96 -8.20 3.53 -30.49
N THR F 97 -8.19 4.51 -29.59
CA THR F 97 -7.11 5.48 -29.52
C THR F 97 -6.60 5.70 -28.10
N TYR F 98 -5.36 6.16 -28.00
CA TYR F 98 -4.78 6.58 -26.73
C TYR F 98 -5.34 7.95 -26.39
N PRO F 99 -5.15 8.41 -25.13
CA PRO F 99 -5.58 9.76 -24.75
C PRO F 99 -5.03 10.86 -25.65
N THR F 100 -3.92 10.58 -26.34
CA THR F 100 -3.33 11.53 -27.27
C THR F 100 -4.10 11.58 -28.59
N GLY F 101 -4.92 10.56 -28.83
CA GLY F 101 -5.76 10.52 -30.01
C GLY F 101 -5.24 9.60 -31.11
N GLU F 102 -3.98 9.19 -30.98
CA GLU F 102 -3.37 8.32 -31.98
C GLU F 102 -3.87 6.89 -31.87
N SER F 103 -3.80 6.16 -32.97
CA SER F 103 -4.29 4.79 -33.02
C SER F 103 -3.37 3.84 -32.28
N LEU F 104 -3.87 2.65 -31.96
CA LEU F 104 -3.10 1.64 -31.23
C LEU F 104 -1.85 1.22 -31.98
N VAL F 105 -0.72 1.22 -31.27
CA VAL F 105 0.55 0.73 -31.83
C VAL F 105 0.80 -0.69 -31.37
N TYR F 106 -0.07 -1.19 -30.50
CA TYR F 106 0.01 -2.55 -30.00
C TYR F 106 -1.36 -3.01 -29.49
N SER F 107 -1.69 -4.26 -29.78
CA SER F 107 -2.94 -4.84 -29.29
C SER F 107 -2.79 -6.34 -29.04
N ASN F 108 -3.58 -6.85 -28.11
CA ASN F 108 -3.55 -8.26 -27.76
C ASN F 108 -4.96 -8.76 -27.52
N TRP F 109 -5.83 -8.53 -28.51
CA TRP F 109 -7.24 -8.87 -28.41
C TRP F 109 -7.48 -10.35 -28.20
N ALA F 110 -8.47 -10.67 -27.38
CA ALA F 110 -8.93 -12.04 -27.20
C ALA F 110 -9.63 -12.47 -28.49
N PRO F 111 -9.79 -13.79 -28.68
CA PRO F 111 -10.51 -14.28 -29.86
C PRO F 111 -11.91 -13.69 -29.98
N GLY F 112 -12.23 -13.09 -31.12
CA GLY F 112 -13.54 -12.54 -31.37
C GLY F 112 -13.68 -11.09 -30.95
N GLU F 113 -12.63 -10.55 -30.36
CA GLU F 113 -12.64 -9.16 -29.87
C GLU F 113 -11.77 -8.27 -30.77
N PRO F 114 -12.11 -6.97 -30.87
CA PRO F 114 -13.26 -6.32 -30.24
C PRO F 114 -14.54 -6.57 -31.04
N ASN F 115 -15.66 -6.72 -30.34
CA ASN F 115 -16.93 -7.04 -30.98
C ASN F 115 -18.02 -5.97 -30.79
N ASP F 116 -17.75 -5.02 -29.90
CA ASP F 116 -18.71 -3.97 -29.57
C ASP F 116 -20.08 -4.56 -29.24
N ALA F 117 -20.08 -5.53 -28.32
CA ALA F 117 -21.29 -6.26 -27.94
C ALA F 117 -22.41 -5.34 -27.48
N GLY F 118 -23.58 -5.51 -28.08
CA GLY F 118 -24.73 -4.67 -27.79
C GLY F 118 -24.59 -3.28 -28.37
N GLY F 119 -23.58 -3.07 -29.22
CA GLY F 119 -23.32 -1.79 -29.82
C GLY F 119 -22.93 -0.72 -28.83
N SER F 120 -22.43 -1.14 -27.68
CA SER F 120 -22.11 -0.21 -26.61
C SER F 120 -20.91 -0.66 -25.77
N GLU F 121 -19.84 -1.09 -26.42
CA GLU F 121 -18.61 -1.42 -25.73
C GLU F 121 -17.46 -0.57 -26.25
N ASP F 122 -17.11 0.46 -25.48
CA ASP F 122 -16.12 1.44 -25.92
C ASP F 122 -14.84 1.51 -25.08
N CYS F 123 -14.78 0.76 -23.99
CA CYS F 123 -13.59 0.72 -23.15
C CYS F 123 -12.89 -0.63 -23.28
N VAL F 124 -11.65 -0.72 -22.79
CA VAL F 124 -10.87 -1.94 -22.92
C VAL F 124 -10.43 -2.50 -21.56
N GLU F 125 -10.55 -3.82 -21.41
CA GLU F 125 -10.07 -4.50 -20.20
C GLU F 125 -9.01 -5.54 -20.57
N ILE F 126 -8.16 -5.86 -19.60
CA ILE F 126 -7.15 -6.89 -19.79
C ILE F 126 -7.33 -8.03 -18.77
N PHE F 127 -7.35 -9.26 -19.26
CA PHE F 127 -7.61 -10.44 -18.42
C PHE F 127 -6.35 -10.96 -17.73
N THR F 128 -6.51 -12.00 -16.92
CA THR F 128 -5.38 -12.61 -16.21
C THR F 128 -4.41 -13.30 -17.18
N ASN F 129 -4.88 -13.58 -18.38
CA ASN F 129 -4.03 -14.17 -19.41
C ASN F 129 -3.42 -13.12 -20.34
N GLY F 130 -3.70 -11.85 -20.04
CA GLY F 130 -3.14 -10.74 -20.78
C GLY F 130 -3.91 -10.31 -22.02
N LYS F 131 -4.95 -11.08 -22.37
CA LYS F 131 -5.76 -10.78 -23.55
C LYS F 131 -6.68 -9.58 -23.32
N TRP F 132 -6.99 -8.86 -24.40
CA TRP F 132 -7.84 -7.67 -24.30
C TRP F 132 -9.28 -7.96 -24.70
N ASN F 133 -10.19 -7.14 -24.19
CA ASN F 133 -11.59 -7.24 -24.55
C ASN F 133 -12.26 -5.87 -24.44
N ASP F 134 -12.96 -5.47 -25.49
CA ASP F 134 -13.74 -4.24 -25.43
C ASP F 134 -14.99 -4.48 -24.59
N VAL F 135 -15.17 -3.65 -23.56
CA VAL F 135 -16.24 -3.86 -22.58
C VAL F 135 -16.94 -2.53 -22.29
N ALA F 136 -18.18 -2.61 -21.84
CA ALA F 136 -18.95 -1.42 -21.46
C ALA F 136 -18.22 -0.65 -20.37
N CYS F 137 -18.12 0.66 -20.55
CA CYS F 137 -17.35 1.52 -19.65
C CYS F 137 -17.95 1.65 -18.26
N GLY F 138 -19.21 1.25 -18.11
CA GLY F 138 -19.89 1.36 -16.83
C GLY F 138 -19.50 0.24 -15.88
N GLU F 139 -18.85 -0.78 -16.42
CA GLU F 139 -18.48 -1.96 -15.63
C GLU F 139 -17.38 -1.65 -14.62
N LYS F 140 -17.37 -2.40 -13.53
CA LYS F 140 -16.36 -2.22 -12.49
C LYS F 140 -15.15 -3.09 -12.78
N ARG F 141 -14.02 -2.45 -13.04
CA ARG F 141 -12.79 -3.17 -13.30
C ARG F 141 -11.65 -2.64 -12.43
N LEU F 142 -10.56 -3.40 -12.35
CA LEU F 142 -9.43 -3.03 -11.51
C LEU F 142 -8.82 -1.70 -11.95
N VAL F 143 -8.56 -0.82 -10.99
CA VAL F 143 -7.97 0.46 -11.31
C VAL F 143 -6.45 0.37 -11.29
N VAL F 144 -5.84 0.44 -12.47
CA VAL F 144 -4.38 0.43 -12.59
C VAL F 144 -3.91 1.63 -13.39
N CYS F 145 -3.07 2.44 -12.77
CA CYS F 145 -2.56 3.65 -13.40
C CYS F 145 -1.13 3.42 -13.92
N GLU F 146 -0.66 4.32 -14.78
CA GLU F 146 0.73 4.30 -15.20
C GLU F 146 1.40 5.65 -14.96
N PHE F 147 2.66 5.62 -14.54
CA PHE F 147 3.39 6.84 -14.23
C PHE F 147 4.74 6.87 -14.93
N ALA G 5 1.87 -14.34 -51.35
CA ALA G 5 1.36 -15.65 -50.96
C ALA G 5 2.38 -16.41 -50.13
N LEU G 6 3.64 -16.31 -50.49
CA LEU G 6 4.72 -16.95 -49.74
C LEU G 6 4.89 -16.36 -48.33
N GLN G 7 4.88 -15.03 -48.22
CA GLN G 7 5.00 -14.37 -46.91
C GLN G 7 3.88 -14.74 -45.95
N GLY G 8 2.72 -15.05 -46.50
CA GLY G 8 1.60 -15.52 -45.70
C GLY G 8 1.90 -16.88 -45.12
N GLN G 9 2.65 -17.69 -45.86
CA GLN G 9 3.06 -19.01 -45.39
C GLN G 9 4.06 -18.83 -44.25
N VAL G 10 4.88 -17.78 -44.34
CA VAL G 10 5.83 -17.43 -43.29
C VAL G 10 5.17 -16.79 -42.09
N GLN G 11 4.04 -16.11 -42.29
CA GLN G 11 3.34 -15.49 -41.17
C GLN G 11 2.75 -16.57 -40.27
N HIS G 12 2.44 -17.72 -40.86
CA HIS G 12 2.00 -18.86 -40.06
C HIS G 12 3.19 -19.52 -39.37
N LEU G 13 4.35 -19.41 -39.99
CA LEU G 13 5.55 -20.07 -39.46
C LEU G 13 6.13 -19.30 -38.28
N GLN G 14 6.23 -17.99 -38.41
CA GLN G 14 6.72 -17.14 -37.32
C GLN G 14 5.73 -17.12 -36.15
N ALA G 15 4.44 -17.25 -36.47
CA ALA G 15 3.40 -17.33 -35.47
C ALA G 15 3.52 -18.61 -34.65
N ALA G 16 3.70 -19.73 -35.34
CA ALA G 16 3.83 -21.03 -34.70
C ALA G 16 5.12 -21.10 -33.90
N PHE G 17 6.17 -20.50 -34.43
CA PHE G 17 7.47 -20.48 -33.77
C PHE G 17 7.43 -19.69 -32.46
N SER G 18 6.66 -18.61 -32.44
CA SER G 18 6.54 -17.80 -31.23
C SER G 18 5.93 -18.59 -30.08
N GLN G 19 5.01 -19.51 -30.40
CA GLN G 19 4.41 -20.36 -29.38
C GLN G 19 5.41 -21.43 -28.93
N TYR G 20 6.18 -21.97 -29.87
CA TYR G 20 7.17 -23.00 -29.55
C TYR G 20 8.30 -22.45 -28.69
N LYS G 21 8.59 -21.16 -28.84
CA LYS G 21 9.56 -20.48 -28.00
C LYS G 21 9.07 -20.46 -26.57
N LYS G 22 7.79 -20.11 -26.42
CA LYS G 22 7.16 -19.97 -25.12
C LYS G 22 7.12 -21.31 -24.40
N VAL G 23 6.80 -22.36 -25.15
CA VAL G 23 6.75 -23.72 -24.62
C VAL G 23 8.13 -24.20 -24.20
N GLU G 24 9.14 -23.86 -25.00
CA GLU G 24 10.52 -24.28 -24.74
C GLU G 24 11.08 -23.77 -23.42
N LEU G 25 10.87 -22.48 -23.15
CA LEU G 25 11.45 -21.85 -21.97
C LEU G 25 10.74 -22.25 -20.68
N PHE G 26 9.64 -22.98 -20.80
CA PHE G 26 8.89 -23.43 -19.62
C PHE G 26 9.20 -24.89 -19.30
N PRO G 27 9.58 -25.18 -18.04
CA PRO G 27 9.75 -24.20 -16.97
C PRO G 27 11.22 -23.97 -16.61
N ASN G 28 12.14 -24.49 -17.42
CA ASN G 28 13.55 -24.43 -17.07
C ASN G 28 14.34 -23.40 -17.86
N GLY G 29 13.65 -22.50 -18.52
CA GLY G 29 14.29 -21.48 -19.32
C GLY G 29 13.85 -20.08 -18.95
N GLN G 30 14.70 -19.11 -19.27
CA GLN G 30 14.39 -17.69 -19.07
C GLN G 30 15.05 -16.86 -20.15
N SER G 31 14.27 -16.03 -20.83
CA SER G 31 14.82 -15.17 -21.87
C SER G 31 14.88 -13.72 -21.42
N VAL G 32 16.05 -13.12 -21.57
CA VAL G 32 16.25 -11.70 -21.27
C VAL G 32 17.05 -11.04 -22.39
N GLY G 33 16.39 -10.15 -23.12
CA GLY G 33 16.97 -9.59 -24.32
C GLY G 33 17.04 -10.69 -25.36
N GLU G 34 18.19 -10.83 -26.00
CA GLU G 34 18.37 -11.88 -26.99
C GLU G 34 19.14 -13.07 -26.41
N LYS G 35 19.28 -13.08 -25.09
CA LYS G 35 19.97 -14.15 -24.38
C LYS G 35 18.98 -15.10 -23.72
N ILE G 36 19.31 -16.39 -23.73
CA ILE G 36 18.46 -17.40 -23.10
C ILE G 36 19.22 -18.21 -22.05
N PHE G 37 18.73 -18.18 -20.82
CA PHE G 37 19.28 -19.02 -19.76
C PHE G 37 18.46 -20.30 -19.66
N LYS G 38 19.14 -21.44 -19.57
CA LYS G 38 18.45 -22.70 -19.34
C LYS G 38 19.21 -23.55 -18.34
N THR G 39 18.48 -24.10 -17.37
CA THR G 39 19.09 -24.95 -16.36
C THR G 39 18.92 -26.42 -16.69
N ALA G 40 19.90 -27.23 -16.30
CA ALA G 40 19.88 -28.66 -16.56
C ALA G 40 19.10 -29.40 -15.49
N GLY G 41 18.90 -28.74 -14.35
CA GLY G 41 18.13 -29.30 -13.27
C GLY G 41 18.96 -30.01 -12.22
N PHE G 42 20.22 -30.31 -12.56
CA PHE G 42 21.10 -31.02 -11.66
C PHE G 42 22.34 -30.22 -11.26
N VAL G 43 23.08 -30.74 -10.29
CA VAL G 43 24.30 -30.08 -9.81
C VAL G 43 25.56 -30.79 -10.28
N LYS G 44 26.56 -29.98 -10.63
CA LYS G 44 27.85 -30.50 -11.09
C LYS G 44 28.98 -29.57 -10.64
N PRO G 45 30.20 -30.09 -10.56
CA PRO G 45 31.38 -29.24 -10.36
C PRO G 45 31.53 -28.25 -11.51
N PHE G 46 32.34 -27.21 -11.32
CA PHE G 46 32.50 -26.16 -12.32
C PHE G 46 32.96 -26.70 -13.67
N THR G 47 34.00 -27.53 -13.64
CA THR G 47 34.60 -28.06 -14.86
C THR G 47 33.63 -28.89 -15.71
N GLU G 48 32.84 -29.73 -15.06
CA GLU G 48 31.82 -30.52 -15.76
C GLU G 48 30.68 -29.64 -16.24
N ALA G 49 30.29 -28.69 -15.40
CA ALA G 49 29.23 -27.73 -15.75
C ALA G 49 29.64 -26.89 -16.96
N GLN G 50 30.87 -26.40 -16.94
CA GLN G 50 31.41 -25.59 -18.03
C GLN G 50 31.49 -26.40 -19.33
N LEU G 51 31.82 -27.69 -19.21
CA LEU G 51 31.91 -28.58 -20.36
C LEU G 51 30.53 -28.78 -21.01
N LEU G 52 29.55 -29.13 -20.19
CA LEU G 52 28.19 -29.38 -20.68
C LEU G 52 27.64 -28.22 -21.50
N CYS G 53 27.96 -27.00 -21.06
CA CYS G 53 27.50 -25.79 -21.74
C CYS G 53 28.16 -25.61 -23.09
N THR G 54 29.46 -25.91 -23.16
CA THR G 54 30.20 -25.72 -24.40
C THR G 54 29.81 -26.77 -25.44
N GLN G 55 29.61 -28.00 -25.01
CA GLN G 55 29.13 -29.05 -25.91
C GLN G 55 27.69 -28.79 -26.33
N ALA G 56 26.98 -27.99 -25.54
CA ALA G 56 25.60 -27.67 -25.85
C ALA G 56 25.54 -26.57 -26.90
N GLY G 57 26.69 -25.95 -27.19
CA GLY G 57 26.77 -24.91 -28.18
C GLY G 57 26.77 -23.53 -27.55
N GLY G 58 26.83 -23.47 -26.22
CA GLY G 58 26.84 -22.22 -25.50
C GLY G 58 27.95 -22.16 -24.48
N GLN G 59 27.68 -21.48 -23.36
CA GLN G 59 28.64 -21.36 -22.26
C GLN G 59 27.88 -21.20 -20.95
N LEU G 60 28.59 -21.23 -19.82
CA LEU G 60 27.94 -21.06 -18.53
C LEU G 60 27.27 -19.69 -18.42
N ALA G 61 26.29 -19.58 -17.54
CA ALA G 61 25.54 -18.34 -17.35
C ALA G 61 26.46 -17.17 -17.02
N SER G 62 26.36 -16.12 -17.84
CA SER G 62 27.21 -14.94 -17.69
C SER G 62 26.37 -13.67 -17.65
N PRO G 63 25.76 -13.37 -16.49
CA PRO G 63 24.94 -12.17 -16.37
C PRO G 63 25.77 -10.89 -16.51
N ARG G 64 25.37 -10.05 -17.45
CA ARG G 64 26.11 -8.82 -17.74
C ARG G 64 25.33 -7.57 -17.36
N SER G 65 24.14 -7.76 -16.77
CA SER G 65 23.31 -6.65 -16.35
C SER G 65 22.35 -7.07 -15.26
N ALA G 66 21.72 -6.09 -14.62
CA ALA G 66 20.74 -6.36 -13.57
C ALA G 66 19.54 -7.13 -14.14
N ALA G 67 19.19 -6.81 -15.38
CA ALA G 67 18.09 -7.48 -16.06
C ALA G 67 18.38 -8.96 -16.28
N GLU G 68 19.57 -9.25 -16.79
CA GLU G 68 19.98 -10.63 -17.03
C GLU G 68 20.17 -11.40 -15.72
N ASN G 69 20.72 -10.74 -14.71
CA ASN G 69 20.96 -11.37 -13.42
C ASN G 69 19.67 -11.74 -12.70
N ALA G 70 18.65 -10.89 -12.85
CA ALA G 70 17.36 -11.13 -12.20
C ALA G 70 16.64 -12.31 -12.84
N ALA G 71 16.77 -12.44 -14.16
CA ALA G 71 16.17 -13.54 -14.90
C ALA G 71 16.81 -14.87 -14.53
N LEU G 72 18.15 -14.88 -14.47
CA LEU G 72 18.90 -16.05 -14.06
C LEU G 72 18.57 -16.44 -12.63
N GLN G 73 18.33 -15.43 -11.80
CA GLN G 73 18.00 -15.60 -10.39
C GLN G 73 16.77 -16.48 -10.22
N GLN G 74 15.79 -16.32 -11.13
CA GLN G 74 14.54 -17.06 -11.05
C GLN G 74 14.72 -18.56 -11.24
N LEU G 75 15.66 -18.95 -12.11
CA LEU G 75 15.95 -20.37 -12.33
C LEU G 75 16.54 -20.97 -11.06
N VAL G 76 17.32 -20.17 -10.35
CA VAL G 76 17.89 -20.59 -9.07
C VAL G 76 16.81 -20.79 -8.01
N VAL G 77 15.86 -19.84 -7.97
CA VAL G 77 14.75 -19.89 -7.02
C VAL G 77 13.83 -21.09 -7.28
N ALA G 78 13.55 -21.35 -8.55
CA ALA G 78 12.67 -22.43 -8.96
C ALA G 78 13.23 -23.80 -8.57
N LYS G 79 14.54 -23.92 -8.58
CA LYS G 79 15.21 -25.17 -8.26
C LYS G 79 15.74 -25.20 -6.83
N ASN G 80 15.67 -24.06 -6.16
CA ASN G 80 16.20 -23.90 -4.80
C ASN G 80 17.65 -24.34 -4.70
N GLU G 81 18.43 -24.02 -5.72
CA GLU G 81 19.82 -24.48 -5.80
C GLU G 81 20.71 -23.40 -6.40
N ALA G 82 21.76 -23.03 -5.67
CA ALA G 82 22.71 -22.04 -6.15
C ALA G 82 23.40 -22.51 -7.41
N ALA G 83 23.57 -21.61 -8.38
CA ALA G 83 24.09 -21.98 -9.69
C ALA G 83 25.46 -21.37 -10.00
N PHE G 84 26.25 -22.08 -10.80
CA PHE G 84 27.57 -21.62 -11.20
C PHE G 84 27.49 -20.58 -12.32
N LEU G 85 28.37 -19.59 -12.23
CA LEU G 85 28.55 -18.62 -13.31
C LEU G 85 29.83 -18.95 -14.07
N SER G 86 30.03 -18.33 -15.23
CA SER G 86 31.20 -18.64 -16.06
C SER G 86 32.47 -17.93 -15.60
N MET G 87 32.31 -16.86 -14.84
CA MET G 87 33.46 -16.02 -14.47
C MET G 87 34.35 -16.66 -13.41
N THR G 88 35.67 -16.53 -13.61
CA THR G 88 36.66 -17.03 -12.66
C THR G 88 37.84 -16.07 -12.57
N ASP G 89 38.55 -16.10 -11.45
CA ASP G 89 39.80 -15.35 -11.30
C ASP G 89 40.99 -16.29 -11.25
N SER G 90 40.91 -17.34 -12.06
CA SER G 90 41.93 -18.40 -12.07
C SER G 90 43.29 -17.91 -12.57
N LYS G 91 43.29 -17.11 -13.63
CA LYS G 91 44.54 -16.57 -14.18
C LYS G 91 45.19 -15.59 -13.21
N THR G 92 44.55 -14.45 -13.03
CA THR G 92 45.01 -13.46 -12.07
C THR G 92 44.06 -13.38 -10.88
N GLU G 93 44.53 -13.86 -9.73
CA GLU G 93 43.73 -13.89 -8.51
C GLU G 93 43.24 -12.49 -8.12
N GLY G 94 41.95 -12.38 -7.82
CA GLY G 94 41.35 -11.11 -7.46
C GLY G 94 40.65 -10.42 -8.62
N LYS G 95 41.09 -10.75 -9.83
CA LYS G 95 40.51 -10.18 -11.05
C LYS G 95 39.64 -11.21 -11.76
N PHE G 96 38.32 -11.07 -11.62
CA PHE G 96 37.42 -12.03 -12.25
C PHE G 96 37.16 -11.67 -13.71
N THR G 97 37.19 -12.68 -14.57
CA THR G 97 37.02 -12.47 -16.01
C THR G 97 36.04 -13.46 -16.61
N TYR G 98 35.44 -13.08 -17.73
CA TYR G 98 34.59 -13.97 -18.50
C TYR G 98 35.50 -14.95 -19.22
N PRO G 99 34.95 -16.04 -19.77
CA PRO G 99 35.76 -16.99 -20.56
C PRO G 99 36.55 -16.34 -21.70
N THR G 100 36.09 -15.18 -22.18
CA THR G 100 36.78 -14.46 -23.24
C THR G 100 38.01 -13.73 -22.71
N GLY G 101 38.08 -13.59 -21.39
CA GLY G 101 39.23 -12.98 -20.75
C GLY G 101 39.01 -11.55 -20.29
N GLU G 102 37.95 -10.92 -20.77
CA GLU G 102 37.66 -9.54 -20.42
C GLU G 102 37.09 -9.40 -18.99
N SER G 103 37.27 -8.23 -18.40
CA SER G 103 36.83 -8.00 -17.02
C SER G 103 35.32 -7.85 -16.91
N LEU G 104 34.81 -8.00 -15.68
CA LEU G 104 33.38 -7.90 -15.40
C LEU G 104 32.80 -6.52 -15.72
N VAL G 105 31.70 -6.49 -16.45
CA VAL G 105 30.98 -5.25 -16.73
C VAL G 105 29.79 -5.09 -15.79
N TYR G 106 29.56 -6.12 -14.98
CA TYR G 106 28.48 -6.11 -14.00
C TYR G 106 28.78 -7.10 -12.87
N SER G 107 28.43 -6.72 -11.65
CA SER G 107 28.60 -7.60 -10.51
C SER G 107 27.51 -7.38 -9.47
N ASN G 108 27.20 -8.43 -8.71
CA ASN G 108 26.22 -8.34 -7.64
C ASN G 108 26.68 -9.16 -6.44
N TRP G 109 27.89 -8.87 -5.96
CA TRP G 109 28.49 -9.61 -4.85
C TRP G 109 27.68 -9.51 -3.56
N ALA G 110 27.63 -10.62 -2.83
CA ALA G 110 27.04 -10.62 -1.50
C ALA G 110 27.97 -9.84 -0.59
N PRO G 111 27.46 -9.38 0.56
CA PRO G 111 28.31 -8.67 1.52
C PRO G 111 29.53 -9.49 1.93
N GLY G 112 30.71 -8.89 1.81
CA GLY G 112 31.95 -9.53 2.22
C GLY G 112 32.62 -10.33 1.13
N GLU G 113 31.97 -10.41 -0.02
CA GLU G 113 32.48 -11.18 -1.16
C GLU G 113 32.96 -10.23 -2.26
N PRO G 114 33.96 -10.65 -3.05
CA PRO G 114 34.69 -11.93 -2.96
C PRO G 114 35.75 -11.90 -1.87
N ASN G 115 35.93 -13.03 -1.19
CA ASN G 115 36.88 -13.09 -0.08
C ASN G 115 38.01 -14.09 -0.29
N ASP G 116 37.88 -14.92 -1.32
CA ASP G 116 38.85 -15.98 -1.60
C ASP G 116 39.10 -16.82 -0.35
N ALA G 117 38.01 -17.25 0.28
CA ALA G 117 38.06 -17.98 1.54
C ALA G 117 38.93 -19.24 1.47
N GLY G 118 39.85 -19.36 2.41
CA GLY G 118 40.79 -20.47 2.43
C GLY G 118 41.84 -20.36 1.35
N GLY G 119 41.88 -19.21 0.68
CA GLY G 119 42.82 -18.97 -0.40
C GLY G 119 42.60 -19.88 -1.60
N SER G 120 41.38 -20.38 -1.74
CA SER G 120 41.06 -21.33 -2.79
C SER G 120 39.63 -21.19 -3.29
N GLU G 121 39.22 -19.96 -3.55
CA GLU G 121 37.91 -19.70 -4.15
C GLU G 121 38.04 -18.90 -5.43
N ASP G 122 37.93 -19.60 -6.56
CA ASP G 122 38.15 -18.97 -7.86
C ASP G 122 36.93 -18.96 -8.79
N CYS G 123 35.85 -19.61 -8.37
CA CYS G 123 34.62 -19.63 -9.17
C CYS G 123 33.51 -18.82 -8.50
N VAL G 124 32.43 -18.55 -9.23
CA VAL G 124 31.35 -17.73 -8.69
C VAL G 124 30.01 -18.47 -8.71
N GLU G 125 29.26 -18.35 -7.62
CA GLU G 125 27.92 -18.91 -7.55
C GLU G 125 26.90 -17.81 -7.31
N ILE G 126 25.67 -18.05 -7.73
CA ILE G 126 24.58 -17.09 -7.49
C ILE G 126 23.50 -17.71 -6.63
N PHE G 127 23.11 -16.99 -5.58
CA PHE G 127 22.14 -17.49 -4.62
C PHE G 127 20.71 -17.21 -5.07
N THR G 128 19.76 -17.65 -4.27
CA THR G 128 18.35 -17.44 -4.58
C THR G 128 17.98 -15.96 -4.50
N ASN G 129 18.81 -15.18 -3.82
CA ASN G 129 18.58 -13.74 -3.72
C ASN G 129 19.30 -12.94 -4.81
N GLY G 130 19.98 -13.66 -5.71
CA GLY G 130 20.63 -13.03 -6.83
C GLY G 130 22.03 -12.55 -6.55
N LYS G 131 22.43 -12.62 -5.28
CA LYS G 131 23.76 -12.17 -4.86
C LYS G 131 24.85 -13.18 -5.25
N TRP G 132 26.06 -12.68 -5.46
CA TRP G 132 27.18 -13.51 -5.88
C TRP G 132 28.09 -13.90 -4.73
N ASN G 133 28.79 -15.02 -4.89
CA ASN G 133 29.78 -15.46 -3.93
C ASN G 133 30.88 -16.26 -4.60
N ASP G 134 32.12 -15.88 -4.35
CA ASP G 134 33.25 -16.65 -4.85
C ASP G 134 33.37 -17.93 -4.01
N VAL G 135 33.36 -19.06 -4.70
CA VAL G 135 33.33 -20.36 -4.04
C VAL G 135 34.33 -21.30 -4.72
N ALA G 136 34.78 -22.33 -4.01
CA ALA G 136 35.70 -23.31 -4.58
C ALA G 136 35.09 -24.01 -5.78
N CYS G 137 35.87 -24.12 -6.85
CA CYS G 137 35.40 -24.66 -8.13
C CYS G 137 35.07 -26.15 -8.07
N GLY G 138 35.55 -26.82 -7.03
CA GLY G 138 35.31 -28.24 -6.89
C GLY G 138 33.92 -28.53 -6.34
N GLU G 139 33.25 -27.49 -5.85
CA GLU G 139 31.93 -27.63 -5.27
C GLU G 139 30.89 -27.93 -6.34
N LYS G 140 29.84 -28.65 -5.95
CA LYS G 140 28.76 -28.99 -6.87
C LYS G 140 27.63 -27.96 -6.80
N ARG G 141 27.39 -27.26 -7.91
CA ARG G 141 26.32 -26.27 -7.98
C ARG G 141 25.44 -26.48 -9.23
N LEU G 142 24.30 -25.79 -9.27
CA LEU G 142 23.34 -25.92 -10.37
C LEU G 142 23.93 -25.53 -11.72
N VAL G 143 23.70 -26.37 -12.72
CA VAL G 143 24.22 -26.13 -14.06
C VAL G 143 23.25 -25.27 -14.87
N VAL G 144 23.64 -24.03 -15.13
CA VAL G 144 22.83 -23.14 -15.97
C VAL G 144 23.65 -22.53 -17.10
N CYS G 145 23.25 -22.81 -18.34
CA CYS G 145 23.95 -22.29 -19.52
C CYS G 145 23.24 -21.11 -20.14
N GLU G 146 23.94 -20.39 -21.02
CA GLU G 146 23.34 -19.31 -21.79
C GLU G 146 23.52 -19.54 -23.29
N PHE G 147 22.46 -19.24 -24.05
CA PHE G 147 22.47 -19.49 -25.49
C PHE G 147 22.01 -18.26 -26.28
N VAL H 3 12.69 -15.90 -55.96
CA VAL H 3 11.56 -16.34 -55.16
C VAL H 3 11.56 -17.85 -54.93
N GLU H 4 11.85 -18.60 -55.99
CA GLU H 4 11.93 -20.06 -55.93
C GLU H 4 12.90 -20.55 -54.86
N ALA H 5 14.12 -20.02 -54.90
CA ALA H 5 15.14 -20.37 -53.91
C ALA H 5 14.64 -20.16 -52.49
N LEU H 6 13.86 -19.10 -52.30
CA LEU H 6 13.23 -18.83 -51.00
C LEU H 6 12.17 -19.88 -50.65
N GLN H 7 11.34 -20.25 -51.62
CA GLN H 7 10.26 -21.23 -51.42
C GLN H 7 10.79 -22.55 -50.88
N GLY H 8 11.97 -22.93 -51.35
CA GLY H 8 12.65 -24.12 -50.86
C GLY H 8 13.23 -23.91 -49.47
N GLN H 9 13.71 -22.69 -49.22
CA GLN H 9 14.29 -22.35 -47.94
C GLN H 9 13.25 -22.31 -46.81
N VAL H 10 12.04 -21.86 -47.12
CA VAL H 10 10.98 -21.83 -46.11
C VAL H 10 10.36 -23.22 -45.87
N GLN H 11 10.28 -24.04 -46.92
CA GLN H 11 9.74 -25.39 -46.78
C GLN H 11 10.74 -26.31 -46.06
N HIS H 12 12.02 -25.95 -46.14
CA HIS H 12 13.05 -26.68 -45.44
C HIS H 12 12.92 -26.34 -43.96
N LEU H 13 12.36 -25.16 -43.69
CA LEU H 13 12.22 -24.66 -42.33
C LEU H 13 11.02 -25.32 -41.62
N GLN H 14 9.91 -25.47 -42.33
CA GLN H 14 8.73 -26.14 -41.77
C GLN H 14 9.03 -27.60 -41.48
N ALA H 15 9.90 -28.19 -42.29
CA ALA H 15 10.31 -29.57 -42.10
C ALA H 15 11.08 -29.70 -40.80
N ALA H 16 12.06 -28.82 -40.60
CA ALA H 16 12.87 -28.84 -39.40
C ALA H 16 12.03 -28.44 -38.18
N PHE H 17 11.16 -27.45 -38.35
CA PHE H 17 10.33 -26.98 -37.25
C PHE H 17 9.33 -28.03 -36.78
N SER H 18 8.75 -28.75 -37.73
CA SER H 18 7.79 -29.81 -37.42
C SER H 18 8.47 -30.92 -36.63
N GLN H 19 9.74 -31.15 -36.92
CA GLN H 19 10.50 -32.19 -36.23
C GLN H 19 10.79 -31.75 -34.80
N TYR H 20 11.22 -30.51 -34.61
CA TYR H 20 11.51 -30.01 -33.26
C TYR H 20 10.23 -29.83 -32.47
N LYS H 21 9.12 -29.67 -33.19
CA LYS H 21 7.80 -29.62 -32.57
C LYS H 21 7.55 -30.94 -31.87
N LYS H 22 7.87 -32.03 -32.54
CA LYS H 22 7.69 -33.37 -31.99
C LYS H 22 8.62 -33.61 -30.80
N VAL H 23 9.87 -33.17 -30.97
CA VAL H 23 10.91 -33.35 -29.97
C VAL H 23 10.55 -32.58 -28.71
N GLU H 24 9.98 -31.39 -28.89
CA GLU H 24 9.61 -30.54 -27.77
C GLU H 24 8.60 -31.22 -26.84
N LEU H 25 7.59 -31.85 -27.43
CA LEU H 25 6.48 -32.43 -26.67
C LEU H 25 6.88 -33.68 -25.89
N PHE H 26 8.12 -34.14 -26.08
CA PHE H 26 8.60 -35.31 -25.35
C PHE H 26 9.46 -34.89 -24.17
N PRO H 27 9.12 -35.35 -22.97
CA PRO H 27 7.94 -36.20 -22.76
C PRO H 27 6.79 -35.50 -22.04
N ASN H 28 6.87 -34.19 -21.81
CA ASN H 28 5.86 -33.50 -20.99
C ASN H 28 4.85 -32.64 -21.74
N GLY H 29 4.72 -32.85 -23.05
CA GLY H 29 3.83 -32.03 -23.84
C GLY H 29 2.78 -32.81 -24.62
N GLN H 30 1.70 -32.13 -24.96
CA GLN H 30 0.63 -32.70 -25.77
C GLN H 30 -0.01 -31.63 -26.65
N SER H 31 -0.11 -31.89 -27.94
CA SER H 31 -0.74 -30.94 -28.86
C SER H 31 -2.11 -31.42 -29.34
N VAL H 32 -3.11 -30.56 -29.22
CA VAL H 32 -4.45 -30.83 -29.71
C VAL H 32 -5.00 -29.61 -30.44
N GLY H 33 -5.16 -29.73 -31.76
CA GLY H 33 -5.49 -28.57 -32.58
C GLY H 33 -4.29 -27.66 -32.61
N GLU H 34 -4.52 -26.37 -32.35
CA GLU H 34 -3.43 -25.40 -32.33
C GLU H 34 -3.01 -25.10 -30.90
N LYS H 35 -3.47 -25.92 -29.97
CA LYS H 35 -3.15 -25.74 -28.57
C LYS H 35 -2.10 -26.73 -28.10
N ILE H 36 -1.20 -26.27 -27.23
CA ILE H 36 -0.17 -27.14 -26.66
C ILE H 36 -0.25 -27.14 -25.14
N PHE H 37 -0.44 -28.32 -24.56
CA PHE H 37 -0.39 -28.48 -23.11
C PHE H 37 1.01 -28.92 -22.73
N LYS H 38 1.59 -28.27 -21.72
CA LYS H 38 2.87 -28.72 -21.18
C LYS H 38 2.87 -28.67 -19.66
N THR H 39 3.32 -29.76 -19.04
CA THR H 39 3.40 -29.81 -17.59
C THR H 39 4.82 -29.55 -17.10
N ALA H 40 4.93 -28.91 -15.95
CA ALA H 40 6.21 -28.58 -15.35
C ALA H 40 6.74 -29.79 -14.59
N GLY H 41 5.84 -30.73 -14.30
CA GLY H 41 6.21 -31.95 -13.61
C GLY H 41 5.98 -31.93 -12.11
N PHE H 42 5.77 -30.75 -11.55
CA PHE H 42 5.58 -30.63 -10.11
C PHE H 42 4.20 -30.10 -9.72
N VAL H 43 3.89 -30.16 -8.43
CA VAL H 43 2.61 -29.67 -7.95
C VAL H 43 2.75 -28.34 -7.20
N LYS H 44 1.77 -27.47 -7.40
CA LYS H 44 1.74 -26.17 -6.75
C LYS H 44 0.29 -25.79 -6.46
N PRO H 45 0.08 -24.91 -5.46
CA PRO H 45 -1.24 -24.30 -5.24
C PRO H 45 -1.66 -23.48 -6.46
N PHE H 46 -2.95 -23.13 -6.55
CA PHE H 46 -3.48 -22.44 -7.73
C PHE H 46 -2.75 -21.13 -8.05
N THR H 47 -2.57 -20.29 -7.05
CA THR H 47 -1.98 -18.97 -7.25
C THR H 47 -0.57 -19.01 -7.86
N GLU H 48 0.25 -19.94 -7.37
CA GLU H 48 1.57 -20.16 -7.97
C GLU H 48 1.51 -20.79 -9.35
N ALA H 49 0.63 -21.77 -9.53
CA ALA H 49 0.48 -22.42 -10.82
C ALA H 49 0.01 -21.41 -11.86
N GLN H 50 -0.98 -20.60 -11.49
CA GLN H 50 -1.50 -19.56 -12.37
C GLN H 50 -0.38 -18.58 -12.70
N LEU H 51 0.45 -18.33 -11.70
CA LEU H 51 1.59 -17.43 -11.85
C LEU H 51 2.60 -17.98 -12.85
N LEU H 52 3.04 -19.20 -12.61
CA LEU H 52 4.05 -19.84 -13.44
C LEU H 52 3.65 -19.88 -14.91
N CYS H 53 2.37 -20.14 -15.15
CA CYS H 53 1.87 -20.21 -16.52
C CYS H 53 1.82 -18.84 -17.20
N THR H 54 1.42 -17.82 -16.45
CA THR H 54 1.27 -16.48 -17.03
C THR H 54 2.62 -15.82 -17.34
N GLN H 55 3.60 -16.01 -16.46
CA GLN H 55 4.96 -15.51 -16.70
C GLN H 55 5.62 -16.29 -17.82
N ALA H 56 5.12 -17.50 -18.07
CA ALA H 56 5.67 -18.35 -19.11
C ALA H 56 5.11 -17.92 -20.46
N GLY H 57 4.14 -17.02 -20.42
CA GLY H 57 3.55 -16.47 -21.63
C GLY H 57 2.23 -17.11 -22.01
N GLY H 58 1.72 -17.96 -21.13
CA GLY H 58 0.46 -18.63 -21.37
C GLY H 58 -0.51 -18.53 -20.21
N GLN H 59 -1.27 -19.59 -19.98
CA GLN H 59 -2.22 -19.65 -18.87
C GLN H 59 -2.40 -21.10 -18.43
N LEU H 60 -3.10 -21.32 -17.33
CA LEU H 60 -3.35 -22.68 -16.86
C LEU H 60 -4.21 -23.44 -17.86
N ALA H 61 -4.15 -24.77 -17.77
CA ALA H 61 -4.86 -25.65 -18.70
C ALA H 61 -6.35 -25.31 -18.79
N SER H 62 -6.81 -25.02 -20.01
CA SER H 62 -8.20 -24.65 -20.23
C SER H 62 -8.86 -25.49 -21.32
N PRO H 63 -9.19 -26.75 -21.00
CA PRO H 63 -9.83 -27.63 -21.99
C PRO H 63 -11.22 -27.14 -22.40
N ARG H 64 -11.42 -26.94 -23.69
CA ARG H 64 -12.69 -26.43 -24.20
C ARG H 64 -13.46 -27.43 -25.05
N SER H 65 -12.95 -28.67 -25.13
CA SER H 65 -13.60 -29.71 -25.89
C SER H 65 -13.23 -31.08 -25.37
N ALA H 66 -13.96 -32.10 -25.81
CA ALA H 66 -13.67 -33.47 -25.40
C ALA H 66 -12.29 -33.90 -25.89
N ALA H 67 -11.90 -33.40 -27.06
CA ALA H 67 -10.59 -33.69 -27.62
C ALA H 67 -9.49 -33.06 -26.76
N GLU H 68 -9.66 -31.80 -26.41
CA GLU H 68 -8.68 -31.08 -25.59
C GLU H 68 -8.59 -31.66 -24.19
N ASN H 69 -9.73 -32.08 -23.64
CA ASN H 69 -9.74 -32.66 -22.32
C ASN H 69 -9.01 -34.00 -22.29
N ALA H 70 -9.14 -34.75 -23.38
CA ALA H 70 -8.48 -36.05 -23.49
C ALA H 70 -6.97 -35.91 -23.61
N ALA H 71 -6.52 -34.90 -24.36
CA ALA H 71 -5.10 -34.64 -24.52
C ALA H 71 -4.47 -34.22 -23.21
N LEU H 72 -5.14 -33.32 -22.50
CA LEU H 72 -4.71 -32.88 -21.20
C LEU H 72 -4.68 -34.05 -20.23
N GLN H 73 -5.65 -34.95 -20.39
CA GLN H 73 -5.76 -36.11 -19.52
C GLN H 73 -4.52 -37.00 -19.58
N GLN H 74 -3.92 -37.12 -20.77
CA GLN H 74 -2.76 -37.99 -20.94
C GLN H 74 -1.57 -37.55 -20.10
N LEU H 75 -1.39 -36.24 -19.96
CA LEU H 75 -0.33 -35.69 -19.13
C LEU H 75 -0.61 -35.99 -17.66
N VAL H 76 -1.87 -35.94 -17.28
CA VAL H 76 -2.30 -36.26 -15.92
C VAL H 76 -2.09 -37.75 -15.64
N VAL H 77 -2.44 -38.59 -16.62
CA VAL H 77 -2.28 -40.02 -16.49
C VAL H 77 -0.80 -40.41 -16.37
N ALA H 78 0.03 -39.78 -17.20
CA ALA H 78 1.47 -40.06 -17.23
C ALA H 78 2.14 -39.70 -15.90
N LYS H 79 1.63 -38.68 -15.23
CA LYS H 79 2.22 -38.21 -13.99
C LYS H 79 1.49 -38.74 -12.75
N ASN H 80 0.35 -39.40 -12.98
CA ASN H 80 -0.50 -39.91 -11.91
C ASN H 80 -0.82 -38.83 -10.88
N GLU H 81 -1.10 -37.63 -11.39
CA GLU H 81 -1.33 -36.47 -10.52
C GLU H 81 -2.42 -35.59 -11.10
N ALA H 82 -3.45 -35.33 -10.31
CA ALA H 82 -4.54 -34.44 -10.73
C ALA H 82 -4.00 -33.02 -10.96
N ALA H 83 -4.45 -32.39 -12.04
CA ALA H 83 -3.92 -31.10 -12.45
C ALA H 83 -4.95 -29.98 -12.35
N PHE H 84 -4.47 -28.76 -12.09
CA PHE H 84 -5.34 -27.60 -11.98
C PHE H 84 -5.76 -27.07 -13.34
N LEU H 85 -7.01 -26.64 -13.43
CA LEU H 85 -7.51 -25.95 -14.61
C LEU H 85 -7.56 -24.44 -14.31
N SER H 86 -7.75 -23.64 -15.35
CA SER H 86 -7.74 -22.20 -15.19
C SER H 86 -9.08 -21.66 -14.69
N MET H 87 -10.13 -22.45 -14.85
CA MET H 87 -11.49 -22.01 -14.53
C MET H 87 -11.77 -21.97 -13.03
N THR H 88 -12.43 -20.90 -12.59
CA THR H 88 -12.80 -20.72 -11.20
C THR H 88 -14.18 -20.07 -11.08
N ASP H 89 -14.85 -20.29 -9.96
CA ASP H 89 -16.09 -19.58 -9.66
C ASP H 89 -15.91 -18.61 -8.49
N SER H 90 -14.75 -17.96 -8.46
CA SER H 90 -14.41 -17.05 -7.38
C SER H 90 -15.27 -15.80 -7.36
N LYS H 91 -15.52 -15.24 -8.55
CA LYS H 91 -16.37 -14.05 -8.67
C LYS H 91 -17.81 -14.36 -8.30
N THR H 92 -18.48 -15.16 -9.12
CA THR H 92 -19.83 -15.60 -8.82
C THR H 92 -19.84 -17.09 -8.48
N GLU H 93 -20.07 -17.40 -7.21
CA GLU H 93 -20.08 -18.78 -6.73
C GLU H 93 -21.12 -19.63 -7.47
N GLY H 94 -20.68 -20.81 -7.91
CA GLY H 94 -21.54 -21.73 -8.63
C GLY H 94 -21.37 -21.60 -10.13
N LYS H 95 -20.92 -20.43 -10.57
CA LYS H 95 -20.71 -20.16 -11.99
C LYS H 95 -19.23 -20.14 -12.33
N PHE H 96 -18.75 -21.22 -12.93
CA PHE H 96 -17.33 -21.29 -13.31
C PHE H 96 -17.09 -20.62 -14.66
N THR H 97 -16.02 -19.84 -14.73
CA THR H 97 -15.70 -19.08 -15.92
C THR H 97 -14.22 -19.20 -16.28
N TYR H 98 -13.92 -18.99 -17.55
CA TYR H 98 -12.55 -18.92 -18.03
C TYR H 98 -11.97 -17.57 -17.60
N PRO H 99 -10.64 -17.41 -17.69
CA PRO H 99 -10.04 -16.10 -17.37
C PRO H 99 -10.67 -14.93 -18.14
N THR H 100 -11.29 -15.19 -19.28
CA THR H 100 -11.94 -14.15 -20.07
C THR H 100 -13.28 -13.75 -19.44
N GLY H 101 -13.78 -14.58 -18.54
CA GLY H 101 -14.99 -14.26 -17.82
C GLY H 101 -16.22 -14.95 -18.39
N GLU H 102 -16.11 -15.50 -19.59
CA GLU H 102 -17.25 -16.16 -20.20
C GLU H 102 -17.47 -17.52 -19.55
N SER H 103 -18.71 -17.99 -19.59
CA SER H 103 -19.05 -19.25 -18.94
C SER H 103 -18.51 -20.44 -19.70
N LEU H 104 -18.47 -21.59 -19.03
CA LEU H 104 -17.95 -22.83 -19.62
C LEU H 104 -18.73 -23.23 -20.86
N VAL H 105 -18.01 -23.49 -21.96
CA VAL H 105 -18.63 -23.97 -23.18
C VAL H 105 -18.46 -25.48 -23.26
N TYR H 106 -17.74 -26.03 -22.28
CA TYR H 106 -17.52 -27.46 -22.18
C TYR H 106 -17.19 -27.80 -20.73
N SER H 107 -17.71 -28.92 -20.26
CA SER H 107 -17.44 -29.38 -18.91
C SER H 107 -17.47 -30.90 -18.84
N ASN H 108 -16.74 -31.46 -17.90
CA ASN H 108 -16.71 -32.90 -17.72
C ASN H 108 -16.71 -33.25 -16.23
N TRP H 109 -17.68 -32.70 -15.51
CA TRP H 109 -17.75 -32.89 -14.07
C TRP H 109 -17.95 -34.35 -13.68
N ALA H 110 -17.30 -34.75 -12.60
CA ALA H 110 -17.51 -36.07 -12.01
C ALA H 110 -18.90 -36.10 -11.39
N PRO H 111 -19.44 -37.31 -11.15
CA PRO H 111 -20.74 -37.41 -10.47
C PRO H 111 -20.76 -36.69 -9.13
N GLY H 112 -21.73 -35.81 -8.93
CA GLY H 112 -21.88 -35.11 -7.67
C GLY H 112 -21.11 -33.80 -7.63
N GLU H 113 -20.32 -33.54 -8.67
CA GLU H 113 -19.52 -32.33 -8.75
C GLU H 113 -20.10 -31.38 -9.80
N PRO H 114 -19.92 -30.06 -9.60
CA PRO H 114 -19.27 -29.42 -8.46
C PRO H 114 -20.19 -29.32 -7.24
N ASN H 115 -19.62 -29.45 -6.05
CA ASN H 115 -20.39 -29.46 -4.82
C ASN H 115 -20.05 -28.33 -3.85
N ASP H 116 -18.96 -27.62 -4.14
CA ASP H 116 -18.45 -26.56 -3.27
C ASP H 116 -18.31 -27.08 -1.83
N ALA H 117 -17.63 -28.21 -1.70
CA ALA H 117 -17.48 -28.90 -0.43
C ALA H 117 -16.89 -28.02 0.67
N GLY H 118 -17.58 -27.98 1.81
CA GLY H 118 -17.17 -27.13 2.93
C GLY H 118 -17.43 -25.67 2.67
N GLY H 119 -18.13 -25.38 1.58
CA GLY H 119 -18.41 -24.01 1.18
C GLY H 119 -17.15 -23.23 0.80
N SER H 120 -16.12 -23.96 0.39
CA SER H 120 -14.84 -23.33 0.08
C SER H 120 -14.08 -24.04 -1.04
N GLU H 121 -14.78 -24.38 -2.12
CA GLU H 121 -14.13 -24.96 -3.29
C GLU H 121 -14.41 -24.12 -4.54
N ASP H 122 -13.41 -23.34 -4.95
CA ASP H 122 -13.59 -22.41 -6.06
C ASP H 122 -12.71 -22.68 -7.29
N CYS H 123 -11.81 -23.66 -7.18
CA CYS H 123 -10.95 -24.02 -8.31
C CYS H 123 -11.33 -25.39 -8.85
N VAL H 124 -10.80 -25.74 -10.02
CA VAL H 124 -11.12 -27.00 -10.66
C VAL H 124 -9.87 -27.86 -10.92
N GLU H 125 -9.99 -29.15 -10.65
CA GLU H 125 -8.93 -30.11 -10.95
C GLU H 125 -9.43 -31.16 -11.93
N ILE H 126 -8.51 -31.78 -12.66
CA ILE H 126 -8.86 -32.89 -13.56
C ILE H 126 -8.17 -34.18 -13.11
N PHE H 127 -8.95 -35.25 -12.99
CA PHE H 127 -8.41 -36.51 -12.48
C PHE H 127 -7.76 -37.34 -13.59
N THR H 128 -7.20 -38.48 -13.22
CA THR H 128 -6.55 -39.36 -14.18
C THR H 128 -7.56 -39.98 -15.14
N ASN H 129 -8.83 -39.95 -14.75
CA ASN H 129 -9.89 -40.47 -15.60
C ASN H 129 -10.54 -39.38 -16.46
N GLY H 130 -10.01 -38.16 -16.34
CA GLY H 130 -10.46 -37.05 -17.17
C GLY H 130 -11.65 -36.28 -16.61
N LYS H 131 -12.25 -36.77 -15.53
CA LYS H 131 -13.39 -36.11 -14.91
C LYS H 131 -12.98 -34.87 -14.10
N TRP H 132 -13.87 -33.91 -13.98
CA TRP H 132 -13.57 -32.67 -13.26
C TRP H 132 -14.11 -32.70 -11.84
N ASN H 133 -13.48 -31.92 -10.97
CA ASN H 133 -13.93 -31.77 -9.59
C ASN H 133 -13.52 -30.42 -9.05
N ASP H 134 -14.48 -29.70 -8.47
CA ASP H 134 -14.18 -28.43 -7.81
C ASP H 134 -13.46 -28.70 -6.49
N VAL H 135 -12.30 -28.09 -6.32
CA VAL H 135 -11.43 -28.36 -5.18
C VAL H 135 -10.89 -27.05 -4.60
N ALA H 136 -10.50 -27.09 -3.32
CA ALA H 136 -9.92 -25.93 -2.66
C ALA H 136 -8.66 -25.44 -3.38
N CYS H 137 -8.57 -24.13 -3.60
CA CYS H 137 -7.47 -23.53 -4.34
C CYS H 137 -6.13 -23.58 -3.61
N GLY H 138 -6.17 -23.85 -2.31
CA GLY H 138 -4.96 -23.93 -1.51
C GLY H 138 -4.26 -25.25 -1.67
N GLU H 139 -4.95 -26.21 -2.26
CA GLU H 139 -4.42 -27.56 -2.45
C GLU H 139 -3.33 -27.59 -3.51
N LYS H 140 -2.41 -28.56 -3.36
CA LYS H 140 -1.32 -28.73 -4.33
C LYS H 140 -1.73 -29.70 -5.43
N ARG H 141 -1.80 -29.20 -6.66
CA ARG H 141 -2.12 -30.05 -7.80
C ARG H 141 -1.11 -29.85 -8.92
N LEU H 142 -1.12 -30.76 -9.90
CA LEU H 142 -0.16 -30.70 -10.99
C LEU H 142 -0.26 -29.42 -11.80
N VAL H 143 0.89 -28.83 -12.10
CA VAL H 143 0.92 -27.61 -12.90
C VAL H 143 0.98 -27.94 -14.38
N VAL H 144 -0.12 -27.69 -15.09
CA VAL H 144 -0.14 -27.88 -16.54
C VAL H 144 -0.60 -26.61 -17.23
N CYS H 145 0.26 -26.06 -18.09
CA CYS H 145 -0.04 -24.82 -18.79
C CYS H 145 -0.46 -25.09 -20.24
N GLU H 146 -1.09 -24.10 -20.86
CA GLU H 146 -1.41 -24.20 -22.28
C GLU H 146 -0.86 -23.00 -23.04
N PHE H 147 -0.36 -23.26 -24.25
CA PHE H 147 0.27 -22.22 -25.05
C PHE H 147 -0.30 -22.14 -26.46
N LEU I 6 11.55 -9.41 -47.41
CA LEU I 6 10.91 -10.62 -46.92
C LEU I 6 11.92 -11.73 -46.64
N GLN I 7 12.87 -11.90 -47.55
CA GLN I 7 13.92 -12.89 -47.40
C GLN I 7 14.73 -12.63 -46.14
N GLY I 8 14.85 -11.35 -45.79
CA GLY I 8 15.51 -10.92 -44.58
C GLY I 8 14.71 -11.34 -43.36
N GLN I 9 13.39 -11.35 -43.52
CA GLN I 9 12.49 -11.78 -42.46
C GLN I 9 12.72 -13.27 -42.20
N VAL I 10 13.04 -13.99 -43.28
CA VAL I 10 13.35 -15.41 -43.17
C VAL I 10 14.74 -15.64 -42.57
N GLN I 11 15.67 -14.73 -42.83
CA GLN I 11 17.01 -14.85 -42.26
C GLN I 11 16.96 -14.62 -40.76
N HIS I 12 15.97 -13.85 -40.32
CA HIS I 12 15.77 -13.61 -38.89
C HIS I 12 15.15 -14.86 -38.25
N LEU I 13 14.41 -15.62 -39.03
CA LEU I 13 13.74 -16.80 -38.49
C LEU I 13 14.67 -18.00 -38.33
N GLN I 14 15.51 -18.25 -39.33
CA GLN I 14 16.50 -19.33 -39.23
C GLN I 14 17.50 -19.00 -38.14
N ALA I 15 17.74 -17.70 -37.94
CA ALA I 15 18.64 -17.24 -36.89
C ALA I 15 18.05 -17.55 -35.51
N ALA I 16 16.79 -17.15 -35.31
CA ALA I 16 16.13 -17.36 -34.02
C ALA I 16 15.91 -18.85 -33.75
N PHE I 17 15.54 -19.59 -34.79
CA PHE I 17 15.28 -21.01 -34.67
C PHE I 17 16.56 -21.77 -34.34
N SER I 18 17.68 -21.33 -34.92
CA SER I 18 18.97 -21.95 -34.68
C SER I 18 19.38 -21.84 -33.21
N GLN I 19 18.99 -20.75 -32.57
CA GLN I 19 19.30 -20.55 -31.17
C GLN I 19 18.45 -21.50 -30.32
N TYR I 20 17.16 -21.59 -30.65
CA TYR I 20 16.26 -22.48 -29.91
C TYR I 20 16.53 -23.95 -30.21
N LYS I 21 17.14 -24.24 -31.35
CA LYS I 21 17.58 -25.59 -31.64
C LYS I 21 18.60 -25.99 -30.58
N LYS I 22 19.54 -25.08 -30.33
CA LYS I 22 20.61 -25.31 -29.38
C LYS I 22 20.04 -25.42 -27.96
N VAL I 23 19.07 -24.57 -27.65
CA VAL I 23 18.42 -24.55 -26.34
C VAL I 23 17.64 -25.84 -26.08
N GLU I 24 16.98 -26.35 -27.12
CA GLU I 24 16.20 -27.58 -27.02
C GLU I 24 17.04 -28.81 -26.65
N LEU I 25 18.17 -28.97 -27.34
CA LEU I 25 19.00 -30.15 -27.18
C LEU I 25 19.76 -30.20 -25.86
N PHE I 26 19.69 -29.13 -25.08
CA PHE I 26 20.34 -29.09 -23.77
C PHE I 26 19.33 -29.34 -22.66
N PRO I 27 19.63 -30.30 -21.77
CA PRO I 27 20.83 -31.13 -21.79
C PRO I 27 20.55 -32.57 -22.20
N ASN I 28 19.35 -32.84 -22.70
CA ASN I 28 18.95 -34.21 -22.99
C ASN I 28 18.89 -34.57 -24.47
N GLY I 29 19.46 -33.71 -25.32
CA GLY I 29 19.38 -33.94 -26.75
C GLY I 29 20.70 -33.95 -27.49
N GLN I 30 20.72 -34.63 -28.64
CA GLN I 30 21.88 -34.68 -29.52
C GLN I 30 21.41 -34.76 -30.97
N SER I 31 21.90 -33.87 -31.81
CA SER I 31 21.54 -33.90 -33.23
C SER I 31 22.71 -34.36 -34.11
N VAL I 32 22.44 -35.34 -34.96
CA VAL I 32 23.43 -35.80 -35.93
C VAL I 32 22.77 -35.94 -37.30
N GLY I 33 23.14 -35.06 -38.22
CA GLY I 33 22.48 -35.00 -39.50
C GLY I 33 21.07 -34.47 -39.32
N GLU I 34 20.11 -35.16 -39.93
CA GLU I 34 18.70 -34.76 -39.80
C GLU I 34 17.97 -35.60 -38.76
N LYS I 35 18.74 -36.35 -37.99
CA LYS I 35 18.21 -37.19 -36.92
C LYS I 35 18.49 -36.55 -35.57
N ILE I 36 17.53 -36.66 -34.65
CA ILE I 36 17.70 -36.11 -33.31
C ILE I 36 17.49 -37.17 -32.24
N PHE I 37 18.49 -37.36 -31.38
CA PHE I 37 18.32 -38.25 -30.24
C PHE I 37 17.92 -37.42 -29.02
N LYS I 38 16.89 -37.88 -28.32
CA LYS I 38 16.48 -37.26 -27.05
C LYS I 38 16.12 -38.31 -26.01
N THR I 39 16.69 -38.18 -24.81
CA THR I 39 16.38 -39.11 -23.74
C THR I 39 15.39 -38.55 -22.73
N ALA I 40 14.60 -39.44 -22.15
CA ALA I 40 13.61 -39.06 -21.15
C ALA I 40 14.28 -38.97 -19.79
N GLY I 41 15.46 -39.58 -19.69
CA GLY I 41 16.23 -39.54 -18.47
C GLY I 41 16.10 -40.76 -17.59
N PHE I 42 15.09 -41.60 -17.86
CA PHE I 42 14.91 -42.79 -17.03
C PHE I 42 15.09 -44.12 -17.77
N VAL I 43 15.23 -45.18 -17.00
CA VAL I 43 15.47 -46.51 -17.53
C VAL I 43 14.25 -47.42 -17.44
N LYS I 44 14.03 -48.20 -18.50
CA LYS I 44 12.90 -49.12 -18.55
C LYS I 44 13.31 -50.36 -19.34
N PRO I 45 12.59 -51.47 -19.15
CA PRO I 45 12.76 -52.63 -20.03
C PRO I 45 12.46 -52.27 -21.48
N PHE I 46 12.87 -53.11 -22.42
CA PHE I 46 12.75 -52.80 -23.86
C PHE I 46 11.32 -52.48 -24.30
N THR I 47 10.37 -53.32 -23.92
CA THR I 47 8.98 -53.17 -24.34
C THR I 47 8.38 -51.82 -23.91
N GLU I 48 8.68 -51.39 -22.70
CA GLU I 48 8.29 -50.06 -22.23
C GLU I 48 9.02 -48.94 -22.95
N ALA I 49 10.32 -49.12 -23.17
CA ALA I 49 11.13 -48.14 -23.87
C ALA I 49 10.62 -47.94 -25.29
N GLN I 50 10.39 -49.07 -25.96
CA GLN I 50 9.90 -49.06 -27.32
C GLN I 50 8.52 -48.41 -27.38
N LEU I 51 7.71 -48.65 -26.35
CA LEU I 51 6.38 -48.06 -26.31
C LEU I 51 6.45 -46.54 -26.16
N LEU I 52 7.16 -46.07 -25.14
CA LEU I 52 7.24 -44.64 -24.84
C LEU I 52 7.70 -43.79 -26.02
N CYS I 53 8.66 -44.31 -26.79
CA CYS I 53 9.19 -43.60 -27.95
C CYS I 53 8.16 -43.52 -29.08
N THR I 54 7.41 -44.61 -29.28
CA THR I 54 6.43 -44.65 -30.36
C THR I 54 5.25 -43.72 -30.07
N GLN I 55 4.87 -43.62 -28.79
CA GLN I 55 3.83 -42.69 -28.37
C GLN I 55 4.30 -41.25 -28.52
N ALA I 56 5.62 -41.07 -28.52
CA ALA I 56 6.22 -39.75 -28.64
C ALA I 56 6.27 -39.30 -30.09
N GLY I 57 5.97 -40.22 -31.01
CA GLY I 57 5.97 -39.90 -32.42
C GLY I 57 7.24 -40.35 -33.13
N GLY I 58 8.09 -41.07 -32.41
CA GLY I 58 9.33 -41.56 -32.98
C GLY I 58 9.55 -43.05 -32.72
N GLN I 59 10.80 -43.43 -32.52
CA GLN I 59 11.15 -44.82 -32.24
C GLN I 59 12.42 -44.86 -31.40
N LEU I 60 12.78 -46.05 -30.93
CA LEU I 60 14.01 -46.20 -30.15
C LEU I 60 15.23 -45.84 -30.98
N ALA I 61 16.32 -45.51 -30.30
CA ALA I 61 17.55 -45.09 -30.96
C ALA I 61 18.02 -46.11 -31.98
N SER I 62 18.20 -45.66 -33.22
CA SER I 62 18.61 -46.54 -34.30
C SER I 62 19.84 -45.99 -35.03
N PRO I 63 21.02 -46.13 -34.42
CA PRO I 63 22.25 -45.62 -35.06
C PRO I 63 22.57 -46.38 -36.35
N ARG I 64 22.70 -45.63 -37.45
CA ARG I 64 22.96 -46.23 -38.76
C ARG I 64 24.33 -45.88 -39.33
N SER I 65 25.15 -45.18 -38.54
CA SER I 65 26.49 -44.81 -38.98
C SER I 65 27.40 -44.58 -37.77
N ALA I 66 28.70 -44.50 -38.02
CA ALA I 66 29.66 -44.23 -36.95
C ALA I 66 29.41 -42.84 -36.37
N ALA I 67 28.98 -41.94 -37.25
CA ALA I 67 28.68 -40.57 -36.84
C ALA I 67 27.47 -40.53 -35.90
N GLU I 68 26.40 -41.24 -36.28
CA GLU I 68 25.19 -41.29 -35.47
C GLU I 68 25.41 -42.04 -34.16
N ASN I 69 26.23 -43.08 -34.21
CA ASN I 69 26.53 -43.87 -33.03
C ASN I 69 27.31 -43.05 -32.00
N ALA I 70 28.19 -42.18 -32.49
CA ALA I 70 29.00 -41.32 -31.63
C ALA I 70 28.14 -40.26 -30.93
N ALA I 71 27.16 -39.74 -31.67
CA ALA I 71 26.25 -38.73 -31.14
C ALA I 71 25.35 -39.32 -30.06
N LEU I 72 24.83 -40.52 -30.33
CA LEU I 72 23.99 -41.22 -29.36
C LEU I 72 24.77 -41.51 -28.08
N GLN I 73 26.05 -41.80 -28.25
CA GLN I 73 26.92 -42.12 -27.12
C GLN I 73 27.00 -40.99 -26.09
N GLN I 74 27.00 -39.75 -26.56
CA GLN I 74 27.15 -38.61 -25.66
C GLN I 74 26.00 -38.50 -24.66
N LEU I 75 24.78 -38.85 -25.07
CA LEU I 75 23.67 -38.88 -24.13
C LEU I 75 23.86 -39.99 -23.11
N VAL I 76 24.42 -41.11 -23.56
CA VAL I 76 24.68 -42.23 -22.68
C VAL I 76 25.76 -41.87 -21.65
N VAL I 77 26.82 -41.20 -22.12
CA VAL I 77 27.90 -40.78 -21.23
C VAL I 77 27.40 -39.76 -20.21
N ALA I 78 26.60 -38.81 -20.68
CA ALA I 78 26.09 -37.74 -19.82
C ALA I 78 25.18 -38.28 -18.72
N LYS I 79 24.47 -39.36 -19.03
CA LYS I 79 23.54 -39.94 -18.08
C LYS I 79 24.15 -41.13 -17.33
N ASN I 80 25.35 -41.54 -17.74
CA ASN I 80 26.04 -42.68 -17.15
C ASN I 80 25.16 -43.93 -17.13
N GLU I 81 24.43 -44.16 -18.20
CA GLU I 81 23.50 -45.29 -18.26
C GLU I 81 23.43 -45.89 -19.67
N ALA I 82 23.70 -47.18 -19.79
CA ALA I 82 23.61 -47.87 -21.07
C ALA I 82 22.19 -47.81 -21.60
N ALA I 83 22.05 -47.54 -22.90
CA ALA I 83 20.73 -47.31 -23.50
C ALA I 83 20.34 -48.37 -24.52
N PHE I 84 19.03 -48.60 -24.63
CA PHE I 84 18.48 -49.58 -25.56
C PHE I 84 18.43 -49.04 -26.99
N LEU I 85 18.74 -49.91 -27.94
CA LEU I 85 18.54 -49.61 -29.35
C LEU I 85 17.28 -50.29 -29.84
N SER I 86 16.82 -49.92 -31.03
CA SER I 86 15.57 -50.45 -31.56
C SER I 86 15.77 -51.82 -32.21
N MET I 87 17.01 -52.13 -32.56
CA MET I 87 17.31 -53.36 -33.30
C MET I 87 17.22 -54.62 -32.45
N THR I 88 16.61 -55.66 -33.03
CA THR I 88 16.44 -56.95 -32.36
C THR I 88 16.62 -58.10 -33.35
N ASP I 89 17.00 -59.27 -32.84
CA ASP I 89 17.02 -60.49 -33.64
C ASP I 89 15.93 -61.46 -33.17
N SER I 90 14.79 -60.90 -32.80
CA SER I 90 13.67 -61.66 -32.27
C SER I 90 13.07 -62.59 -33.31
N LYS I 91 12.91 -62.10 -34.54
CA LYS I 91 12.35 -62.90 -35.62
C LYS I 91 13.29 -64.06 -35.99
N THR I 92 14.44 -63.72 -36.55
CA THR I 92 15.45 -64.71 -36.87
C THR I 92 16.69 -64.51 -35.98
N GLU I 93 16.91 -65.46 -35.07
CA GLU I 93 18.05 -65.39 -34.15
C GLU I 93 19.38 -65.28 -34.88
N GLY I 94 20.22 -64.33 -34.44
CA GLY I 94 21.52 -64.10 -35.05
C GLY I 94 21.49 -62.98 -36.07
N LYS I 95 20.31 -62.73 -36.63
CA LYS I 95 20.14 -61.70 -37.64
C LYS I 95 19.42 -60.50 -37.04
N PHE I 96 20.16 -59.44 -36.71
CA PHE I 96 19.55 -58.27 -36.10
C PHE I 96 18.96 -57.35 -37.16
N THR I 97 17.77 -56.83 -36.88
CA THR I 97 17.03 -56.02 -37.83
C THR I 97 16.45 -54.75 -37.22
N TYR I 98 16.25 -53.75 -38.07
CA TYR I 98 15.54 -52.52 -37.70
C TYR I 98 14.04 -52.86 -37.68
N PRO I 99 13.22 -51.97 -37.10
CA PRO I 99 11.76 -52.20 -37.13
C PRO I 99 11.20 -52.42 -38.53
N THR I 100 11.90 -51.93 -39.56
CA THR I 100 11.46 -52.11 -40.94
C THR I 100 11.75 -53.52 -41.46
N GLY I 101 12.59 -54.25 -40.74
CA GLY I 101 12.89 -55.63 -41.08
C GLY I 101 14.21 -55.85 -41.80
N GLU I 102 14.82 -54.78 -42.30
CA GLU I 102 16.08 -54.90 -43.01
C GLU I 102 17.23 -55.14 -42.04
N SER I 103 18.28 -55.78 -42.52
CA SER I 103 19.43 -56.12 -41.67
C SER I 103 20.25 -54.88 -41.34
N LEU I 104 21.09 -55.00 -40.33
CA LEU I 104 21.94 -53.89 -39.89
C LEU I 104 22.87 -53.41 -41.00
N VAL I 105 22.85 -52.11 -41.25
CA VAL I 105 23.77 -51.51 -42.22
C VAL I 105 24.97 -50.92 -41.49
N TYR I 106 24.92 -50.98 -40.16
CA TYR I 106 26.03 -50.51 -39.33
C TYR I 106 25.97 -51.20 -37.97
N SER I 107 27.14 -51.57 -37.46
CA SER I 107 27.23 -52.18 -36.14
C SER I 107 28.55 -51.80 -35.47
N ASN I 108 28.55 -51.76 -34.14
CA ASN I 108 29.74 -51.41 -33.39
C ASN I 108 29.84 -52.29 -32.14
N TRP I 109 29.78 -53.60 -32.36
CA TRP I 109 29.77 -54.57 -31.28
C TRP I 109 31.02 -54.53 -30.43
N ALA I 110 30.84 -54.75 -29.13
CA ALA I 110 31.95 -54.93 -28.20
C ALA I 110 32.61 -56.29 -28.51
N PRO I 111 33.85 -56.49 -28.04
CA PRO I 111 34.52 -57.79 -28.26
C PRO I 111 33.71 -58.98 -27.76
N GLY I 112 33.50 -59.96 -28.63
CA GLY I 112 32.79 -61.17 -28.25
C GLY I 112 31.29 -61.07 -28.46
N GLU I 113 30.84 -59.90 -28.87
CA GLU I 113 29.42 -59.67 -29.08
C GLU I 113 29.09 -59.58 -30.57
N PRO I 114 27.86 -59.99 -30.96
CA PRO I 114 26.81 -60.52 -30.08
C PRO I 114 27.06 -61.99 -29.75
N ASN I 115 26.73 -62.41 -28.53
CA ASN I 115 26.99 -63.77 -28.09
C ASN I 115 25.73 -64.56 -27.73
N ASP I 116 24.60 -63.85 -27.67
CA ASP I 116 23.31 -64.45 -27.29
C ASP I 116 23.48 -65.22 -25.98
N ALA I 117 24.04 -64.54 -24.98
CA ALA I 117 24.34 -65.15 -23.68
C ALA I 117 23.11 -65.79 -23.03
N GLY I 118 23.26 -67.06 -22.65
CA GLY I 118 22.16 -67.82 -22.07
C GLY I 118 21.11 -68.19 -23.10
N GLY I 119 21.42 -67.95 -24.37
CA GLY I 119 20.50 -68.21 -25.46
C GLY I 119 19.25 -67.36 -25.41
N SER I 120 19.34 -66.22 -24.74
CA SER I 120 18.19 -65.36 -24.52
C SER I 120 18.57 -63.87 -24.50
N GLU I 121 19.38 -63.46 -25.47
CA GLU I 121 19.71 -62.06 -25.65
C GLU I 121 19.31 -61.60 -27.05
N ASP I 122 18.18 -60.91 -27.14
CA ASP I 122 17.63 -60.51 -28.42
C ASP I 122 17.54 -58.99 -28.63
N CYS I 123 17.85 -58.21 -27.60
CA CYS I 123 17.86 -56.76 -27.73
C CYS I 123 19.29 -56.21 -27.66
N VAL I 124 19.45 -54.94 -28.01
CA VAL I 124 20.77 -54.34 -28.06
C VAL I 124 20.91 -53.12 -27.15
N GLU I 125 22.04 -53.05 -26.45
CA GLU I 125 22.36 -51.89 -25.63
C GLU I 125 23.65 -51.24 -26.12
N ILE I 126 23.81 -49.96 -25.84
CA ILE I 126 25.03 -49.25 -26.17
C ILE I 126 25.68 -48.72 -24.89
N PHE I 127 26.97 -49.01 -24.71
CA PHE I 127 27.67 -48.64 -23.48
C PHE I 127 28.11 -47.20 -23.53
N THR I 128 28.72 -46.73 -22.44
CA THR I 128 29.21 -45.35 -22.40
C THR I 128 30.39 -45.15 -23.35
N ASN I 129 31.02 -46.24 -23.76
CA ASN I 129 32.14 -46.15 -24.69
C ASN I 129 31.70 -46.30 -26.15
N GLY I 130 30.39 -46.41 -26.36
CA GLY I 130 29.82 -46.47 -27.69
C GLY I 130 29.75 -47.86 -28.28
N LYS I 131 30.34 -48.85 -27.59
CA LYS I 131 30.31 -50.22 -28.08
C LYS I 131 28.95 -50.88 -27.84
N TRP I 132 28.61 -51.84 -28.70
CA TRP I 132 27.31 -52.51 -28.61
C TRP I 132 27.40 -53.85 -27.91
N ASN I 133 26.28 -54.27 -27.33
CA ASN I 133 26.16 -55.58 -26.72
C ASN I 133 24.73 -56.07 -26.76
N ASP I 134 24.54 -57.29 -27.25
CA ASP I 134 23.23 -57.90 -27.22
C ASP I 134 22.90 -58.33 -25.79
N VAL I 135 21.77 -57.87 -25.29
CA VAL I 135 21.39 -58.09 -23.90
C VAL I 135 19.93 -58.53 -23.83
N ALA I 136 19.57 -59.22 -22.75
CA ALA I 136 18.19 -59.65 -22.54
C ALA I 136 17.24 -58.44 -22.52
N CYS I 137 16.12 -58.57 -23.22
CA CYS I 137 15.17 -57.46 -23.38
C CYS I 137 14.46 -57.10 -22.08
N GLY I 138 14.55 -57.98 -21.09
CA GLY I 138 13.90 -57.77 -19.81
C GLY I 138 14.69 -56.82 -18.92
N GLU I 139 15.93 -56.56 -19.30
CA GLU I 139 16.81 -55.69 -18.53
C GLU I 139 16.38 -54.22 -18.62
N LYS I 140 16.67 -53.44 -17.59
CA LYS I 140 16.35 -52.03 -17.59
C LYS I 140 17.51 -51.20 -18.14
N ARG I 141 17.28 -50.53 -19.25
CA ARG I 141 18.30 -49.65 -19.85
C ARG I 141 17.71 -48.27 -20.16
N LEU I 142 18.58 -47.31 -20.43
CA LEU I 142 18.15 -45.94 -20.71
C LEU I 142 17.27 -45.85 -21.95
N VAL I 143 16.15 -45.13 -21.83
CA VAL I 143 15.25 -44.95 -22.96
C VAL I 143 15.69 -43.74 -23.76
N VAL I 144 16.20 -43.97 -24.97
CA VAL I 144 16.60 -42.89 -25.86
C VAL I 144 15.87 -43.02 -27.18
N CYS I 145 15.11 -41.99 -27.53
CA CYS I 145 14.29 -42.01 -28.74
C CYS I 145 14.99 -41.25 -29.86
N GLU I 146 14.55 -41.48 -31.09
CA GLU I 146 15.05 -40.70 -32.22
C GLU I 146 13.91 -40.07 -33.01
N PHE I 147 14.15 -38.85 -33.48
CA PHE I 147 13.13 -38.09 -34.21
C PHE I 147 13.68 -37.56 -35.53
N LEU J 6 -13.22 48.39 5.09
CA LEU J 6 -14.55 47.98 4.66
C LEU J 6 -14.85 48.44 3.24
N GLN J 7 -14.46 49.68 2.93
CA GLN J 7 -14.64 50.22 1.58
C GLN J 7 -13.88 49.38 0.57
N GLY J 8 -12.74 48.86 1.00
CA GLY J 8 -11.94 47.96 0.21
C GLY J 8 -12.59 46.60 0.11
N GLN J 9 -13.27 46.21 1.19
CA GLN J 9 -13.96 44.93 1.27
C GLN J 9 -15.13 44.87 0.31
N VAL J 10 -15.82 45.99 0.14
CA VAL J 10 -16.96 46.04 -0.75
C VAL J 10 -16.56 46.11 -2.22
N GLN J 11 -15.50 46.85 -2.52
CA GLN J 11 -15.00 46.95 -3.89
C GLN J 11 -14.27 45.68 -4.30
N HIS J 12 -13.77 44.94 -3.33
CA HIS J 12 -13.14 43.65 -3.60
C HIS J 12 -14.25 42.66 -3.93
N LEU J 13 -15.45 42.94 -3.42
CA LEU J 13 -16.58 42.06 -3.62
C LEU J 13 -17.17 42.24 -5.02
N GLN J 14 -17.31 43.48 -5.47
CA GLN J 14 -17.80 43.76 -6.83
C GLN J 14 -16.86 43.22 -7.88
N ALA J 15 -15.57 43.22 -7.54
CA ALA J 15 -14.55 42.70 -8.43
C ALA J 15 -14.75 41.20 -8.63
N ALA J 16 -14.92 40.49 -7.51
CA ALA J 16 -15.14 39.05 -7.57
C ALA J 16 -16.49 38.75 -8.21
N PHE J 17 -17.48 39.59 -7.91
CA PHE J 17 -18.83 39.41 -8.47
C PHE J 17 -18.85 39.67 -9.97
N SER J 18 -18.09 40.67 -10.43
CA SER J 18 -18.02 40.98 -11.86
C SER J 18 -17.45 39.81 -12.65
N GLN J 19 -16.52 39.10 -12.04
CA GLN J 19 -15.92 37.93 -12.68
C GLN J 19 -16.94 36.81 -12.69
N TYR J 20 -17.66 36.67 -11.58
CA TYR J 20 -18.67 35.63 -11.43
C TYR J 20 -19.87 35.86 -12.34
N LYS J 21 -20.15 37.13 -12.65
CA LYS J 21 -21.20 37.46 -13.60
C LYS J 21 -20.87 36.90 -14.96
N LYS J 22 -19.61 37.10 -15.35
CA LYS J 22 -19.12 36.70 -16.66
C LYS J 22 -19.13 35.19 -16.81
N VAL J 23 -18.76 34.48 -15.74
CA VAL J 23 -18.72 33.03 -15.73
C VAL J 23 -20.11 32.43 -15.86
N GLU J 24 -21.08 33.06 -15.19
CA GLU J 24 -22.47 32.60 -15.21
C GLU J 24 -23.09 32.59 -16.60
N LEU J 25 -22.90 33.69 -17.34
CA LEU J 25 -23.55 33.86 -18.63
C LEU J 25 -22.94 32.99 -19.75
N PHE J 26 -21.85 32.30 -19.44
CA PHE J 26 -21.22 31.42 -20.43
C PHE J 26 -21.62 29.97 -20.20
N PRO J 27 -22.09 29.29 -21.26
CA PRO J 27 -22.29 29.84 -22.60
C PRO J 27 -23.76 30.03 -22.93
N ASN J 28 -24.63 29.89 -21.94
CA ASN J 28 -26.06 29.90 -22.17
C ASN J 28 -26.76 31.20 -21.77
N GLY J 29 -25.98 32.25 -21.57
CA GLY J 29 -26.53 33.53 -21.14
C GLY J 29 -26.15 34.68 -22.05
N GLN J 30 -26.98 35.73 -22.01
CA GLN J 30 -26.73 36.95 -22.76
C GLN J 30 -27.26 38.13 -21.95
N SER J 31 -26.41 39.11 -21.68
CA SER J 31 -26.85 40.29 -20.94
C SER J 31 -26.92 41.51 -21.84
N VAL J 32 -28.07 42.18 -21.82
CA VAL J 32 -28.26 43.42 -22.57
C VAL J 32 -28.97 44.45 -21.68
N GLY J 33 -28.23 45.49 -21.29
CA GLY J 33 -28.71 46.43 -20.30
C GLY J 33 -28.76 45.77 -18.93
N GLU J 34 -29.88 45.93 -18.23
CA GLU J 34 -30.05 45.30 -16.93
C GLU J 34 -30.87 44.03 -17.02
N LYS J 35 -31.10 43.56 -18.24
CA LYS J 35 -31.86 42.34 -18.48
C LYS J 35 -30.92 41.20 -18.83
N ILE J 36 -31.24 40.00 -18.33
CA ILE J 36 -30.45 38.81 -18.62
C ILE J 36 -31.28 37.72 -19.27
N PHE J 37 -30.86 37.31 -20.46
CA PHE J 37 -31.48 36.18 -21.13
C PHE J 37 -30.67 34.92 -20.82
N LYS J 38 -31.36 33.86 -20.44
CA LYS J 38 -30.72 32.56 -20.26
C LYS J 38 -31.59 31.45 -20.82
N THR J 39 -30.98 30.58 -21.62
CA THR J 39 -31.70 29.46 -22.19
C THR J 39 -31.46 28.19 -21.39
N ALA J 40 -32.46 27.31 -21.39
CA ALA J 40 -32.37 26.07 -20.66
C ALA J 40 -31.67 25.02 -21.51
N GLY J 41 -31.61 25.25 -22.81
CA GLY J 41 -30.94 24.36 -23.72
C GLY J 41 -31.88 23.36 -24.35
N PHE J 42 -33.07 23.23 -23.77
CA PHE J 42 -34.06 22.27 -24.26
C PHE J 42 -35.35 22.92 -24.76
N VAL J 43 -36.19 22.11 -25.39
CA VAL J 43 -37.46 22.59 -25.93
C VAL J 43 -38.66 22.12 -25.10
N LYS J 44 -39.65 23.00 -24.98
CA LYS J 44 -40.89 22.71 -24.27
C LYS J 44 -42.04 23.42 -24.96
N PRO J 45 -43.28 22.92 -24.77
CA PRO J 45 -44.46 23.68 -25.18
C PRO J 45 -44.54 25.00 -24.44
N PHE J 46 -45.35 25.93 -24.91
CA PHE J 46 -45.43 27.26 -24.32
C PHE J 46 -45.77 27.23 -22.83
N THR J 47 -46.81 26.47 -22.48
CA THR J 47 -47.31 26.42 -21.11
C THR J 47 -46.24 25.98 -20.09
N GLU J 48 -45.46 24.97 -20.45
CA GLU J 48 -44.32 24.54 -19.62
C GLU J 48 -43.16 25.52 -19.63
N ALA J 49 -42.85 26.10 -20.78
CA ALA J 49 -41.77 27.06 -20.88
C ALA J 49 -42.06 28.27 -20.01
N GLN J 50 -43.26 28.83 -20.13
CA GLN J 50 -43.67 29.98 -19.33
C GLN J 50 -43.68 29.64 -17.85
N LEU J 51 -44.10 28.41 -17.55
CA LEU J 51 -44.18 27.92 -16.19
C LEU J 51 -42.80 27.87 -15.54
N LEU J 52 -41.86 27.20 -16.21
CA LEU J 52 -40.50 27.05 -15.70
C LEU J 52 -39.84 28.41 -15.41
N CYS J 53 -40.09 29.38 -16.27
CA CYS J 53 -39.51 30.72 -16.12
C CYS J 53 -40.09 31.48 -14.93
N THR J 54 -41.41 31.37 -14.73
CA THR J 54 -42.07 32.10 -13.66
C THR J 54 -41.72 31.56 -12.28
N GLN J 55 -41.63 30.23 -12.17
CA GLN J 55 -41.22 29.60 -10.92
C GLN J 55 -39.75 29.88 -10.64
N ALA J 56 -39.01 30.19 -11.70
CA ALA J 56 -37.59 30.47 -11.57
C ALA J 56 -37.36 31.89 -11.08
N GLY J 57 -38.44 32.67 -11.04
CA GLY J 57 -38.38 34.04 -10.55
C GLY J 57 -38.36 35.09 -11.65
N GLY J 58 -38.50 34.66 -12.89
CA GLY J 58 -38.51 35.58 -14.01
C GLY J 58 -39.70 35.30 -14.91
N GLN J 59 -39.51 35.48 -16.22
CA GLN J 59 -40.57 35.16 -17.18
C GLN J 59 -39.91 34.82 -18.52
N LEU J 60 -40.73 34.40 -19.49
CA LEU J 60 -40.22 34.08 -20.81
C LEU J 60 -39.58 35.30 -21.48
N ALA J 61 -38.71 35.05 -22.47
CA ALA J 61 -37.99 36.11 -23.17
C ALA J 61 -38.92 37.17 -23.74
N SER J 62 -38.70 38.42 -23.34
CA SER J 62 -39.56 39.53 -23.76
C SER J 62 -38.74 40.69 -24.33
N PRO J 63 -38.24 40.55 -25.57
CA PRO J 63 -37.43 41.61 -26.18
C PRO J 63 -38.24 42.88 -26.43
N ARG J 64 -37.77 44.00 -25.90
CA ARG J 64 -38.47 45.27 -26.02
C ARG J 64 -37.72 46.28 -26.87
N SER J 65 -36.59 45.85 -27.45
CA SER J 65 -35.79 46.71 -28.30
C SER J 65 -34.98 45.87 -29.27
N ALA J 66 -34.44 46.50 -30.31
CA ALA J 66 -33.63 45.81 -31.30
C ALA J 66 -32.37 45.24 -30.65
N ALA J 67 -31.85 45.95 -29.66
CA ALA J 67 -30.66 45.51 -28.93
C ALA J 67 -30.95 44.24 -28.14
N GLU J 68 -32.09 44.22 -27.44
CA GLU J 68 -32.48 43.06 -26.66
C GLU J 68 -32.79 41.86 -27.56
N ASN J 69 -33.41 42.13 -28.71
CA ASN J 69 -33.77 41.08 -29.66
C ASN J 69 -32.54 40.41 -30.25
N ALA J 70 -31.49 41.20 -30.50
CA ALA J 70 -30.24 40.69 -31.06
C ALA J 70 -29.51 39.81 -30.07
N ALA J 71 -29.57 40.18 -28.79
CA ALA J 71 -28.94 39.40 -27.74
C ALA J 71 -29.62 38.06 -27.61
N LEU J 72 -30.95 38.07 -27.59
CA LEU J 72 -31.75 36.85 -27.52
C LEU J 72 -31.52 35.98 -28.75
N GLN J 73 -31.35 36.63 -29.91
CA GLN J 73 -31.13 35.94 -31.18
C GLN J 73 -29.88 35.05 -31.14
N GLN J 74 -28.84 35.53 -30.47
CA GLN J 74 -27.57 34.81 -30.40
C GLN J 74 -27.69 33.48 -29.65
N LEU J 75 -28.57 33.45 -28.65
CA LEU J 75 -28.82 32.21 -27.91
C LEU J 75 -29.49 31.18 -28.82
N VAL J 76 -30.36 31.67 -29.70
CA VAL J 76 -31.07 30.82 -30.66
C VAL J 76 -30.11 30.25 -31.70
N VAL J 77 -29.21 31.09 -32.20
CA VAL J 77 -28.22 30.67 -33.19
C VAL J 77 -27.29 29.60 -32.61
N ALA J 78 -26.86 29.80 -31.37
CA ALA J 78 -25.95 28.88 -30.70
C ALA J 78 -26.57 27.50 -30.51
N LYS J 79 -27.88 27.48 -30.32
CA LYS J 79 -28.60 26.24 -30.09
C LYS J 79 -29.28 25.69 -31.33
N ASN J 80 -29.30 26.50 -32.40
CA ASN J 80 -29.97 26.15 -33.65
C ASN J 80 -31.43 25.77 -33.43
N GLU J 81 -32.10 26.51 -32.55
CA GLU J 81 -33.48 26.20 -32.19
C GLU J 81 -34.31 27.46 -31.98
N ALA J 82 -35.41 27.59 -32.73
CA ALA J 82 -36.31 28.72 -32.57
C ALA J 82 -36.88 28.73 -31.16
N ALA J 83 -36.94 29.92 -30.55
CA ALA J 83 -37.33 30.03 -29.15
C ALA J 83 -38.66 30.75 -28.95
N PHE J 84 -39.35 30.38 -27.87
CA PHE J 84 -40.62 31.02 -27.52
C PHE J 84 -40.40 32.38 -26.87
N LEU J 85 -41.25 33.33 -27.23
CA LEU J 85 -41.30 34.62 -26.56
C LEU J 85 -42.49 34.62 -25.61
N SER J 86 -42.56 35.62 -24.75
CA SER J 86 -43.61 35.66 -23.73
C SER J 86 -44.94 36.19 -24.26
N MET J 87 -44.89 36.90 -25.38
CA MET J 87 -46.06 37.59 -25.91
C MET J 87 -47.09 36.67 -26.57
N THR J 88 -48.37 36.92 -26.30
CA THR J 88 -49.47 36.15 -26.88
C THR J 88 -50.65 37.06 -27.21
N ASP J 89 -51.48 36.63 -28.16
CA ASP J 89 -52.74 37.31 -28.45
C ASP J 89 -53.92 36.43 -28.05
N SER J 90 -53.75 35.75 -26.92
CA SER J 90 -54.75 34.80 -26.42
C SER J 90 -56.05 35.49 -26.03
N LYS J 91 -55.93 36.64 -25.36
CA LYS J 91 -57.09 37.40 -24.93
C LYS J 91 -57.86 37.98 -26.11
N THR J 92 -57.25 38.94 -26.81
CA THR J 92 -57.84 39.50 -28.02
C THR J 92 -57.03 39.07 -29.24
N GLU J 93 -57.62 38.21 -30.07
CA GLU J 93 -56.94 37.72 -31.26
C GLU J 93 -56.51 38.87 -32.18
N GLY J 94 -55.25 38.85 -32.59
CA GLY J 94 -54.69 39.90 -33.43
C GLY J 94 -53.92 40.93 -32.63
N LYS J 95 -54.23 41.05 -31.34
CA LYS J 95 -53.55 41.99 -30.45
C LYS J 95 -52.60 41.25 -29.50
N PHE J 96 -51.31 41.27 -29.80
CA PHE J 96 -50.34 40.58 -28.95
C PHE J 96 -49.91 41.45 -27.78
N THR J 97 -49.81 40.83 -26.61
CA THR J 97 -49.49 41.54 -25.38
C THR J 97 -48.40 40.84 -24.57
N TYR J 98 -47.69 41.60 -23.75
CA TYR J 98 -46.73 41.06 -22.81
C TYR J 98 -47.51 40.40 -21.67
N PRO J 99 -46.83 39.58 -20.84
CA PRO J 99 -47.50 38.97 -19.67
C PRO J 99 -48.17 40.00 -18.75
N THR J 100 -47.71 41.24 -18.79
CA THR J 100 -48.30 42.32 -18.00
C THR J 100 -49.61 42.81 -18.60
N GLY J 101 -49.85 42.46 -19.87
CA GLY J 101 -51.09 42.81 -20.54
C GLY J 101 -50.98 44.00 -21.49
N GLU J 102 -49.89 44.75 -21.40
CA GLU J 102 -49.71 45.92 -22.26
C GLU J 102 -49.31 45.53 -23.68
N SER J 103 -49.60 46.41 -24.63
CA SER J 103 -49.31 46.14 -26.04
C SER J 103 -47.82 46.23 -26.36
N LEU J 104 -47.44 45.66 -27.50
CA LEU J 104 -46.05 45.63 -27.94
C LEU J 104 -45.46 47.02 -28.19
N VAL J 105 -44.28 47.27 -27.61
CA VAL J 105 -43.55 48.51 -27.86
C VAL J 105 -42.45 48.26 -28.89
N TYR J 106 -42.32 47.00 -29.30
CA TYR J 106 -41.34 46.62 -30.32
C TYR J 106 -41.75 45.31 -30.98
N SER J 107 -41.51 45.22 -32.29
CA SER J 107 -41.81 44.00 -33.03
C SER J 107 -40.81 43.80 -34.17
N ASN J 108 -40.59 42.54 -34.53
CA ASN J 108 -39.68 42.19 -35.62
C ASN J 108 -40.26 41.04 -36.44
N TRP J 109 -41.49 41.21 -36.91
CA TRP J 109 -42.19 40.14 -37.62
C TRP J 109 -41.51 39.72 -38.92
N ALA J 110 -41.51 38.41 -39.17
CA ALA J 110 -41.04 37.85 -40.44
C ALA J 110 -42.05 38.22 -41.54
N PRO J 111 -41.63 38.12 -42.82
CA PRO J 111 -42.55 38.41 -43.91
C PRO J 111 -43.84 37.59 -43.86
N GLY J 112 -44.98 38.27 -43.91
CA GLY J 112 -46.27 37.62 -43.93
C GLY J 112 -46.84 37.35 -42.55
N GLU J 113 -46.06 37.67 -41.52
CA GLU J 113 -46.47 37.42 -40.13
C GLU J 113 -46.83 38.73 -39.41
N PRO J 114 -47.73 38.65 -38.41
CA PRO J 114 -48.45 37.46 -37.96
C PRO J 114 -49.65 37.15 -38.86
N ASN J 115 -49.92 35.86 -39.06
CA ASN J 115 -50.99 35.44 -39.97
C ASN J 115 -52.09 34.61 -39.31
N ASP J 116 -51.85 34.18 -38.07
CA ASP J 116 -52.77 33.31 -37.33
C ASP J 116 -53.18 32.10 -38.16
N ALA J 117 -52.19 31.40 -38.70
CA ALA J 117 -52.42 30.26 -39.58
C ALA J 117 -53.30 29.19 -38.95
N GLY J 118 -54.36 28.81 -39.66
CA GLY J 118 -55.31 27.84 -39.15
C GLY J 118 -56.20 28.40 -38.05
N GLY J 119 -56.11 29.72 -37.83
CA GLY J 119 -56.88 30.38 -36.80
C GLY J 119 -56.52 29.92 -35.40
N SER J 120 -55.31 29.38 -35.24
CA SER J 120 -54.89 28.81 -33.98
C SER J 120 -53.40 29.01 -33.74
N GLU J 121 -52.93 30.23 -33.99
CA GLU J 121 -51.55 30.61 -33.68
C GLU J 121 -51.57 31.83 -32.77
N ASP J 122 -51.34 31.59 -31.48
CA ASP J 122 -51.45 32.64 -30.48
C ASP J 122 -50.14 32.96 -29.77
N CYS J 123 -49.10 32.18 -30.03
CA CYS J 123 -47.80 32.42 -29.41
C CYS J 123 -46.80 32.93 -30.44
N VAL J 124 -45.66 33.44 -29.97
CA VAL J 124 -44.65 34.00 -30.86
C VAL J 124 -43.32 33.28 -30.69
N GLU J 125 -42.66 32.97 -31.81
CA GLU J 125 -41.34 32.37 -31.77
C GLU J 125 -40.35 33.28 -32.48
N ILE J 126 -39.08 33.16 -32.12
CA ILE J 126 -38.02 33.93 -32.77
C ILE J 126 -37.01 33.01 -33.45
N PHE J 127 -36.76 33.28 -34.72
CA PHE J 127 -35.88 32.43 -35.53
C PHE J 127 -34.42 32.83 -35.35
N THR J 128 -33.53 32.11 -36.02
CA THR J 128 -32.10 32.38 -35.96
C THR J 128 -31.76 33.71 -36.62
N ASN J 129 -32.67 34.23 -37.43
CA ASN J 129 -32.49 35.53 -38.07
C ASN J 129 -33.11 36.68 -37.27
N GLY J 130 -33.68 36.34 -36.10
CA GLY J 130 -34.21 37.33 -35.20
C GLY J 130 -35.64 37.73 -35.51
N LYS J 131 -36.16 37.21 -36.62
CA LYS J 131 -37.52 37.52 -37.05
C LYS J 131 -38.57 36.78 -36.21
N TRP J 132 -39.76 37.37 -36.10
CA TRP J 132 -40.82 36.79 -35.29
C TRP J 132 -41.83 36.05 -36.15
N ASN J 133 -42.52 35.08 -35.55
CA ASN J 133 -43.59 34.36 -36.22
C ASN J 133 -44.60 33.86 -35.21
N ASP J 134 -45.88 34.16 -35.46
CA ASP J 134 -46.92 33.62 -34.61
C ASP J 134 -47.10 32.13 -34.89
N VAL J 135 -47.00 31.33 -33.83
CA VAL J 135 -47.00 29.87 -33.97
C VAL J 135 -47.90 29.24 -32.92
N ALA J 136 -48.39 28.03 -33.20
CA ALA J 136 -49.23 27.30 -32.25
C ALA J 136 -48.51 27.07 -30.93
N CYS J 137 -49.21 27.33 -29.83
CA CYS J 137 -48.60 27.25 -28.49
C CYS J 137 -48.27 25.82 -28.06
N GLY J 138 -48.82 24.84 -28.76
CA GLY J 138 -48.59 23.44 -28.42
C GLY J 138 -47.26 22.93 -28.93
N GLU J 139 -46.63 23.70 -29.82
CA GLU J 139 -45.37 23.33 -30.42
C GLU J 139 -44.23 23.41 -29.39
N LYS J 140 -43.21 22.58 -29.57
CA LYS J 140 -42.05 22.61 -28.70
C LYS J 140 -40.98 23.56 -29.25
N ARG J 141 -40.69 24.61 -28.51
CA ARG J 141 -39.65 25.56 -28.90
C ARG J 141 -38.66 25.76 -27.76
N LEU J 142 -37.53 26.39 -28.07
CA LEU J 142 -36.48 26.61 -27.08
C LEU J 142 -36.96 27.49 -25.92
N VAL J 143 -36.65 27.04 -24.70
CA VAL J 143 -37.03 27.76 -23.49
C VAL J 143 -35.98 28.81 -23.15
N VAL J 144 -36.33 30.08 -23.29
CA VAL J 144 -35.41 31.15 -22.90
C VAL J 144 -36.08 32.13 -21.95
N CYS J 145 -35.51 32.27 -20.74
CA CYS J 145 -36.10 33.14 -19.73
C CYS J 145 -35.38 34.48 -19.64
N GLU J 146 -36.02 35.44 -19.00
CA GLU J 146 -35.39 36.74 -18.72
C GLU J 146 -35.45 37.07 -17.23
N PHE J 147 -34.37 37.63 -16.71
CA PHE J 147 -34.26 37.95 -15.29
C PHE J 147 -33.80 39.38 -15.08
N ALA K 5 -23.91 48.28 11.16
CA ALA K 5 -25.00 47.63 10.45
C ALA K 5 -24.56 47.19 9.05
N LEU K 6 -23.78 48.04 8.40
CA LEU K 6 -23.23 47.72 7.09
C LEU K 6 -22.25 46.56 7.18
N GLN K 7 -21.42 46.59 8.21
CA GLN K 7 -20.41 45.56 8.43
C GLN K 7 -21.05 44.17 8.48
N GLY K 8 -22.26 44.09 9.04
CA GLY K 8 -23.01 42.86 9.06
C GLY K 8 -23.58 42.46 7.71
N GLN K 9 -24.00 43.45 6.93
CA GLN K 9 -24.56 43.19 5.61
C GLN K 9 -23.52 42.70 4.60
N VAL K 10 -22.30 43.22 4.70
CA VAL K 10 -21.22 42.78 3.79
C VAL K 10 -20.70 41.41 4.16
N GLN K 11 -20.72 41.06 5.44
CA GLN K 11 -20.30 39.72 5.85
C GLN K 11 -21.37 38.72 5.43
N HIS K 12 -22.61 39.19 5.38
CA HIS K 12 -23.72 38.37 4.92
C HIS K 12 -23.69 38.21 3.40
N LEU K 13 -23.13 39.20 2.72
CA LEU K 13 -23.11 39.18 1.26
C LEU K 13 -22.02 38.26 0.71
N GLN K 14 -20.82 38.37 1.27
CA GLN K 14 -19.71 37.52 0.87
C GLN K 14 -19.95 36.07 1.27
N ALA K 15 -20.68 35.87 2.36
CA ALA K 15 -21.05 34.53 2.79
C ALA K 15 -21.94 33.89 1.75
N ALA K 16 -22.94 34.64 1.29
CA ALA K 16 -23.87 34.15 0.27
C ALA K 16 -23.17 33.97 -1.07
N PHE K 17 -22.27 34.89 -1.40
CA PHE K 17 -21.52 34.84 -2.66
C PHE K 17 -20.58 33.64 -2.71
N SER K 18 -19.94 33.35 -1.58
CA SER K 18 -19.03 32.21 -1.51
C SER K 18 -19.77 30.91 -1.78
N GLN K 19 -21.03 30.86 -1.37
CA GLN K 19 -21.85 29.68 -1.58
C GLN K 19 -22.22 29.58 -3.05
N TYR K 20 -22.59 30.69 -3.67
CA TYR K 20 -22.95 30.67 -5.09
C TYR K 20 -21.75 30.48 -6.01
N LYS K 21 -20.56 30.85 -5.53
CA LYS K 21 -19.33 30.60 -6.28
C LYS K 21 -19.19 29.10 -6.44
N LYS K 22 -19.40 28.40 -5.33
CA LYS K 22 -19.28 26.96 -5.27
C LYS K 22 -20.33 26.29 -6.16
N VAL K 23 -21.54 26.85 -6.13
CA VAL K 23 -22.64 26.33 -6.93
C VAL K 23 -22.40 26.51 -8.43
N GLU K 24 -21.86 27.66 -8.81
CA GLU K 24 -21.61 27.96 -10.22
C GLU K 24 -20.61 26.98 -10.85
N LEU K 25 -19.52 26.71 -10.15
CA LEU K 25 -18.45 25.90 -10.71
C LEU K 25 -18.82 24.43 -10.87
N PHE K 26 -19.99 24.05 -10.35
CA PHE K 26 -20.44 22.68 -10.48
C PHE K 26 -21.45 22.55 -11.61
N PRO K 27 -21.22 21.61 -12.54
CA PRO K 27 -20.05 20.74 -12.57
C PRO K 27 -19.07 21.10 -13.69
N ASN K 28 -19.27 22.23 -14.34
CA ASN K 28 -18.47 22.58 -15.51
C ASN K 28 -17.43 23.65 -15.27
N GLY K 29 -17.12 23.91 -14.01
CA GLY K 29 -16.16 24.95 -13.66
C GLY K 29 -15.02 24.45 -12.80
N GLN K 30 -13.90 25.15 -12.84
CA GLN K 30 -12.74 24.85 -12.01
C GLN K 30 -12.02 26.13 -11.65
N SER K 31 -11.81 26.35 -10.36
CA SER K 31 -11.08 27.51 -9.90
C SER K 31 -9.70 27.15 -9.35
N VAL K 32 -8.69 27.86 -9.86
CA VAL K 32 -7.32 27.72 -9.37
C VAL K 32 -6.69 29.10 -9.20
N GLY K 33 -6.45 29.48 -7.95
CA GLY K 33 -6.02 30.82 -7.63
C GLY K 33 -7.17 31.79 -7.86
N GLU K 34 -6.89 32.89 -8.56
CA GLU K 34 -7.94 33.86 -8.87
C GLU K 34 -8.45 33.65 -10.28
N LYS K 35 -8.07 32.53 -10.88
CA LYS K 35 -8.50 32.19 -12.24
C LYS K 35 -9.60 31.14 -12.19
N ILE K 36 -10.58 31.29 -13.08
CA ILE K 36 -11.68 30.33 -13.20
C ILE K 36 -11.76 29.77 -14.60
N PHE K 37 -11.66 28.45 -14.72
CA PHE K 37 -11.87 27.79 -16.00
C PHE K 37 -13.32 27.32 -16.10
N LYS K 38 -13.96 27.57 -17.23
CA LYS K 38 -15.30 27.04 -17.47
C LYS K 38 -15.43 26.53 -18.90
N THR K 39 -15.95 25.31 -19.04
CA THR K 39 -16.15 24.72 -20.35
C THR K 39 -17.59 24.85 -20.84
N ALA K 40 -17.75 24.96 -22.15
CA ALA K 40 -19.08 25.09 -22.75
C ALA K 40 -19.72 23.72 -22.93
N GLY K 41 -18.88 22.68 -22.93
CA GLY K 41 -19.37 21.32 -23.05
C GLY K 41 -19.34 20.79 -24.47
N PHE K 42 -19.16 21.68 -25.45
CA PHE K 42 -19.12 21.28 -26.86
C PHE K 42 -17.79 21.62 -27.53
N VAL K 43 -17.61 21.12 -28.75
CA VAL K 43 -16.39 21.36 -29.51
C VAL K 43 -16.59 22.34 -30.67
N LYS K 44 -15.58 23.18 -30.89
CA LYS K 44 -15.61 24.16 -31.98
C LYS K 44 -14.18 24.34 -32.51
N PRO K 45 -14.05 24.80 -33.75
CA PRO K 45 -12.73 25.19 -34.27
C PRO K 45 -12.13 26.33 -33.44
N PHE K 46 -10.82 26.57 -33.58
CA PHE K 46 -10.15 27.57 -32.77
C PHE K 46 -10.75 28.97 -32.90
N THR K 47 -10.97 29.41 -34.14
CA THR K 47 -11.48 30.74 -34.39
C THR K 47 -12.82 31.00 -33.71
N GLU K 48 -13.72 30.00 -33.78
CA GLU K 48 -14.99 30.07 -33.07
C GLU K 48 -14.85 30.00 -31.57
N ALA K 49 -13.97 29.11 -31.11
CA ALA K 49 -13.71 28.96 -29.69
C ALA K 49 -13.13 30.25 -29.12
N GLN K 50 -12.15 30.81 -29.82
CA GLN K 50 -11.52 32.06 -29.41
C GLN K 50 -12.55 33.19 -29.39
N LEU K 51 -13.47 33.14 -30.35
CA LEU K 51 -14.52 34.13 -30.45
C LEU K 51 -15.47 34.05 -29.25
N LEU K 52 -16.02 32.86 -29.03
CA LEU K 52 -17.00 32.64 -27.96
C LEU K 52 -16.51 33.07 -26.59
N CYS K 53 -15.23 32.81 -26.32
CA CYS K 53 -14.65 33.17 -25.03
C CYS K 53 -14.49 34.67 -24.88
N THR K 54 -14.08 35.34 -25.97
CA THR K 54 -13.86 36.77 -25.94
C THR K 54 -15.16 37.57 -25.83
N GLN K 55 -16.20 37.10 -26.52
CA GLN K 55 -17.53 37.73 -26.40
C GLN K 55 -18.12 37.46 -25.03
N ALA K 56 -17.64 36.41 -24.38
CA ALA K 56 -18.13 36.05 -23.05
C ALA K 56 -17.44 36.91 -22.00
N GLY K 57 -16.43 37.67 -22.42
CA GLY K 57 -15.74 38.59 -21.54
C GLY K 57 -14.40 38.08 -21.03
N GLY K 58 -13.96 36.94 -21.54
CA GLY K 58 -12.70 36.34 -21.14
C GLY K 58 -11.83 35.98 -22.32
N GLN K 59 -11.10 34.87 -22.19
CA GLN K 59 -10.26 34.37 -23.27
C GLN K 59 -10.17 32.86 -23.16
N LEU K 60 -9.56 32.22 -24.16
CA LEU K 60 -9.40 30.77 -24.14
C LEU K 60 -8.51 30.33 -22.98
N ALA K 61 -8.64 29.07 -22.58
CA ALA K 61 -7.91 28.52 -21.44
C ALA K 61 -6.41 28.74 -21.60
N SER K 62 -5.82 29.42 -20.61
CA SER K 62 -4.40 29.77 -20.66
C SER K 62 -3.66 29.33 -19.40
N PRO K 63 -3.35 28.04 -19.29
CA PRO K 63 -2.63 27.52 -18.12
C PRO K 63 -1.20 28.05 -18.04
N ARG K 64 -0.88 28.69 -16.92
CA ARG K 64 0.43 29.30 -16.74
C ARG K 64 1.25 28.63 -15.64
N SER K 65 0.72 27.55 -15.07
CA SER K 65 1.43 26.81 -14.03
C SER K 65 0.94 25.36 -14.00
N ALA K 66 1.68 24.52 -13.29
CA ALA K 66 1.31 23.11 -13.16
C ALA K 66 -0.03 22.98 -12.46
N ALA K 67 -0.28 23.88 -11.51
CA ALA K 67 -1.53 23.90 -10.77
C ALA K 67 -2.72 24.20 -11.67
N GLU K 68 -2.58 25.24 -12.49
CA GLU K 68 -3.63 25.66 -13.41
C GLU K 68 -3.87 24.62 -14.49
N ASN K 69 -2.79 24.00 -14.97
CA ASN K 69 -2.90 22.98 -16.00
C ASN K 69 -3.60 21.73 -15.49
N ALA K 70 -3.38 21.41 -14.22
CA ALA K 70 -3.99 20.24 -13.61
C ALA K 70 -5.50 20.43 -13.43
N ALA K 71 -5.90 21.64 -13.06
CA ALA K 71 -7.31 21.97 -12.89
C ALA K 71 -8.06 21.93 -14.21
N LEU K 72 -7.47 22.53 -15.23
CA LEU K 72 -8.03 22.53 -16.58
C LEU K 72 -8.15 21.10 -17.10
N GLN K 73 -7.18 20.27 -16.74
CA GLN K 73 -7.16 18.88 -17.14
C GLN K 73 -8.42 18.16 -16.66
N GLN K 74 -8.89 18.51 -15.47
CA GLN K 74 -10.06 17.86 -14.89
C GLN K 74 -11.34 18.12 -15.69
N LEU K 75 -11.45 19.31 -16.27
CA LEU K 75 -12.58 19.63 -17.12
C LEU K 75 -12.54 18.81 -18.40
N VAL K 76 -11.33 18.59 -18.90
CA VAL K 76 -11.11 17.78 -20.09
C VAL K 76 -11.45 16.31 -19.84
N VAL K 77 -11.02 15.80 -18.69
CA VAL K 77 -11.30 14.41 -18.31
C VAL K 77 -12.81 14.18 -18.15
N ALA K 78 -13.48 15.15 -17.55
CA ALA K 78 -14.91 15.05 -17.31
C ALA K 78 -15.71 15.00 -18.61
N LYS K 79 -15.22 15.69 -19.63
CA LYS K 79 -15.91 15.75 -20.92
C LYS K 79 -15.31 14.76 -21.92
N ASN K 80 -14.17 14.17 -21.55
CA ASN K 80 -13.46 13.23 -22.40
C ASN K 80 -13.21 13.78 -23.80
N GLU K 81 -12.81 15.03 -23.85
CA GLU K 81 -12.55 15.73 -25.11
C GLU K 81 -11.37 16.68 -24.94
N ALA K 82 -10.36 16.53 -25.80
CA ALA K 82 -9.20 17.42 -25.77
C ALA K 82 -9.63 18.86 -26.05
N ALA K 83 -9.06 19.80 -25.30
CA ALA K 83 -9.50 21.19 -25.35
C ALA K 83 -8.46 22.15 -25.92
N PHE K 84 -8.94 23.22 -26.55
CA PHE K 84 -8.06 24.24 -27.13
C PHE K 84 -7.50 25.18 -26.07
N LEU K 85 -6.24 25.55 -26.23
CA LEU K 85 -5.64 26.59 -25.42
C LEU K 85 -5.57 27.88 -26.25
N SER K 86 -5.27 28.99 -25.59
CA SER K 86 -5.25 30.29 -26.25
C SER K 86 -3.98 30.55 -27.03
N MET K 87 -2.92 29.83 -26.70
CA MET K 87 -1.59 30.09 -27.27
C MET K 87 -1.44 29.62 -28.71
N THR K 88 -0.79 30.45 -29.53
CA THR K 88 -0.51 30.13 -30.93
C THR K 88 0.86 30.61 -31.34
N ASP K 89 1.43 29.98 -32.37
CA ASP K 89 2.67 30.46 -32.96
C ASP K 89 2.41 31.00 -34.37
N SER K 90 1.28 31.70 -34.50
CA SER K 90 0.83 32.23 -35.78
C SER K 90 1.78 33.30 -36.31
N LYS K 91 2.23 34.19 -35.42
CA LYS K 91 3.17 35.25 -35.79
C LYS K 91 4.54 34.69 -36.17
N THR K 92 5.25 34.16 -35.16
CA THR K 92 6.54 33.54 -35.38
C THR K 92 6.47 32.04 -35.16
N GLU K 93 6.58 31.28 -36.23
CA GLU K 93 6.50 29.82 -36.17
C GLU K 93 7.54 29.24 -35.22
N GLY K 94 7.09 28.35 -34.33
CA GLY K 94 7.96 27.72 -33.37
C GLY K 94 7.92 28.42 -32.02
N LYS K 95 7.56 29.70 -32.04
CA LYS K 95 7.49 30.49 -30.83
C LYS K 95 6.03 30.75 -30.44
N PHE K 96 5.53 29.98 -29.48
CA PHE K 96 4.14 30.09 -29.04
C PHE K 96 3.97 31.21 -28.03
N THR K 97 2.91 31.98 -28.18
CA THR K 97 2.67 33.14 -27.31
C THR K 97 1.24 33.22 -26.78
N TYR K 98 1.09 33.87 -25.63
CA TYR K 98 -0.22 34.19 -25.08
C TYR K 98 -0.80 35.37 -25.85
N PRO K 99 -2.11 35.65 -25.70
CA PRO K 99 -2.72 36.81 -26.36
C PRO K 99 -2.00 38.13 -26.10
N THR K 100 -1.26 38.24 -25.01
CA THR K 100 -0.50 39.45 -24.69
C THR K 100 0.78 39.54 -25.51
N GLY K 101 1.18 38.41 -26.11
CA GLY K 101 2.35 38.38 -26.97
C GLY K 101 3.61 37.79 -26.36
N GLU K 102 3.63 37.64 -25.05
CA GLU K 102 4.82 37.11 -24.36
C GLU K 102 4.93 35.60 -24.56
N SER K 103 6.15 35.09 -24.46
CA SER K 103 6.41 33.67 -24.66
C SER K 103 5.89 32.83 -23.50
N LEU K 104 5.77 31.53 -23.73
CA LEU K 104 5.25 30.61 -22.71
C LEU K 104 6.11 30.62 -21.45
N VAL K 105 5.45 30.78 -20.31
CA VAL K 105 6.12 30.71 -19.01
C VAL K 105 5.93 29.32 -18.41
N TYR K 106 5.13 28.51 -19.09
CA TYR K 106 4.87 27.14 -18.68
C TYR K 106 4.43 26.31 -19.88
N SER K 107 4.90 25.07 -19.94
CA SER K 107 4.49 24.16 -21.00
C SER K 107 4.46 22.73 -20.49
N ASN K 108 3.63 21.90 -21.10
CA ASN K 108 3.52 20.49 -20.74
C ASN K 108 3.40 19.66 -22.00
N TRP K 109 4.34 19.84 -22.92
CA TRP K 109 4.30 19.19 -24.22
C TRP K 109 4.39 17.66 -24.10
N ALA K 110 3.62 16.98 -24.95
CA ALA K 110 3.71 15.53 -25.08
C ALA K 110 5.03 15.18 -25.75
N PRO K 111 5.47 13.92 -25.64
CA PRO K 111 6.71 13.50 -26.31
C PRO K 111 6.69 13.77 -27.82
N GLY K 112 7.71 14.47 -28.31
CA GLY K 112 7.83 14.74 -29.73
C GLY K 112 7.14 16.02 -30.17
N GLU K 113 6.45 16.66 -29.23
CA GLU K 113 5.71 17.88 -29.50
C GLU K 113 6.43 19.08 -28.88
N PRO K 114 6.28 20.28 -29.49
CA PRO K 114 5.53 20.56 -30.72
C PRO K 114 6.31 20.18 -31.97
N ASN K 115 5.62 19.69 -32.99
CA ASN K 115 6.27 19.20 -34.20
C ASN K 115 5.89 19.95 -35.48
N ASP K 116 4.86 20.78 -35.39
CA ASP K 116 4.33 21.51 -36.54
C ASP K 116 4.06 20.57 -37.70
N ALA K 117 3.33 19.49 -37.43
CA ALA K 117 3.04 18.45 -38.41
C ALA K 117 2.39 18.99 -39.68
N GLY K 118 2.98 18.66 -40.82
CA GLY K 118 2.50 19.14 -42.09
C GLY K 118 2.79 20.62 -42.31
N GLY K 119 3.58 21.19 -41.41
CA GLY K 119 3.92 22.60 -41.49
C GLY K 119 2.72 23.50 -41.30
N SER K 120 1.69 22.99 -40.65
CA SER K 120 0.44 23.72 -40.49
C SER K 120 -0.24 23.42 -39.16
N GLU K 121 0.53 23.43 -38.08
CA GLU K 121 -0.02 23.30 -36.74
C GLU K 121 0.37 24.50 -35.89
N ASP K 122 -0.57 25.42 -35.73
CA ASP K 122 -0.29 26.68 -35.05
C ASP K 122 -1.10 26.87 -33.76
N CYS K 123 -2.01 25.95 -33.46
CA CYS K 123 -2.80 26.01 -32.25
C CYS K 123 -2.39 24.91 -31.28
N VAL K 124 -2.85 25.01 -30.03
CA VAL K 124 -2.48 24.02 -29.01
C VAL K 124 -3.71 23.35 -28.39
N GLU K 125 -3.63 22.04 -28.21
CA GLU K 125 -4.67 21.29 -27.52
C GLU K 125 -4.12 20.62 -26.27
N ILE K 126 -4.99 20.35 -25.30
CA ILE K 126 -4.61 19.63 -24.09
C ILE K 126 -5.40 18.32 -23.96
N PHE K 127 -4.68 17.23 -23.74
CA PHE K 127 -5.29 15.90 -23.68
C PHE K 127 -5.83 15.59 -22.29
N THR K 128 -6.43 14.42 -22.14
CA THR K 128 -6.97 13.98 -20.86
C THR K 128 -5.87 13.69 -19.83
N ASN K 129 -4.64 13.50 -20.31
CA ASN K 129 -3.50 13.28 -19.42
C ASN K 129 -2.74 14.56 -19.08
N GLY K 130 -3.24 15.69 -19.59
CA GLY K 130 -2.68 16.99 -19.29
C GLY K 130 -1.55 17.41 -20.22
N LYS K 131 -1.12 16.49 -21.09
CA LYS K 131 -0.04 16.79 -22.02
C LYS K 131 -0.51 17.70 -23.17
N TRP K 132 0.41 18.50 -23.70
CA TRP K 132 0.08 19.43 -24.78
C TRP K 132 0.46 18.89 -26.15
N ASN K 133 -0.22 19.38 -27.16
CA ASN K 133 0.10 19.04 -28.54
C ASN K 133 -0.28 20.17 -29.48
N ASP K 134 0.65 20.57 -30.33
CA ASP K 134 0.35 21.56 -31.35
C ASP K 134 -0.49 20.90 -32.46
N VAL K 135 -1.64 21.50 -32.75
CA VAL K 135 -2.59 20.92 -33.68
C VAL K 135 -3.12 21.98 -34.64
N ALA K 136 -3.59 21.55 -35.82
CA ALA K 136 -4.18 22.46 -36.79
C ALA K 136 -5.38 23.19 -36.21
N CYS K 137 -5.44 24.51 -36.42
CA CYS K 137 -6.45 25.36 -35.80
C CYS K 137 -7.87 25.10 -36.32
N GLY K 138 -7.99 24.41 -37.44
CA GLY K 138 -9.27 24.13 -38.04
C GLY K 138 -9.99 22.98 -37.36
N GLU K 139 -9.26 22.25 -36.53
CA GLU K 139 -9.82 21.08 -35.85
C GLU K 139 -10.83 21.48 -34.78
N LYS K 140 -11.79 20.59 -34.53
CA LYS K 140 -12.79 20.82 -33.50
C LYS K 140 -12.33 20.25 -32.16
N ARG K 141 -12.12 21.12 -31.19
CA ARG K 141 -11.72 20.69 -29.86
C ARG K 141 -12.61 21.34 -28.80
N LEU K 142 -12.54 20.83 -27.57
CA LEU K 142 -13.38 21.31 -26.48
C LEU K 142 -13.16 22.80 -26.19
N VAL K 143 -14.26 23.53 -26.03
CA VAL K 143 -14.19 24.95 -25.74
C VAL K 143 -14.11 25.19 -24.24
N VAL K 144 -12.95 25.65 -23.77
CA VAL K 144 -12.79 25.99 -22.36
C VAL K 144 -12.24 27.41 -22.20
N CYS K 145 -13.00 28.27 -21.52
CA CYS K 145 -12.59 29.66 -21.33
C CYS K 145 -12.02 29.87 -19.93
N GLU K 146 -11.33 31.00 -19.74
CA GLU K 146 -10.87 31.39 -18.41
C GLU K 146 -11.34 32.79 -18.05
N PHE K 147 -11.74 32.98 -16.80
CA PHE K 147 -12.26 34.28 -16.34
C PHE K 147 -11.57 34.74 -15.06
N ALA L 5 -23.05 56.67 1.58
CA ALA L 5 -22.59 56.57 0.19
C ALA L 5 -22.14 55.15 -0.14
N LEU L 6 -21.40 54.54 0.79
CA LEU L 6 -20.97 53.16 0.64
C LEU L 6 -22.17 52.22 0.70
N GLN L 7 -23.10 52.50 1.63
CA GLN L 7 -24.30 51.71 1.78
C GLN L 7 -25.13 51.68 0.49
N GLY L 8 -25.04 52.76 -0.30
CA GLY L 8 -25.67 52.78 -1.60
C GLY L 8 -24.99 51.84 -2.58
N GLN L 9 -23.68 51.69 -2.44
CA GLN L 9 -22.91 50.77 -3.28
C GLN L 9 -23.27 49.32 -2.94
N VAL L 10 -23.50 49.07 -1.65
CA VAL L 10 -23.90 47.73 -1.21
C VAL L 10 -25.36 47.46 -1.55
N GLN L 11 -26.18 48.51 -1.55
CA GLN L 11 -27.60 48.36 -1.85
C GLN L 11 -27.79 47.99 -3.32
N HIS L 12 -26.86 48.44 -4.16
CA HIS L 12 -26.86 48.07 -5.57
C HIS L 12 -26.30 46.66 -5.76
N LEU L 13 -25.44 46.23 -4.84
CA LEU L 13 -24.76 44.95 -4.96
C LEU L 13 -25.68 43.78 -4.62
N GLN L 14 -26.44 43.90 -3.54
CA GLN L 14 -27.41 42.87 -3.19
C GLN L 14 -28.50 42.79 -4.25
N ALA L 15 -28.77 43.92 -4.89
CA ALA L 15 -29.75 43.98 -5.97
C ALA L 15 -29.28 43.15 -7.16
N ALA L 16 -28.03 43.36 -7.57
CA ALA L 16 -27.44 42.64 -8.69
C ALA L 16 -27.26 41.17 -8.35
N PHE L 17 -26.86 40.90 -7.12
CA PHE L 17 -26.65 39.53 -6.66
C PHE L 17 -27.94 38.74 -6.61
N SER L 18 -29.02 39.41 -6.19
CA SER L 18 -30.33 38.78 -6.11
C SER L 18 -30.82 38.33 -7.48
N GLN L 19 -30.45 39.09 -8.50
CA GLN L 19 -30.81 38.76 -9.87
C GLN L 19 -29.99 37.56 -10.35
N TYR L 20 -28.69 37.57 -10.05
CA TYR L 20 -27.83 36.47 -10.44
C TYR L 20 -28.06 35.18 -9.66
N LYS L 21 -28.62 35.30 -8.47
CA LYS L 21 -29.03 34.12 -7.72
C LYS L 21 -30.09 33.40 -8.51
N LYS L 22 -31.04 34.17 -9.03
CA LYS L 22 -32.16 33.64 -9.79
C LYS L 22 -31.70 33.01 -11.11
N VAL L 23 -30.74 33.67 -11.76
CA VAL L 23 -30.21 33.18 -13.04
C VAL L 23 -29.45 31.86 -12.88
N GLU L 24 -28.69 31.73 -11.80
CA GLU L 24 -27.91 30.53 -11.52
C GLU L 24 -28.75 29.27 -11.35
N LEU L 25 -29.82 29.37 -10.58
CA LEU L 25 -30.64 28.22 -10.23
C LEU L 25 -31.47 27.69 -11.40
N PHE L 26 -31.46 28.42 -12.51
CA PHE L 26 -32.19 27.98 -13.69
C PHE L 26 -31.23 27.33 -14.69
N PRO L 27 -31.56 26.11 -15.13
CA PRO L 27 -32.73 25.35 -14.68
C PRO L 27 -32.36 24.17 -13.79
N ASN L 28 -31.10 24.09 -13.36
CA ASN L 28 -30.62 22.91 -12.64
C ASN L 28 -30.45 23.12 -11.14
N GLY L 29 -31.06 24.18 -10.61
CA GLY L 29 -30.92 24.50 -9.20
C GLY L 29 -32.22 24.64 -8.44
N GLN L 30 -32.15 24.48 -7.12
CA GLN L 30 -33.28 24.64 -6.23
C GLN L 30 -32.80 25.18 -4.89
N SER L 31 -33.37 26.28 -4.43
CA SER L 31 -33.01 26.83 -3.13
C SER L 31 -34.14 26.65 -2.12
N VAL L 32 -33.82 26.04 -0.98
CA VAL L 32 -34.77 25.89 0.11
C VAL L 32 -34.10 26.22 1.43
N GLY L 33 -34.52 27.34 2.02
CA GLY L 33 -33.84 27.87 3.18
C GLY L 33 -32.49 28.38 2.73
N GLU L 34 -31.45 28.02 3.47
CA GLU L 34 -30.10 28.46 3.12
C GLU L 34 -29.33 27.36 2.40
N LYS L 35 -30.06 26.31 2.00
CA LYS L 35 -29.47 25.19 1.29
C LYS L 35 -29.81 25.26 -0.19
N ILE L 36 -28.84 24.92 -1.03
CA ILE L 36 -29.03 24.91 -2.47
C ILE L 36 -28.73 23.53 -3.03
N PHE L 37 -29.72 22.94 -3.69
CA PHE L 37 -29.52 21.69 -4.41
C PHE L 37 -29.19 22.00 -5.85
N LYS L 38 -28.15 21.37 -6.39
CA LYS L 38 -27.85 21.50 -7.80
C LYS L 38 -27.48 20.15 -8.40
N THR L 39 -28.09 19.84 -9.53
CA THR L 39 -27.81 18.59 -10.23
C THR L 39 -26.83 18.81 -11.36
N ALA L 40 -26.04 17.78 -11.64
CA ALA L 40 -25.05 17.84 -12.70
C ALA L 40 -25.70 17.48 -14.03
N GLY L 41 -26.85 16.83 -13.96
CA GLY L 41 -27.59 16.43 -15.15
C GLY L 41 -27.29 15.01 -15.59
N PHE L 42 -26.23 14.43 -15.05
CA PHE L 42 -25.83 13.07 -15.43
C PHE L 42 -25.87 12.10 -14.26
N VAL L 43 -25.74 10.82 -14.57
CA VAL L 43 -25.76 9.78 -13.54
C VAL L 43 -24.39 9.17 -13.30
N LYS L 44 -24.10 8.87 -12.04
CA LYS L 44 -22.84 8.25 -11.65
C LYS L 44 -23.10 7.31 -10.48
N PRO L 45 -22.22 6.32 -10.27
CA PRO L 45 -22.26 5.48 -9.07
C PRO L 45 -22.06 6.34 -7.81
N PHE L 46 -22.38 5.78 -6.64
CA PHE L 46 -22.34 6.55 -5.40
C PHE L 46 -20.97 7.20 -5.14
N THR L 47 -19.92 6.41 -5.22
CA THR L 47 -18.57 6.90 -4.91
C THR L 47 -18.14 8.07 -5.81
N GLU L 48 -18.44 7.99 -7.09
CA GLU L 48 -18.18 9.10 -8.02
C GLU L 48 -19.04 10.30 -7.74
N ALA L 49 -20.31 10.07 -7.45
CA ALA L 49 -21.23 11.16 -7.11
C ALA L 49 -20.75 11.85 -5.84
N GLN L 50 -20.43 11.04 -4.84
CA GLN L 50 -19.94 11.56 -3.56
C GLN L 50 -18.63 12.31 -3.75
N LEU L 51 -17.82 11.79 -4.66
CA LEU L 51 -16.54 12.42 -4.96
C LEU L 51 -16.74 13.79 -5.59
N LEU L 52 -17.51 13.84 -6.67
CA LEU L 52 -17.76 15.07 -7.42
C LEU L 52 -18.29 16.20 -6.55
N CYS L 53 -19.18 15.87 -5.63
CA CYS L 53 -19.78 16.87 -4.75
C CYS L 53 -18.79 17.43 -3.74
N THR L 54 -17.96 16.55 -3.18
CA THR L 54 -17.02 16.96 -2.14
C THR L 54 -15.90 17.84 -2.70
N GLN L 55 -15.42 17.51 -3.90
CA GLN L 55 -14.42 18.34 -4.57
C GLN L 55 -15.04 19.65 -5.01
N ALA L 56 -16.36 19.66 -5.16
CA ALA L 56 -17.08 20.83 -5.61
C ALA L 56 -17.29 21.81 -4.46
N GLY L 57 -16.97 21.36 -3.25
CA GLY L 57 -17.07 22.22 -2.08
C GLY L 57 -18.32 21.97 -1.26
N GLY L 58 -19.08 20.95 -1.63
CA GLY L 58 -20.29 20.60 -0.92
C GLY L 58 -20.34 19.12 -0.59
N GLN L 59 -21.54 18.55 -0.63
CA GLN L 59 -21.73 17.13 -0.39
C GLN L 59 -22.98 16.68 -1.15
N LEU L 60 -23.23 15.37 -1.17
CA LEU L 60 -24.41 14.84 -1.83
C LEU L 60 -25.69 15.35 -1.18
N ALA L 61 -26.79 15.33 -1.92
CA ALA L 61 -28.07 15.84 -1.44
C ALA L 61 -28.47 15.21 -0.12
N SER L 62 -28.68 16.03 0.89
CA SER L 62 -29.03 15.55 2.22
C SER L 62 -30.29 16.22 2.76
N PRO L 63 -31.47 15.80 2.27
CA PRO L 63 -32.72 16.40 2.75
C PRO L 63 -33.00 16.07 4.22
N ARG L 64 -33.16 17.12 5.03
CA ARG L 64 -33.36 16.98 6.46
C ARG L 64 -34.76 17.40 6.92
N SER L 65 -35.61 17.74 5.95
CA SER L 65 -36.98 18.14 6.26
C SER L 65 -37.87 17.89 5.05
N ALA L 66 -39.18 17.93 5.25
CA ALA L 66 -40.12 17.74 4.16
C ALA L 66 -39.97 18.84 3.12
N ALA L 67 -39.65 20.04 3.58
CA ALA L 67 -39.47 21.20 2.69
C ALA L 67 -38.27 21.00 1.77
N GLU L 68 -37.16 20.55 2.33
CA GLU L 68 -35.95 20.28 1.54
C GLU L 68 -36.13 19.13 0.57
N ASN L 69 -36.86 18.11 1.01
CA ASN L 69 -37.10 16.94 0.18
C ASN L 69 -37.94 17.28 -1.05
N ALA L 70 -38.90 18.18 -0.87
CA ALA L 70 -39.77 18.60 -1.96
C ALA L 70 -39.00 19.39 -3.00
N ALA L 71 -38.08 20.21 -2.54
CA ALA L 71 -37.23 21.00 -3.43
C ALA L 71 -36.30 20.10 -4.24
N LEU L 72 -35.68 19.15 -3.56
CA LEU L 72 -34.80 18.19 -4.21
C LEU L 72 -35.58 17.34 -5.22
N GLN L 73 -36.81 17.02 -4.87
CA GLN L 73 -37.69 16.20 -5.70
C GLN L 73 -37.92 16.83 -7.07
N GLN L 74 -38.02 18.14 -7.11
CA GLN L 74 -38.29 18.85 -8.36
C GLN L 74 -37.17 18.71 -9.38
N LEU L 75 -35.93 18.66 -8.90
CA LEU L 75 -34.78 18.45 -9.78
C LEU L 75 -34.83 17.05 -10.37
N VAL L 76 -35.29 16.11 -9.57
CA VAL L 76 -35.45 14.73 -10.01
C VAL L 76 -36.52 14.62 -11.08
N VAL L 77 -37.64 15.31 -10.88
CA VAL L 77 -38.74 15.30 -11.84
C VAL L 77 -38.32 15.91 -13.17
N ALA L 78 -37.59 17.02 -13.11
CA ALA L 78 -37.13 17.72 -14.31
C ALA L 78 -36.19 16.86 -15.15
N LYS L 79 -35.42 16.01 -14.48
CA LYS L 79 -34.44 15.16 -15.16
C LYS L 79 -34.96 13.73 -15.37
N ASN L 80 -36.10 13.42 -14.76
CA ASN L 80 -36.70 12.08 -14.84
C ASN L 80 -35.74 10.97 -14.47
N GLU L 81 -34.94 11.20 -13.42
CA GLU L 81 -33.94 10.25 -12.99
C GLU L 81 -33.80 10.24 -11.47
N ALA L 82 -33.92 9.06 -10.87
CA ALA L 82 -33.76 8.91 -9.42
C ALA L 82 -32.38 9.37 -8.97
N ALA L 83 -32.32 10.10 -7.86
CA ALA L 83 -31.07 10.73 -7.43
C ALA L 83 -30.51 10.14 -6.14
N PHE L 84 -29.19 10.16 -6.01
CA PHE L 84 -28.51 9.68 -4.81
C PHE L 84 -28.55 10.68 -3.67
N LEU L 85 -28.74 10.17 -2.46
CA LEU L 85 -28.61 10.97 -1.25
C LEU L 85 -27.27 10.66 -0.59
N SER L 86 -26.89 11.47 0.39
CA SER L 86 -25.59 11.32 1.04
C SER L 86 -25.60 10.26 2.14
N MET L 87 -26.79 9.92 2.63
CA MET L 87 -26.93 9.00 3.76
C MET L 87 -26.68 7.54 3.40
N THR L 88 -25.97 6.83 4.29
CA THR L 88 -25.68 5.41 4.11
C THR L 88 -25.77 4.66 5.43
N ASP L 89 -26.02 3.35 5.37
CA ASP L 89 -25.97 2.53 6.59
C ASP L 89 -24.77 1.56 6.54
N SER L 90 -23.65 2.06 6.02
CA SER L 90 -22.46 1.24 5.83
C SER L 90 -21.82 0.80 7.14
N LYS L 91 -21.72 1.70 8.11
CA LYS L 91 -21.12 1.38 9.40
C LYS L 91 -21.97 0.34 10.14
N THR L 92 -23.15 0.76 10.57
CA THR L 92 -24.08 -0.14 11.22
C THR L 92 -25.28 -0.41 10.31
N GLU L 93 -25.37 -1.63 9.80
CA GLU L 93 -26.47 -2.01 8.91
C GLU L 93 -27.83 -1.77 9.56
N GLY L 94 -28.72 -1.14 8.81
CA GLY L 94 -30.05 -0.81 9.30
C GLY L 94 -30.12 0.60 9.83
N LYS L 95 -28.98 1.15 10.21
CA LYS L 95 -28.92 2.50 10.73
C LYS L 95 -28.32 3.48 9.72
N PHE L 96 -29.18 4.24 9.07
CA PHE L 96 -28.71 5.20 8.07
C PHE L 96 -28.29 6.50 8.75
N THR L 97 -27.15 7.04 8.34
CA THR L 97 -26.60 8.23 8.97
C THR L 97 -26.12 9.25 7.96
N TYR L 98 -26.09 10.51 8.38
CA TYR L 98 -25.52 11.59 7.59
C TYR L 98 -23.99 11.50 7.66
N PRO L 99 -23.29 12.25 6.78
CA PRO L 99 -21.82 12.28 6.84
C PRO L 99 -21.26 12.65 8.21
N THR L 100 -22.05 13.34 9.01
CA THR L 100 -21.63 13.72 10.35
C THR L 100 -21.72 12.54 11.30
N GLY L 101 -22.44 11.51 10.88
CA GLY L 101 -22.54 10.29 11.66
C GLY L 101 -23.83 10.16 12.43
N GLU L 102 -24.56 11.26 12.53
CA GLU L 102 -25.82 11.29 13.28
C GLU L 102 -26.95 10.61 12.51
N SER L 103 -27.93 10.11 13.26
CA SER L 103 -29.04 9.37 12.67
C SER L 103 -30.00 10.29 11.93
N LEU L 104 -30.85 9.69 11.10
CA LEU L 104 -31.83 10.45 10.32
C LEU L 104 -32.79 11.21 11.21
N VAL L 105 -32.95 12.50 10.92
CA VAL L 105 -33.93 13.34 11.60
C VAL L 105 -35.19 13.49 10.76
N TYR L 106 -35.14 12.92 9.55
CA TYR L 106 -36.26 12.93 8.61
C TYR L 106 -36.11 11.78 7.62
N SER L 107 -37.23 11.16 7.27
CA SER L 107 -37.22 10.09 6.28
C SER L 107 -38.51 10.05 5.47
N ASN L 108 -38.42 9.57 4.24
CA ASN L 108 -39.56 9.47 3.35
C ASN L 108 -39.51 8.17 2.55
N TRP L 109 -39.36 7.06 3.26
CA TRP L 109 -39.20 5.76 2.63
C TRP L 109 -40.41 5.34 1.81
N ALA L 110 -40.16 4.69 0.67
CA ALA L 110 -41.21 4.09 -0.13
C ALA L 110 -41.76 2.89 0.63
N PRO L 111 -42.97 2.43 0.27
CA PRO L 111 -43.54 1.24 0.94
C PRO L 111 -42.63 0.03 0.88
N GLY L 112 -42.33 -0.54 2.04
CA GLY L 112 -41.51 -1.73 2.14
C GLY L 112 -40.03 -1.44 2.27
N GLU L 113 -39.67 -0.17 2.20
CA GLU L 113 -38.28 0.25 2.28
C GLU L 113 -37.99 0.90 3.63
N PRO L 114 -36.73 0.80 4.12
CA PRO L 114 -35.61 0.08 3.51
C PRO L 114 -35.67 -1.42 3.74
N ASN L 115 -35.25 -2.20 2.76
CA ASN L 115 -35.33 -3.65 2.84
C ASN L 115 -34.00 -4.37 2.79
N ASP L 116 -32.93 -3.63 2.45
CA ASP L 116 -31.60 -4.19 2.29
C ASP L 116 -31.62 -5.41 1.37
N ALA L 117 -32.23 -5.23 0.20
CA ALA L 117 -32.43 -6.32 -0.76
C ALA L 117 -31.13 -7.02 -1.15
N GLY L 118 -31.13 -8.34 -1.03
CA GLY L 118 -29.95 -9.14 -1.32
C GLY L 118 -28.87 -9.00 -0.26
N GLY L 119 -29.22 -8.35 0.86
CA GLY L 119 -28.30 -8.10 1.94
C GLY L 119 -27.16 -7.18 1.52
N SER L 120 -27.42 -6.36 0.50
CA SER L 120 -26.38 -5.50 -0.07
C SER L 120 -26.92 -4.16 -0.59
N GLU L 121 -27.76 -3.50 0.18
CA GLU L 121 -28.23 -2.17 -0.17
C GLU L 121 -27.92 -1.16 0.94
N ASP L 122 -26.89 -0.37 0.73
CA ASP L 122 -26.40 0.55 1.75
C ASP L 122 -26.50 2.04 1.40
N CYS L 123 -26.94 2.35 0.18
CA CYS L 123 -27.13 3.74 -0.23
C CYS L 123 -28.61 4.05 -0.40
N VAL L 124 -28.94 5.34 -0.52
CA VAL L 124 -30.33 5.76 -0.63
C VAL L 124 -30.59 6.56 -1.90
N GLU L 125 -31.72 6.26 -2.55
CA GLU L 125 -32.13 7.04 -3.72
C GLU L 125 -33.50 7.68 -3.48
N ILE L 126 -33.76 8.76 -4.19
CA ILE L 126 -35.06 9.42 -4.15
C ILE L 126 -35.71 9.41 -5.53
N PHE L 127 -36.97 8.96 -5.57
CA PHE L 127 -37.69 8.84 -6.83
C PHE L 127 -38.32 10.17 -7.23
N THR L 128 -38.98 10.18 -8.38
CA THR L 128 -39.65 11.38 -8.86
C THR L 128 -40.85 11.76 -7.97
N ASN L 129 -41.33 10.80 -7.18
CA ASN L 129 -42.43 11.08 -6.26
C ASN L 129 -41.94 11.46 -4.86
N GLY L 130 -40.62 11.58 -4.72
CA GLY L 130 -40.04 12.03 -3.47
C GLY L 130 -39.81 10.91 -2.47
N LYS L 131 -40.28 9.71 -2.80
CA LYS L 131 -40.11 8.56 -1.92
C LYS L 131 -38.67 8.05 -1.95
N TRP L 132 -38.24 7.47 -0.84
CA TRP L 132 -36.87 6.96 -0.73
C TRP L 132 -36.79 5.46 -0.92
N ASN L 133 -35.62 4.98 -1.33
CA ASN L 133 -35.38 3.56 -1.46
C ASN L 133 -33.90 3.25 -1.24
N ASP L 134 -33.62 2.29 -0.37
CA ASP L 134 -32.24 1.84 -0.19
C ASP L 134 -31.83 0.97 -1.37
N VAL L 135 -30.73 1.35 -2.00
CA VAL L 135 -30.29 0.70 -3.23
C VAL L 135 -28.78 0.44 -3.18
N ALA L 136 -28.32 -0.54 -3.95
CA ALA L 136 -26.90 -0.85 -4.03
C ALA L 136 -26.09 0.35 -4.52
N CYS L 137 -24.98 0.63 -3.83
CA CYS L 137 -24.18 1.82 -4.10
C CYS L 137 -23.47 1.77 -5.44
N GLY L 138 -23.43 0.60 -6.06
CA GLY L 138 -22.78 0.43 -7.35
C GLY L 138 -23.63 0.91 -8.50
N GLU L 139 -24.91 1.15 -8.21
CA GLU L 139 -25.87 1.58 -9.22
C GLU L 139 -25.64 3.01 -9.69
N LYS L 140 -26.00 3.30 -10.92
CA LYS L 140 -25.88 4.63 -11.49
C LYS L 140 -27.14 5.45 -11.26
N ARG L 141 -27.03 6.52 -10.47
CA ARG L 141 -28.16 7.39 -10.19
C ARG L 141 -27.80 8.86 -10.41
N LEU L 142 -28.81 9.73 -10.45
CA LEU L 142 -28.60 11.14 -10.69
C LEU L 142 -27.73 11.79 -9.62
N VAL L 143 -26.76 12.58 -10.06
CA VAL L 143 -25.85 13.27 -9.15
C VAL L 143 -26.42 14.62 -8.74
N VAL L 144 -26.84 14.74 -7.47
CA VAL L 144 -27.32 16.01 -6.97
C VAL L 144 -26.57 16.42 -5.70
N CYS L 145 -25.92 17.57 -5.75
CA CYS L 145 -25.13 18.06 -4.62
C CYS L 145 -25.90 19.10 -3.85
N GLU L 146 -25.46 19.39 -2.63
CA GLU L 146 -26.03 20.49 -1.86
C GLU L 146 -24.94 21.46 -1.40
N PHE L 147 -25.27 22.75 -1.44
CA PHE L 147 -24.31 23.78 -1.09
C PHE L 147 -24.89 24.77 -0.07
C1 MAN M . 3.13 33.74 22.19
C2 MAN M . 3.96 33.36 23.41
C3 MAN M . 4.41 34.62 24.12
C4 MAN M . 5.17 35.51 23.14
C5 MAN M . 4.32 35.76 21.90
C6 MAN M . 5.09 36.56 20.87
O1 MAN M . 1.99 34.47 22.60
O2 MAN M . 5.07 32.57 22.99
O3 MAN M . 5.19 34.34 25.26
O4 MAN M . 5.49 36.74 23.76
O5 MAN M . 3.93 34.53 21.33
O6 MAN M . 4.20 36.98 19.85
C1 MAN M . 4.64 31.22 22.72
C2 MAN M . 5.67 30.23 23.24
C3 MAN M . 6.96 30.35 22.43
C4 MAN M . 6.67 30.24 20.94
C5 MAN M . 5.56 31.22 20.55
C6 MAN M . 5.20 31.10 19.07
O2 MAN M . 5.14 28.92 23.17
O3 MAN M . 7.90 29.37 22.80
O4 MAN M . 7.85 30.53 20.21
O5 MAN M . 4.42 30.97 21.34
O6 MAN M . 4.04 30.30 18.94
C1 MAN M . 5.35 28.24 24.42
C2 MAN M . 5.12 26.74 24.24
C3 MAN M . 3.64 26.43 24.02
C4 MAN M . 2.80 27.08 25.12
C5 MAN M . 3.16 28.55 25.28
C6 MAN M . 2.42 29.16 26.47
O2 MAN M . 5.56 26.04 25.37
O3 MAN M . 3.47 25.04 24.04
O4 MAN M . 1.42 26.95 24.82
O5 MAN M . 4.54 28.71 25.48
O6 MAN M . 2.99 28.67 27.67
C1 MAN N . -24.12 -7.84 29.28
C2 MAN N . -22.79 -7.12 29.45
C3 MAN N . -22.61 -6.08 28.35
C4 MAN N . -22.78 -6.75 26.99
C5 MAN N . -24.08 -7.54 26.93
C6 MAN N . -24.20 -8.29 25.61
O1 MAN N . -25.20 -6.93 29.38
O2 MAN N . -21.75 -8.06 29.42
O3 MAN N . -21.33 -5.51 28.45
O4 MAN N . -22.76 -5.77 25.98
O5 MAN N . -24.14 -8.46 28.01
O6 MAN N . -25.46 -8.92 25.52
C1 MAN N . -20.99 -7.96 30.64
C2 MAN N . -19.50 -8.15 30.34
C3 MAN N . -19.22 -9.61 29.94
C4 MAN N . -19.79 -10.55 30.99
C5 MAN N . -21.27 -10.24 31.18
C6 MAN N . -21.92 -11.16 32.20
O2 MAN N . -18.74 -7.77 31.47
O3 MAN N . -17.83 -9.85 29.78
O4 MAN N . -19.61 -11.88 30.56
O5 MAN N . -21.41 -8.90 31.61
O6 MAN N . -21.69 -10.68 33.50
C1 MAN N . -17.63 -6.96 31.04
C2 MAN N . -16.58 -6.92 32.15
C3 MAN N . -17.05 -6.07 33.32
C4 MAN N . -17.44 -4.70 32.78
C5 MAN N . -18.50 -4.84 31.70
C6 MAN N . -18.92 -3.50 31.13
O2 MAN N . -15.37 -6.39 31.65
O3 MAN N . -16.02 -5.94 34.26
O4 MAN N . -17.91 -3.89 33.84
O5 MAN N . -18.01 -5.65 30.64
O6 MAN N . -17.93 -3.04 30.23
C1 MAN O . 1.09 15.63 67.33
C2 MAN O . 1.65 14.30 66.86
C3 MAN O . 2.57 13.70 67.91
C4 MAN O . 3.65 14.71 68.27
C5 MAN O . 2.99 16.02 68.70
C6 MAN O . 4.03 17.07 69.05
O1 MAN O . 0.22 15.48 68.44
O2 MAN O . 2.34 14.53 65.65
O3 MAN O . 3.17 12.49 67.46
O4 MAN O . 4.45 14.19 69.33
O5 MAN O . 2.16 16.50 67.66
O6 MAN O . 4.70 17.48 67.87
C1 MAN O . 2.07 13.53 64.65
C2 MAN O . 2.88 13.84 63.39
C3 MAN O . 2.32 15.07 62.69
C4 MAN O . 0.84 14.83 62.39
C5 MAN O . 0.10 14.49 63.68
C6 MAN O . -1.36 14.18 63.41
O2 MAN O . 2.88 12.75 62.50
O3 MAN O . 3.03 15.30 61.48
O4 MAN O . 0.28 15.99 61.80
O5 MAN O . 0.70 13.37 64.32
O6 MAN O . -1.48 12.88 62.85
C1 MAN P . 0.53 -30.07 16.53
C2 MAN P . 1.14 -29.62 15.20
C3 MAN P . 1.42 -30.84 14.33
C4 MAN P . 2.33 -31.80 15.10
C5 MAN P . 1.69 -32.13 16.45
C6 MAN P . 2.62 -33.05 17.27
O1 MAN P . -0.68 -30.75 16.28
O2 MAN P . 2.34 -28.92 15.48
O3 MAN P . 2.02 -30.44 13.12
O4 MAN P . 2.52 -32.98 14.36
O5 MAN P . 1.44 -30.95 17.18
O6 MAN P . 1.91 -33.54 18.39
C1 MAN P . 2.01 -27.58 15.88
C2 MAN P . 2.80 -26.59 15.02
C3 MAN P . 4.29 -26.76 15.30
C4 MAN P . 4.56 -26.59 16.79
C5 MAN P . 3.67 -27.55 17.58
C6 MAN P . 3.86 -27.36 19.08
O2 MAN P . 2.34 -25.27 15.27
O3 MAN P . 5.07 -25.85 14.56
O4 MAN P . 5.92 -26.83 17.05
O5 MAN P . 2.31 -27.32 17.25
O6 MAN P . 3.21 -26.18 19.49
C1 MAN P . 2.16 -24.59 14.00
C2 MAN P . 2.21 -23.09 14.21
C3 MAN P . 0.98 -22.58 14.94
C4 MAN P . -0.25 -23.03 14.18
C5 MAN P . -0.22 -24.55 13.99
C6 MAN P . -1.43 -24.99 13.16
O2 MAN P . 2.31 -22.42 12.97
O3 MAN P . 1.03 -21.16 15.00
O4 MAN P . -1.43 -22.64 14.84
O5 MAN P . 0.95 -24.94 13.34
O6 MAN P . -1.25 -24.53 11.83
C1 MAN Q . -25.54 12.94 21.14
C2 MAN Q . -24.20 12.21 21.22
C3 MAN Q . -23.91 11.87 22.68
C4 MAN Q . -23.89 13.18 23.47
C5 MAN Q . -25.19 13.95 23.26
C6 MAN Q . -25.12 15.31 23.93
O1 MAN Q . -26.56 12.14 21.67
O2 MAN Q . -23.18 13.05 20.71
O3 MAN Q . -22.68 11.19 22.79
O4 MAN Q . -23.68 12.93 24.84
O5 MAN Q . -25.45 14.14 21.87
O6 MAN Q . -26.17 16.14 23.47
C1 MAN Q . -22.97 12.83 19.30
C2 MAN Q . -21.47 12.92 19.03
C3 MAN Q . -20.98 14.34 19.33
C4 MAN Q . -21.82 15.35 18.57
C5 MAN Q . -23.30 15.11 18.84
C6 MAN Q . -24.19 16.10 18.10
O2 MAN Q . -21.23 12.55 17.68
O3 MAN Q . -19.63 14.51 19.00
O4 MAN Q . -21.44 16.65 18.96
O5 MAN Q . -23.64 13.77 18.50
O6 MAN Q . -23.77 16.20 16.75
C1 MAN Q . -20.06 11.71 17.61
C2 MAN Q . -19.56 11.65 16.16
C3 MAN Q . -20.56 10.91 15.29
C4 MAN Q . -20.80 9.53 15.90
C5 MAN Q . -21.22 9.66 17.36
C6 MAN Q . -21.37 8.29 18.02
O2 MAN Q . -18.30 11.00 16.10
O3 MAN Q . -20.05 10.78 13.99
O4 MAN Q . -21.80 8.87 15.15
O5 MAN Q . -20.25 10.40 18.09
O6 MAN Q . -20.11 7.86 18.48
C1 MAN R . -22.66 -11.72 -24.87
C2 MAN R . -22.26 -10.85 -23.68
C3 MAN R . -23.34 -9.82 -23.37
C4 MAN R . -23.72 -9.06 -24.64
C5 MAN R . -24.06 -10.04 -25.75
C6 MAN R . -24.43 -9.31 -27.03
O1 MAN R . -23.81 -12.48 -24.55
O2 MAN R . -21.04 -10.20 -23.96
O3 MAN R . -22.90 -8.92 -22.40
O4 MAN R . -24.82 -8.21 -24.40
O5 MAN R . -22.96 -10.91 -25.98
O6 MAN R . -25.14 -10.17 -27.89
C1 MAN R . -20.00 -10.71 -23.10
C2 MAN R . -19.03 -9.58 -22.77
C3 MAN R . -18.35 -9.12 -24.06
C4 MAN R . -17.70 -10.30 -24.76
C5 MAN R . -18.73 -11.42 -24.96
C6 MAN R . -18.14 -12.65 -25.61
O2 MAN R . -18.10 -10.01 -21.80
O3 MAN R . -17.39 -8.11 -23.83
O4 MAN R . -17.18 -9.88 -25.99
O5 MAN R . -19.28 -11.77 -23.69
O6 MAN R . -17.50 -13.45 -24.64
C1 MAN R . -17.88 -8.97 -20.83
C2 MAN R . -16.53 -9.16 -20.16
C3 MAN R . -16.53 -10.39 -19.25
C4 MAN R . -17.72 -10.31 -18.29
C5 MAN R . -19.01 -10.06 -19.05
C6 MAN R . -20.18 -9.89 -18.08
O2 MAN R . -16.19 -8.01 -19.42
O3 MAN R . -15.34 -10.42 -18.51
O4 MAN R . -17.79 -11.51 -17.55
O5 MAN R . -18.89 -8.89 -19.84
O6 MAN R . -20.01 -8.70 -17.35
C1 MAN S . 34.33 -20.35 6.25
C2 MAN S . 33.76 -21.11 5.08
C3 MAN S . 34.76 -22.16 4.60
C4 MAN S . 36.10 -21.49 4.30
C5 MAN S . 36.54 -20.63 5.49
C6 MAN S . 37.82 -19.88 5.13
O1 MAN S . 34.59 -21.24 7.32
O2 MAN S . 33.48 -20.20 4.04
O3 MAN S . 34.27 -22.81 3.45
O4 MAN S . 37.07 -22.47 4.03
O5 MAN S . 35.53 -19.72 5.86
O6 MAN S . 38.20 -19.04 6.21
C1 MAN S . 32.08 -20.22 3.72
C2 MAN S . 31.93 -20.26 2.21
C3 MAN S . 32.55 -19.00 1.62
C4 MAN S . 31.90 -17.77 2.26
C5 MAN S . 31.97 -17.88 3.78
C6 MAN S . 31.24 -16.71 4.44
O2 MAN S . 30.55 -20.40 1.88
O3 MAN S . 32.45 -18.94 0.21
O4 MAN S . 32.56 -16.60 1.81
O5 MAN S . 31.40 -19.09 4.21
O6 MAN S . 29.86 -16.98 4.47
C1 MAN S . 30.42 -21.32 0.77
C2 MAN S . 29.12 -21.07 0.03
C3 MAN S . 27.91 -21.53 0.84
C4 MAN S . 28.12 -22.93 1.38
C5 MAN S . 29.48 -23.09 2.04
C6 MAN S . 29.72 -24.55 2.39
O2 MAN S . 29.13 -21.75 -1.20
O3 MAN S . 26.78 -21.53 -0.01
O4 MAN S . 27.10 -23.23 2.30
O5 MAN S . 30.51 -22.68 1.16
O6 MAN S . 29.93 -25.28 1.19
C1 MAN T . -14.35 -35.12 1.88
C2 MAN T . -14.22 -33.66 1.50
C3 MAN T . -15.25 -32.86 2.30
C4 MAN T . -16.64 -33.41 1.98
C5 MAN T . -16.67 -34.91 2.26
C6 MAN T . -18.02 -35.51 1.88
O1 MAN T . -14.16 -35.25 3.28
O2 MAN T . -14.45 -33.46 0.12
O3 MAN T . -15.18 -31.49 2.00
O4 MAN T . -17.60 -32.74 2.74
O5 MAN T . -15.65 -35.57 1.54
O6 MAN T . -18.11 -36.83 2.36
C1 MAN T . -13.61 -34.31 -0.70
C2 MAN T . -12.97 -33.47 -1.80
C3 MAN T . -14.07 -32.85 -2.67
C4 MAN T . -15.00 -33.94 -3.18
C5 MAN T . -15.48 -34.80 -2.01
C6 MAN T . -16.37 -35.95 -2.50
O2 MAN T . -12.11 -34.27 -2.58
O3 MAN T . -13.52 -32.14 -3.76
O4 MAN T . -16.10 -33.34 -3.83
O5 MAN T . -14.35 -35.33 -1.32
O6 MAN T . -15.63 -36.83 -3.30
C1 MAN T . -10.87 -33.57 -2.84
C2 MAN T . -10.21 -34.13 -4.09
C3 MAN T . -9.72 -35.56 -3.85
C4 MAN T . -8.86 -35.60 -2.61
C5 MAN T . -9.56 -34.94 -1.42
C6 MAN T . -8.65 -34.89 -0.21
O2 MAN T . -9.14 -33.32 -4.50
O3 MAN T . -8.96 -35.99 -4.96
O4 MAN T . -8.56 -36.94 -2.30
O5 MAN T . -9.95 -33.63 -1.76
O6 MAN T . -7.56 -34.03 -0.48
C1 MAN U . 28.16 -63.74 -18.30
C2 MAN U . 26.81 -63.06 -18.14
C3 MAN U . 25.75 -64.14 -17.97
C4 MAN U . 25.79 -65.08 -19.18
C5 MAN U . 27.21 -65.58 -19.46
C6 MAN U . 27.28 -66.33 -20.78
O1 MAN U . 28.40 -64.60 -17.21
O2 MAN U . 26.53 -62.31 -19.30
O3 MAN U . 24.47 -63.57 -17.83
O4 MAN U . 24.93 -66.18 -18.96
O5 MAN U . 28.13 -64.50 -19.49
O6 MAN U . 28.62 -66.62 -21.10
C1 MAN U . 27.02 -60.97 -19.18
C2 MAN U . 26.12 -60.04 -19.99
C3 MAN U . 26.27 -60.36 -21.48
C4 MAN U . 27.74 -60.23 -21.87
C5 MAN U . 28.54 -61.17 -20.98
C6 MAN U . 30.03 -61.19 -21.34
O2 MAN U . 26.45 -58.70 -19.70
O3 MAN U . 25.47 -59.54 -22.30
O4 MAN U . 27.90 -60.56 -23.23
O5 MAN U . 28.36 -60.80 -19.62
O6 MAN U . 30.63 -59.96 -21.04
C1 MAN U . 25.27 -57.88 -19.63
C2 MAN U . 25.68 -56.44 -19.86
C3 MAN U . 26.63 -56.01 -18.75
C4 MAN U . 25.94 -56.22 -17.40
C5 MAN U . 25.39 -57.65 -17.27
C6 MAN U . 24.56 -57.80 -16.02
O2 MAN U . 24.53 -55.61 -19.86
O3 MAN U . 26.96 -54.66 -18.91
O4 MAN U . 26.85 -55.97 -16.35
O5 MAN U . 24.59 -57.97 -18.40
O6 MAN U . 23.35 -57.08 -16.17
C1 MAN V . -46.54 27.33 -41.32
C2 MAN V . -46.28 27.88 -39.92
C3 MAN V . -46.83 29.30 -39.79
C4 MAN V . -46.34 30.17 -40.94
C5 MAN V . -46.67 29.49 -42.27
C6 MAN V . -46.20 30.34 -43.45
O1 MAN V . -47.93 27.12 -41.52
O2 MAN V . -44.88 27.85 -39.67
O3 MAN V . -46.46 29.88 -38.56
O4 MAN V . -47.00 31.42 -40.86
O5 MAN V . -46.04 28.22 -42.30
O6 MAN V . -44.78 30.38 -43.48
C1 MAN V . -44.66 27.28 -38.37
C2 MAN V . -43.27 27.65 -37.88
C3 MAN V . -42.18 26.86 -38.60
C4 MAN V . -42.52 25.37 -38.62
C5 MAN V . -43.94 25.15 -39.13
C6 MAN V . -44.31 23.69 -39.07
O2 MAN V . -43.17 27.42 -36.49
O3 MAN V . -40.95 27.04 -37.93
O4 MAN V . -41.60 24.68 -39.43
O5 MAN V . -44.85 25.88 -38.32
O6 MAN V . -44.54 23.32 -37.73
C1 MAN W . 1.36 12.91 -38.56
C2 MAN W . -0.03 12.86 -37.99
C3 MAN W . -1.04 12.91 -39.14
C4 MAN W . -0.79 14.17 -39.96
C5 MAN W . 0.68 14.26 -40.38
C6 MAN W . 0.95 15.60 -41.06
O1 MAN W . 1.56 11.84 -39.47
O2 MAN W . -0.21 13.96 -37.11
O3 MAN W . -2.36 12.89 -38.66
O4 MAN W . -1.59 14.16 -41.12
O5 MAN W . 1.53 14.14 -39.24
O6 MAN W . 2.33 15.68 -41.40
C1 MAN W . -0.91 13.57 -35.90
C2 MAN W . -1.41 14.82 -35.18
C3 MAN W . -0.22 15.64 -34.71
C4 MAN W . 0.67 14.78 -33.84
C5 MAN W . 1.05 13.51 -34.57
C6 MAN W . 1.87 12.56 -33.69
O2 MAN W . -2.25 14.44 -34.10
O3 MAN W . -0.64 16.79 -34.00
O4 MAN W . 1.82 15.52 -33.49
O5 MAN W . -0.11 12.83 -35.01
O6 MAN W . 0.99 11.69 -33.00
C1 MAN W . -3.44 15.26 -34.12
C2 MAN W . -4.06 15.28 -32.73
C3 MAN W . -4.66 13.93 -32.37
C4 MAN W . -5.61 13.48 -33.48
C5 MAN W . -4.90 13.54 -34.84
C6 MAN W . -5.86 13.17 -35.97
O2 MAN W . -5.06 16.28 -32.66
O3 MAN W . -5.38 14.05 -31.17
O4 MAN W . -6.06 12.17 -33.22
O5 MAN W . -4.40 14.83 -35.07
O6 MAN W . -6.72 14.26 -36.21
C1 MAN X . -36.10 -7.07 -6.76
C2 MAN X . -34.86 -6.23 -7.02
C3 MAN X . -33.61 -7.11 -7.03
C4 MAN X . -33.55 -7.89 -5.72
C5 MAN X . -34.85 -8.67 -5.54
C6 MAN X . -34.84 -9.50 -4.26
O1 MAN X . -36.28 -8.00 -7.81
O2 MAN X . -34.75 -5.22 -6.04
O3 MAN X . -32.44 -6.33 -7.20
O4 MAN X . -32.45 -8.77 -5.72
O5 MAN X . -35.94 -7.77 -5.53
O6 MAN X . -35.85 -10.47 -4.31
C1 MAN X . -35.41 -4.02 -6.52
C2 MAN X . -34.64 -2.79 -6.02
C3 MAN X . -34.75 -2.70 -4.51
C4 MAN X . -36.22 -2.70 -4.10
C5 MAN X . -36.91 -3.92 -4.70
C6 MAN X . -38.38 -3.94 -4.34
O2 MAN X . -35.14 -1.64 -6.67
O3 MAN X . -34.10 -1.54 -4.01
O4 MAN X . -36.31 -2.71 -2.69
O5 MAN X . -36.75 -3.93 -6.10
O6 MAN X . -39.07 -2.99 -5.13
C1 MAN X . -34.04 -0.88 -7.21
C2 MAN X . -34.50 0.53 -7.60
C3 MAN X . -35.40 0.50 -8.81
C4 MAN X . -34.67 -0.23 -9.94
C5 MAN X . -34.23 -1.62 -9.47
C6 MAN X . -33.45 -2.32 -10.56
O2 MAN X . -33.39 1.35 -7.85
O3 MAN X . -35.67 1.83 -9.22
O4 MAN X . -35.52 -0.36 -11.06
O5 MAN X . -33.41 -1.49 -8.32
O6 MAN X . -32.23 -1.65 -10.79
CA CA Y . 10.06 29.92 21.36
CA CA Z . 17.48 32.64 24.34
CA CA AA . 18.76 35.05 27.20
CA CA BA . 12.41 0.58 37.75
CA CA CA . -17.61 -12.28 28.88
CA CA DA . -14.74 -14.78 21.32
CA CA EA . -14.93 -13.32 17.67
CA CA FA . 5.16 11.70 68.97
CA CA GA . 5.48 3.85 72.32
CA CA HA . 2.81 1.30 73.23
CA CA IA . 7.69 -26.34 15.10
CA CA JA . 13.42 -29.20 9.52
CA CA KA . 13.36 -31.57 6.51
CA CA LA . -18.98 16.99 19.42
CA CA MA . -13.10 19.36 25.07
CA CA NA . -11.82 18.11 28.52
CA CA OA . -16.31 -7.38 -26.11
CA CA PA . -16.84 0.37 -29.44
CA CA QA . -19.70 3.03 -29.16
CA CA RA . 33.46 -16.59 -0.72
CA CA SA . 40.08 -16.35 -6.22
CA CA TA . 43.29 -18.76 -6.82
CA CA UA . 12.39 -28.66 -24.35
CA CA VA . -15.58 -31.13 -4.90
CA CA WA . -17.21 -22.58 -5.63
CA CA XA . -16.52 -19.63 -3.12
CA CA YA . 25.80 -60.19 -24.95
CA CA ZA . 19.63 -63.20 -30.06
CA CA AB . 16.55 -65.39 -29.47
CA CA BB . -47.55 32.21 -38.37
CA CA CB . -53.47 34.62 -32.80
CA CA DB . -56.46 32.56 -31.21
CA CA EB . 1.50 18.05 -33.22
CA CA FB . 3.32 26.13 -35.74
CA CA GB . 2.64 28.26 -38.94
CA CA HB . -34.51 -1.32 -1.47
CA CA IB . -28.11 -1.63 4.25
CA CA JB . -24.71 -3.38 4.45
#